data_8WCK
#
_entry.id   8WCK
#
_cell.length_a   1.00
_cell.length_b   1.00
_cell.length_c   1.00
_cell.angle_alpha   90.00
_cell.angle_beta   90.00
_cell.angle_gamma   90.00
#
_symmetry.space_group_name_H-M   'P 1'
#
loop_
_entity.id
_entity.type
_entity.pdbx_description
1 polymer 'Chlorophyll a/b-binding protein'
2 non-polymer "(3S,3'S,5R,5'R,6S,6'R,8'R)-3,5'-dihydroxy-8-oxo-6',7'-didehydro-5,5',6,6',7,8-hexahydro-5,6-epoxy-beta,beta-caroten-3'- yl acetate"
3 non-polymer 'CHLOROPHYLL A'
4 non-polymer 'Chlorophyll c2'
5 non-polymer 'Chlorophyll c1'
6 non-polymer DODECYL-BETA-D-MALTOSIDE
#
_entity_poly.entity_id   1
_entity_poly.type   'polypeptide(L)'
_entity_poly.pdbx_seq_one_letter_code
;MKLAVAALLVASAAAFAPAPASKASTSLKVSEIELGVTEPLGVYDPLGWLESEPEAFERRRAVERKHGRVAMAAVVGTIV
HNNHIVFDGYLSPSNNLKFSDIPTGVDGIRAIPTAGLAQILAFFALVELAWMPASKYDGDYGVGYFGTDIKDPEEKARKL
NVELNNGRAAMMGIMGNMVAEVLTGQTMYEQYASGHISPFGDGQGVF
;
_entity_poly.pdbx_strand_id   1,2,3,4
#
loop_
_chem_comp.id
_chem_comp.type
_chem_comp.name
_chem_comp.formula
A86 non-polymer '(3S,3'S,5R,5'R,6S,6'R,8'R)-3,5'-dihydroxy-8-oxo-6',7'-didehydro-5,5',6,6',7,8-hexahydro-5,6-epoxy-beta,beta-caroten-3'- yl acetate' 'C42 H58 O6'
CLA non-polymer 'CHLOROPHYLL A' 'C55 H72 Mg N4 O5'
KC1 non-polymer 'Chlorophyll c1' 'C35 H30 Mg N4 O5'
KC2 non-polymer 'Chlorophyll c2' 'C35 H28 Mg N4 O5'
LMT D-saccharide DODECYL-BETA-D-MALTOSIDE 'C24 H46 O11'
#
# COMPACT_ATOMS: atom_id res chain seq x y z
N SER A 31 19.86 -16.21 20.82
CA SER A 31 18.45 -15.94 21.05
C SER A 31 17.58 -16.83 20.18
N GLU A 32 18.21 -17.66 19.36
CA GLU A 32 17.46 -18.55 18.48
C GLU A 32 16.78 -19.67 19.25
N ILE A 33 17.40 -20.15 20.33
CA ILE A 33 16.82 -21.26 21.07
C ILE A 33 15.59 -20.81 21.84
N GLU A 34 15.43 -19.50 22.04
CA GLU A 34 14.21 -18.98 22.67
C GLU A 34 13.07 -18.81 21.67
N LEU A 35 13.36 -18.84 20.38
CA LEU A 35 12.31 -18.66 19.38
C LEU A 35 11.49 -19.94 19.22
N GLY A 36 10.21 -19.75 18.92
CA GLY A 36 9.30 -20.86 18.82
C GLY A 36 8.73 -21.35 20.13
N VAL A 37 9.17 -20.78 21.25
CA VAL A 37 8.61 -21.09 22.56
C VAL A 37 7.49 -20.10 22.81
N THR A 38 6.25 -20.57 22.70
CA THR A 38 5.09 -19.71 22.79
C THR A 38 4.00 -20.45 23.56
N GLU A 39 3.08 -19.68 24.12
CA GLU A 39 1.94 -20.26 24.81
C GLU A 39 1.07 -21.03 23.82
N PRO A 40 0.34 -22.05 24.28
CA PRO A 40 0.28 -22.52 25.67
C PRO A 40 1.30 -23.62 26.00
N LEU A 41 2.11 -24.01 25.03
CA LEU A 41 2.99 -25.15 25.22
C LEU A 41 4.35 -24.78 25.80
N GLY A 42 4.80 -23.55 25.60
CA GLY A 42 6.12 -23.17 26.08
C GLY A 42 7.18 -23.95 25.33
N VAL A 43 8.22 -24.38 26.04
CA VAL A 43 9.29 -25.18 25.45
C VAL A 43 8.74 -26.59 25.31
N TYR A 44 8.25 -26.93 24.13
CA TYR A 44 7.59 -28.21 23.89
C TYR A 44 8.57 -29.15 23.21
N ASP A 45 9.17 -30.03 24.00
CA ASP A 45 10.10 -31.05 23.49
C ASP A 45 9.67 -32.39 24.06
N PRO A 46 8.60 -32.97 23.51
CA PRO A 46 8.06 -34.21 24.09
C PRO A 46 9.04 -35.37 24.08
N LEU A 47 9.88 -35.48 23.05
CA LEU A 47 10.85 -36.56 22.97
C LEU A 47 12.20 -36.17 23.55
N GLY A 48 12.32 -34.95 24.07
CA GLY A 48 13.51 -34.52 24.76
C GLY A 48 14.77 -34.52 23.93
N TRP A 49 14.75 -33.78 22.82
CA TRP A 49 15.93 -33.67 21.96
C TRP A 49 16.66 -32.35 22.09
N LEU A 50 16.08 -31.36 22.78
CA LEU A 50 16.79 -30.11 23.03
C LEU A 50 18.01 -30.34 23.92
N GLU A 51 17.85 -31.15 24.97
CA GLU A 51 18.94 -31.44 25.87
C GLU A 51 19.73 -32.69 25.47
N SER A 52 19.09 -33.63 24.78
CA SER A 52 19.79 -34.84 24.35
C SER A 52 20.79 -34.52 23.25
N GLU A 53 20.42 -33.67 22.29
CA GLU A 53 21.26 -33.30 21.16
C GLU A 53 21.31 -31.79 21.04
N PRO A 54 22.01 -31.12 21.97
CA PRO A 54 22.03 -29.65 21.93
C PRO A 54 22.71 -29.08 20.70
N GLU A 55 23.63 -29.82 20.08
CA GLU A 55 24.36 -29.30 18.93
C GLU A 55 23.57 -29.40 17.63
N ALA A 56 22.52 -30.21 17.58
CA ALA A 56 21.73 -30.39 16.36
C ALA A 56 20.58 -29.41 16.25
N PHE A 57 20.35 -28.60 17.29
CA PHE A 57 19.20 -27.70 17.28
C PHE A 57 19.31 -26.64 16.20
N GLU A 58 20.52 -26.17 15.89
CA GLU A 58 20.65 -25.13 14.87
C GLU A 58 20.10 -25.61 13.53
N ARG A 59 20.55 -26.77 13.08
CA ARG A 59 20.04 -27.28 11.82
C ARG A 59 18.61 -27.77 11.92
N ARG A 60 18.18 -28.28 13.07
CA ARG A 60 16.79 -28.68 13.19
C ARG A 60 15.85 -27.48 13.09
N ARG A 61 16.23 -26.36 13.70
CA ARG A 61 15.43 -25.15 13.56
C ARG A 61 15.51 -24.59 12.15
N ALA A 62 16.66 -24.73 11.49
CA ALA A 62 16.76 -24.33 10.09
C ALA A 62 15.80 -25.13 9.24
N VAL A 63 15.74 -26.45 9.47
CA VAL A 63 14.82 -27.32 8.74
C VAL A 63 13.38 -26.96 9.05
N GLU A 64 13.07 -26.70 10.32
CA GLU A 64 11.71 -26.35 10.70
C GLU A 64 11.28 -25.05 10.03
N ARG A 65 12.16 -24.05 10.02
CA ARG A 65 11.82 -22.77 9.39
C ARG A 65 11.68 -22.91 7.88
N LYS A 66 12.55 -23.69 7.24
CA LYS A 66 12.45 -23.93 5.81
C LYS A 66 11.13 -24.61 5.47
N HIS A 67 10.77 -25.65 6.23
CA HIS A 67 9.51 -26.33 5.99
C HIS A 67 8.33 -25.41 6.25
N GLY A 68 8.43 -24.56 7.26
CA GLY A 68 7.35 -23.63 7.53
C GLY A 68 7.13 -22.67 6.39
N ARG A 69 8.20 -22.10 5.86
CA ARG A 69 8.06 -21.18 4.73
C ARG A 69 7.51 -21.88 3.50
N VAL A 70 8.03 -23.08 3.20
CA VAL A 70 7.57 -23.82 2.04
C VAL A 70 6.10 -24.18 2.19
N ALA A 71 5.69 -24.62 3.38
CA ALA A 71 4.32 -25.03 3.61
C ALA A 71 3.36 -23.84 3.60
N MET A 72 3.81 -22.68 4.10
CA MET A 72 2.98 -21.49 4.01
C MET A 72 2.73 -21.11 2.56
N ALA A 73 3.79 -21.13 1.75
CA ALA A 73 3.62 -20.86 0.32
C ALA A 73 2.70 -21.89 -0.33
N ALA A 74 2.84 -23.16 0.04
CA ALA A 74 2.01 -24.21 -0.53
C ALA A 74 0.54 -24.05 -0.15
N VAL A 75 0.26 -23.67 1.10
CA VAL A 75 -1.11 -23.50 1.54
C VAL A 75 -1.75 -22.32 0.82
N VAL A 76 -1.01 -21.21 0.69
CA VAL A 76 -1.53 -20.09 -0.09
C VAL A 76 -1.79 -20.51 -1.53
N GLY A 77 -0.89 -21.33 -2.08
CA GLY A 77 -1.08 -21.80 -3.43
C GLY A 77 -2.33 -22.63 -3.60
N THR A 78 -2.58 -23.54 -2.67
CA THR A 78 -3.78 -24.36 -2.74
C THR A 78 -5.04 -23.51 -2.63
N ILE A 79 -5.02 -22.52 -1.73
CA ILE A 79 -6.18 -21.64 -1.57
C ILE A 79 -6.41 -20.86 -2.86
N VAL A 80 -5.34 -20.38 -3.50
CA VAL A 80 -5.49 -19.68 -4.76
C VAL A 80 -6.03 -20.61 -5.84
N HIS A 81 -5.51 -21.84 -5.91
CA HIS A 81 -5.92 -22.77 -6.95
C HIS A 81 -7.41 -23.06 -6.85
N ASN A 82 -7.87 -23.46 -5.67
CA ASN A 82 -9.26 -23.87 -5.53
C ASN A 82 -10.23 -22.71 -5.60
N ASN A 83 -9.74 -21.48 -5.57
CA ASN A 83 -10.54 -20.32 -5.91
C ASN A 83 -10.57 -20.04 -7.40
N HIS A 84 -9.89 -20.87 -8.20
CA HIS A 84 -9.85 -20.74 -9.65
C HIS A 84 -9.31 -19.37 -10.07
N ILE A 85 -8.36 -18.85 -9.29
CA ILE A 85 -7.63 -17.65 -9.67
C ILE A 85 -6.46 -18.14 -10.52
N VAL A 86 -6.69 -18.24 -11.81
CA VAL A 86 -5.70 -18.78 -12.74
C VAL A 86 -5.32 -17.71 -13.75
N PHE A 87 -4.13 -17.88 -14.33
CA PHE A 87 -3.69 -17.02 -15.41
C PHE A 87 -4.49 -17.29 -16.67
N ASP A 88 -4.65 -16.26 -17.49
CA ASP A 88 -5.36 -16.38 -18.75
C ASP A 88 -4.35 -16.59 -19.86
N GLY A 89 -4.46 -17.71 -20.56
CA GLY A 89 -3.57 -18.03 -21.64
C GLY A 89 -3.18 -19.48 -21.60
N TYR A 90 -2.04 -19.78 -22.20
CA TYR A 90 -1.53 -21.15 -22.32
C TYR A 90 -0.26 -21.27 -21.50
N LEU A 91 -0.22 -22.26 -20.60
CA LEU A 91 1.02 -22.58 -19.92
C LEU A 91 2.07 -23.11 -20.89
N SER A 92 1.64 -23.98 -21.80
CA SER A 92 2.54 -24.58 -22.80
C SER A 92 1.81 -24.66 -24.12
N PRO A 93 1.92 -23.61 -24.96
CA PRO A 93 1.21 -23.63 -26.24
C PRO A 93 1.59 -24.80 -27.13
N SER A 94 2.85 -25.25 -27.06
CA SER A 94 3.24 -26.41 -27.85
C SER A 94 2.48 -27.66 -27.43
N ASN A 95 2.25 -27.81 -26.12
CA ASN A 95 1.45 -28.90 -25.60
C ASN A 95 -0.05 -28.63 -25.64
N ASN A 96 -0.44 -27.45 -26.10
CA ASN A 96 -1.85 -27.04 -26.13
C ASN A 96 -2.46 -27.15 -24.73
N LEU A 97 -1.72 -26.69 -23.74
CA LEU A 97 -2.07 -26.83 -22.33
C LEU A 97 -2.34 -25.45 -21.76
N LYS A 98 -3.61 -25.15 -21.49
CA LYS A 98 -3.96 -23.87 -20.90
C LYS A 98 -3.71 -23.91 -19.40
N PHE A 99 -3.66 -22.72 -18.80
CA PHE A 99 -3.53 -22.64 -17.34
C PHE A 99 -4.74 -23.25 -16.66
N SER A 100 -5.94 -23.01 -17.20
CA SER A 100 -7.15 -23.55 -16.59
C SER A 100 -7.24 -25.06 -16.72
N ASP A 101 -6.47 -25.66 -17.61
CA ASP A 101 -6.46 -27.12 -17.73
C ASP A 101 -5.71 -27.79 -16.59
N ILE A 102 -4.85 -27.07 -15.89
CA ILE A 102 -4.07 -27.67 -14.80
C ILE A 102 -4.99 -27.94 -13.62
N PRO A 103 -5.06 -29.17 -13.12
CA PRO A 103 -5.93 -29.44 -11.97
C PRO A 103 -5.49 -28.66 -10.74
N THR A 104 -6.46 -28.30 -9.92
CA THR A 104 -6.21 -27.50 -8.73
C THR A 104 -5.79 -28.33 -7.53
N GLY A 105 -5.80 -29.65 -7.63
CA GLY A 105 -5.44 -30.53 -6.55
C GLY A 105 -3.98 -30.92 -6.57
N VAL A 106 -3.69 -32.11 -6.03
CA VAL A 106 -2.31 -32.59 -5.97
C VAL A 106 -1.74 -32.97 -7.32
N ASP A 107 -2.57 -33.08 -8.35
CA ASP A 107 -2.11 -33.44 -9.68
C ASP A 107 -1.66 -32.23 -10.49
N GLY A 108 -1.78 -31.02 -9.93
CA GLY A 108 -1.42 -29.84 -10.69
C GLY A 108 0.04 -29.81 -11.09
N ILE A 109 0.93 -30.11 -10.14
CA ILE A 109 2.35 -30.12 -10.44
C ILE A 109 2.69 -31.28 -11.38
N ARG A 110 1.92 -32.36 -11.35
CA ARG A 110 2.17 -33.47 -12.25
C ARG A 110 1.74 -33.15 -13.67
N ALA A 111 0.75 -32.26 -13.81
CA ALA A 111 0.25 -31.89 -15.13
C ALA A 111 1.20 -30.97 -15.90
N ILE A 112 2.13 -30.31 -15.22
CA ILE A 112 3.03 -29.37 -15.89
C ILE A 112 3.95 -30.13 -16.83
N PRO A 113 4.25 -29.60 -18.02
CA PRO A 113 5.17 -30.30 -18.92
C PRO A 113 6.56 -30.42 -18.32
N THR A 114 7.28 -31.46 -18.76
CA THR A 114 8.58 -31.77 -18.18
C THR A 114 9.56 -30.62 -18.35
N ALA A 115 9.50 -29.92 -19.48
CA ALA A 115 10.37 -28.77 -19.69
C ALA A 115 10.06 -27.66 -18.67
N GLY A 116 8.78 -27.46 -18.36
CA GLY A 116 8.42 -26.48 -17.36
C GLY A 116 8.93 -26.85 -15.97
N LEU A 117 8.81 -28.13 -15.61
CA LEU A 117 9.37 -28.59 -14.34
C LEU A 117 10.87 -28.40 -14.31
N ALA A 118 11.54 -28.64 -15.44
CA ALA A 118 12.98 -28.41 -15.51
C ALA A 118 13.32 -26.94 -15.29
N GLN A 119 12.53 -26.04 -15.87
CA GLN A 119 12.78 -24.61 -15.67
C GLN A 119 12.57 -24.22 -14.22
N ILE A 120 11.51 -24.72 -13.59
CA ILE A 120 11.25 -24.42 -12.18
C ILE A 120 12.41 -24.94 -11.33
N LEU A 121 12.85 -26.16 -11.59
CA LEU A 121 13.95 -26.74 -10.83
C LEU A 121 15.24 -25.96 -11.02
N ALA A 122 15.54 -25.51 -12.24
CA ALA A 122 16.75 -24.72 -12.45
C ALA A 122 16.68 -23.40 -11.71
N PHE A 123 15.54 -22.71 -11.78
CA PHE A 123 15.41 -21.43 -11.09
C PHE A 123 15.58 -21.60 -9.59
N PHE A 124 14.97 -22.64 -9.02
CA PHE A 124 15.10 -22.82 -7.59
C PHE A 124 16.44 -23.41 -7.18
N ALA A 125 17.13 -24.10 -8.07
CA ALA A 125 18.52 -24.43 -7.80
C ALA A 125 19.35 -23.16 -7.68
N LEU A 126 19.16 -22.23 -8.61
CA LEU A 126 19.86 -20.94 -8.50
C LEU A 126 19.53 -20.26 -7.19
N VAL A 127 18.25 -20.20 -6.83
CA VAL A 127 17.86 -19.56 -5.57
C VAL A 127 18.53 -20.26 -4.39
N GLU A 128 18.22 -21.54 -4.18
CA GLU A 128 18.65 -22.33 -3.03
C GLU A 128 20.15 -22.53 -2.93
N LEU A 129 20.90 -22.29 -4.00
CA LEU A 129 22.34 -22.43 -3.92
C LEU A 129 23.10 -21.11 -3.93
N ALA A 130 22.53 -20.04 -4.49
CA ALA A 130 23.22 -18.78 -4.60
C ALA A 130 22.52 -17.65 -3.87
N TRP A 131 21.23 -17.43 -4.15
CA TRP A 131 20.62 -16.18 -3.70
C TRP A 131 20.17 -16.27 -2.25
N MET A 132 19.48 -17.33 -1.88
CA MET A 132 19.10 -17.62 -0.50
C MET A 132 19.52 -19.05 -0.21
N PRO A 133 20.81 -19.27 0.05
CA PRO A 133 21.31 -20.64 0.22
C PRO A 133 20.62 -21.36 1.36
N ALA A 134 20.30 -22.64 1.13
CA ALA A 134 19.70 -23.43 2.19
C ALA A 134 20.71 -23.77 3.28
N SER A 135 22.01 -23.70 2.98
CA SER A 135 23.03 -23.99 3.98
C SER A 135 23.17 -22.90 5.02
N LYS A 136 22.52 -21.75 4.83
CA LYS A 136 22.54 -20.67 5.81
C LYS A 136 21.46 -20.97 6.85
N TYR A 137 21.88 -21.57 7.96
CA TYR A 137 20.92 -22.14 8.91
C TYR A 137 20.15 -21.10 9.69
N ASP A 138 20.68 -19.89 9.86
CA ASP A 138 19.93 -18.87 10.56
C ASP A 138 18.74 -18.38 9.74
N GLY A 139 18.71 -18.69 8.44
CA GLY A 139 17.61 -18.28 7.60
C GLY A 139 17.51 -16.80 7.33
N ASP A 140 18.55 -16.04 7.67
CA ASP A 140 18.56 -14.59 7.52
C ASP A 140 19.31 -14.26 6.23
N TYR A 141 18.56 -13.91 5.18
CA TYR A 141 19.14 -13.63 3.88
C TYR A 141 19.19 -12.15 3.58
N GLY A 142 19.02 -11.29 4.59
CA GLY A 142 19.16 -9.87 4.43
C GLY A 142 17.92 -9.15 3.96
N VAL A 143 16.84 -9.88 3.64
CA VAL A 143 15.62 -9.21 3.19
C VAL A 143 14.80 -8.67 4.35
N GLY A 144 15.02 -9.17 5.56
CA GLY A 144 14.29 -8.68 6.70
C GLY A 144 12.81 -9.00 6.59
N TYR A 145 12.03 -8.33 7.43
CA TYR A 145 10.58 -8.46 7.42
C TYR A 145 10.02 -7.30 6.62
N PHE A 146 9.57 -7.60 5.41
CA PHE A 146 9.09 -6.58 4.49
C PHE A 146 10.15 -5.51 4.25
N GLY A 147 11.40 -5.95 4.12
CA GLY A 147 12.49 -5.09 3.76
C GLY A 147 13.28 -4.52 4.93
N THR A 148 12.62 -4.29 6.06
CA THR A 148 13.22 -3.56 7.16
C THR A 148 13.57 -4.51 8.31
N ASP A 149 14.72 -4.29 8.92
CA ASP A 149 15.08 -5.02 10.13
C ASP A 149 14.25 -4.53 11.30
N ILE A 150 13.84 -5.45 12.16
CA ILE A 150 13.02 -5.13 13.32
C ILE A 150 13.95 -4.76 14.47
N LYS A 151 13.99 -3.48 14.82
CA LYS A 151 14.95 -3.01 15.81
C LYS A 151 14.55 -3.42 17.22
N ASP A 152 13.26 -3.39 17.53
CA ASP A 152 12.81 -3.73 18.87
C ASP A 152 12.99 -5.23 19.10
N PRO A 153 13.78 -5.64 20.10
CA PRO A 153 13.98 -7.08 20.32
C PRO A 153 12.70 -7.83 20.63
N GLU A 154 11.78 -7.21 21.38
CA GLU A 154 10.51 -7.87 21.70
C GLU A 154 9.66 -8.04 20.45
N GLU A 155 9.55 -6.99 19.63
CA GLU A 155 8.78 -7.09 18.40
C GLU A 155 9.40 -8.09 17.44
N LYS A 156 10.73 -8.10 17.33
CA LYS A 156 11.40 -9.05 16.46
C LYS A 156 11.18 -10.47 16.92
N ALA A 157 11.29 -10.72 18.23
CA ALA A 157 11.04 -12.06 18.75
C ALA A 157 9.60 -12.47 18.50
N ARG A 158 8.65 -11.54 18.68
CA ARG A 158 7.25 -11.86 18.42
C ARG A 158 7.02 -12.22 16.96
N LYS A 159 7.62 -11.45 16.04
CA LYS A 159 7.46 -11.73 14.62
C LYS A 159 8.09 -13.06 14.23
N LEU A 160 9.26 -13.37 14.79
CA LEU A 160 9.89 -14.66 14.50
C LEU A 160 9.07 -15.82 15.03
N ASN A 161 8.50 -15.66 16.23
CA ASN A 161 7.60 -16.68 16.77
C ASN A 161 6.36 -16.82 15.90
N VAL A 162 5.85 -15.70 15.38
CA VAL A 162 4.71 -15.75 14.48
C VAL A 162 5.07 -16.54 13.23
N GLU A 163 6.24 -16.29 12.67
CA GLU A 163 6.68 -17.02 11.48
C GLU A 163 6.76 -18.52 11.78
N LEU A 164 7.35 -18.88 12.90
CA LEU A 164 7.49 -20.30 13.24
C LEU A 164 6.14 -20.96 13.47
N ASN A 165 5.26 -20.31 14.23
CA ASN A 165 3.96 -20.91 14.51
C ASN A 165 3.10 -21.01 13.26
N ASN A 166 3.13 -19.99 12.42
CA ASN A 166 2.39 -20.06 11.17
C ASN A 166 2.96 -21.13 10.25
N GLY A 167 4.27 -21.31 10.27
CA GLY A 167 4.86 -22.39 9.49
C GLY A 167 4.44 -23.76 9.98
N ARG A 168 4.39 -23.94 11.30
CA ARG A 168 3.92 -25.21 11.86
C ARG A 168 2.47 -25.46 11.49
N ALA A 169 1.63 -24.44 11.64
CA ALA A 169 0.22 -24.58 11.29
C ALA A 169 0.05 -24.87 9.81
N ALA A 170 0.87 -24.24 8.96
CA ALA A 170 0.78 -24.47 7.52
C ALA A 170 1.29 -25.85 7.15
N MET A 171 2.32 -26.35 7.85
CA MET A 171 2.76 -27.72 7.63
C MET A 171 1.64 -28.71 7.91
N MET A 172 1.02 -28.58 9.09
CA MET A 172 -0.11 -29.45 9.41
C MET A 172 -1.24 -29.28 8.41
N GLY A 173 -1.51 -28.03 8.00
CA GLY A 173 -2.60 -27.78 7.08
C GLY A 173 -2.37 -28.37 5.69
N ILE A 174 -1.16 -28.22 5.16
CA ILE A 174 -0.89 -28.76 3.83
C ILE A 174 -0.90 -30.28 3.87
N MET A 175 -0.39 -30.88 4.95
CA MET A 175 -0.49 -32.33 5.08
C MET A 175 -1.95 -32.76 5.14
N GLY A 176 -2.77 -32.05 5.90
CA GLY A 176 -4.18 -32.41 5.97
C GLY A 176 -4.89 -32.25 4.65
N ASN A 177 -4.57 -31.17 3.92
CA ASN A 177 -5.19 -30.94 2.62
C ASN A 177 -4.84 -32.06 1.65
N MET A 178 -3.56 -32.42 1.58
CA MET A 178 -3.14 -33.48 0.67
C MET A 178 -3.76 -34.81 1.06
N VAL A 179 -3.77 -35.13 2.36
CA VAL A 179 -4.34 -36.40 2.80
C VAL A 179 -5.83 -36.46 2.51
N ALA A 180 -6.56 -35.38 2.80
CA ALA A 180 -7.98 -35.36 2.53
C ALA A 180 -8.28 -35.50 1.05
N GLU A 181 -7.47 -34.84 0.20
CA GLU A 181 -7.70 -34.97 -1.23
C GLU A 181 -7.42 -36.38 -1.72
N VAL A 182 -6.35 -37.01 -1.25
CA VAL A 182 -6.00 -38.34 -1.69
C VAL A 182 -6.97 -39.40 -1.17
N LEU A 183 -7.58 -39.15 -0.01
CA LEU A 183 -8.54 -40.10 0.54
C LEU A 183 -9.96 -39.90 0.05
N THR A 184 -10.37 -38.68 -0.26
CA THR A 184 -11.70 -38.44 -0.81
C THR A 184 -11.73 -38.48 -2.33
N GLY A 185 -10.58 -38.35 -2.99
CA GLY A 185 -10.53 -38.35 -4.43
C GLY A 185 -10.94 -37.05 -5.08
N GLN A 186 -11.20 -36.01 -4.29
CA GLN A 186 -11.66 -34.74 -4.81
C GLN A 186 -10.73 -33.63 -4.35
N THR A 187 -10.54 -32.64 -5.21
CA THR A 187 -9.82 -31.45 -4.82
C THR A 187 -10.62 -30.70 -3.77
N MET A 188 -9.99 -29.67 -3.18
CA MET A 188 -10.67 -28.89 -2.15
C MET A 188 -11.92 -28.23 -2.71
N TYR A 189 -11.83 -27.68 -3.92
CA TYR A 189 -13.01 -27.06 -4.53
C TYR A 189 -14.11 -28.09 -4.74
N GLU A 190 -13.76 -29.26 -5.28
CA GLU A 190 -14.77 -30.29 -5.51
C GLU A 190 -15.34 -30.82 -4.21
N GLN A 191 -14.48 -30.94 -3.19
CA GLN A 191 -14.94 -31.41 -1.89
C GLN A 191 -15.93 -30.43 -1.26
N TYR A 192 -15.63 -29.14 -1.33
CA TYR A 192 -16.50 -28.15 -0.71
C TYR A 192 -17.79 -27.96 -1.51
N ALA A 193 -17.67 -27.88 -2.84
CA ALA A 193 -18.82 -27.62 -3.69
C ALA A 193 -19.85 -28.74 -3.65
N SER A 194 -19.44 -29.96 -3.35
CA SER A 194 -20.35 -31.10 -3.28
C SER A 194 -20.95 -31.28 -1.90
N GLY A 195 -20.61 -30.44 -0.94
CA GLY A 195 -21.11 -30.62 0.41
C GLY A 195 -20.52 -31.81 1.13
N HIS A 196 -19.34 -32.27 0.71
CA HIS A 196 -18.70 -33.45 1.27
C HIS A 196 -17.67 -33.08 2.33
N ILE A 197 -17.94 -32.03 3.10
CA ILE A 197 -17.00 -31.61 4.15
C ILE A 197 -17.21 -32.37 5.45
N SER A 198 -18.23 -33.23 5.52
CA SER A 198 -18.46 -34.06 6.70
C SER A 198 -18.01 -35.48 6.41
N PRO A 199 -16.99 -35.99 7.10
CA PRO A 199 -16.55 -37.37 6.82
C PRO A 199 -17.57 -38.43 7.17
N PHE A 200 -18.56 -38.11 8.00
CA PHE A 200 -19.59 -39.07 8.38
C PHE A 200 -20.96 -38.41 8.43
N SER B 31 0.74 5.88 32.50
CA SER B 31 0.36 6.84 31.48
C SER B 31 -1.01 6.55 30.91
N GLU B 32 -1.63 5.47 31.40
CA GLU B 32 -2.96 5.10 30.91
C GLU B 32 -4.03 6.06 31.40
N ILE B 33 -3.88 6.60 32.61
CA ILE B 33 -4.90 7.48 33.15
C ILE B 33 -4.90 8.83 32.42
N GLU B 34 -3.81 9.15 31.73
CA GLU B 34 -3.77 10.35 30.90
C GLU B 34 -4.40 10.16 29.53
N LEU B 35 -4.64 8.92 29.12
CA LEU B 35 -5.23 8.64 27.81
C LEU B 35 -6.72 8.90 27.84
N GLY B 36 -7.24 9.36 26.70
CA GLY B 36 -8.64 9.70 26.60
C GLY B 36 -8.98 11.09 27.09
N VAL B 37 -8.00 11.82 27.64
CA VAL B 37 -8.20 13.19 28.05
C VAL B 37 -7.82 14.07 26.85
N THR B 38 -8.83 14.60 26.17
CA THR B 38 -8.63 15.36 24.96
C THR B 38 -9.56 16.56 24.95
N GLU B 39 -9.21 17.57 24.18
CA GLU B 39 -10.06 18.73 24.03
C GLU B 39 -11.36 18.34 23.35
N PRO B 40 -12.46 19.08 23.60
CA PRO B 40 -12.53 20.24 24.48
C PRO B 40 -12.90 19.92 25.93
N LEU B 41 -13.09 18.64 26.24
CA LEU B 41 -13.60 18.26 27.55
C LEU B 41 -12.50 18.03 28.58
N GLY B 42 -11.29 17.69 28.14
CA GLY B 42 -10.24 17.40 29.10
C GLY B 42 -10.58 16.14 29.89
N VAL B 43 -10.33 16.17 31.19
CA VAL B 43 -10.65 15.06 32.07
C VAL B 43 -12.14 15.15 32.37
N TYR B 44 -12.96 14.43 31.61
CA TYR B 44 -14.41 14.53 31.70
C TYR B 44 -14.91 13.36 32.56
N ASP B 45 -15.17 13.65 33.83
CA ASP B 45 -15.73 12.67 34.77
C ASP B 45 -16.93 13.31 35.45
N PRO B 46 -18.06 13.41 34.74
CA PRO B 46 -19.21 14.12 35.32
C PRO B 46 -19.74 13.52 36.60
N LEU B 47 -19.71 12.20 36.75
CA LEU B 47 -20.19 11.55 37.96
C LEU B 47 -19.07 11.33 38.97
N GLY B 48 -17.86 11.77 38.67
CA GLY B 48 -16.76 11.72 39.62
C GLY B 48 -16.39 10.34 40.09
N TRP B 49 -16.04 9.44 39.15
CA TRP B 49 -15.62 8.10 39.49
C TRP B 49 -14.12 7.87 39.37
N LEU B 50 -13.39 8.81 38.78
CA LEU B 50 -11.93 8.69 38.75
C LEU B 50 -11.33 8.77 40.15
N GLU B 51 -11.84 9.69 40.97
CA GLU B 51 -11.34 9.84 42.33
C GLU B 51 -12.14 9.02 43.33
N SER B 52 -13.41 8.74 43.05
CA SER B 52 -14.21 7.94 43.96
C SER B 52 -13.76 6.48 43.96
N GLU B 53 -13.45 5.94 42.79
CA GLU B 53 -13.03 4.55 42.64
C GLU B 53 -11.75 4.50 41.83
N PRO B 54 -10.62 4.93 42.41
CA PRO B 54 -9.37 4.95 41.63
C PRO B 54 -8.90 3.58 41.19
N GLU B 55 -9.21 2.53 41.94
CA GLU B 55 -8.73 1.20 41.61
C GLU B 55 -9.51 0.53 40.47
N ALA B 56 -10.71 1.02 40.17
CA ALA B 56 -11.54 0.43 39.13
C ALA B 56 -11.27 1.00 37.75
N PHE B 57 -10.43 2.04 37.66
CA PHE B 57 -10.21 2.70 36.39
C PHE B 57 -9.54 1.78 35.38
N GLU B 58 -8.65 0.89 35.82
CA GLU B 58 -7.96 0.03 34.88
C GLU B 58 -8.96 -0.83 34.10
N ARG B 59 -9.86 -1.51 34.81
CA ARG B 59 -10.83 -2.33 34.11
C ARG B 59 -11.89 -1.50 33.41
N ARG B 60 -12.23 -0.31 33.94
CA ARG B 60 -13.19 0.52 33.23
C ARG B 60 -12.63 1.01 31.90
N ARG B 61 -11.35 1.37 31.86
CA ARG B 61 -10.74 1.75 30.60
C ARG B 61 -10.58 0.55 29.68
N ALA B 62 -10.32 -0.63 30.24
CA ALA B 62 -10.29 -1.84 29.42
C ALA B 62 -11.65 -2.08 28.76
N VAL B 63 -12.72 -1.91 29.53
CA VAL B 63 -14.07 -2.08 28.99
C VAL B 63 -14.36 -1.01 27.94
N GLU B 64 -13.97 0.23 28.21
CA GLU B 64 -14.20 1.30 27.25
C GLU B 64 -13.47 1.04 25.94
N ARG B 65 -12.22 0.60 26.01
CA ARG B 65 -11.45 0.33 24.81
C ARG B 65 -12.01 -0.87 24.05
N LYS B 66 -12.43 -1.92 24.77
CA LYS B 66 -13.03 -3.08 24.13
C LYS B 66 -14.31 -2.69 23.40
N HIS B 67 -15.17 -1.91 24.06
CA HIS B 67 -16.39 -1.46 23.42
C HIS B 67 -16.11 -0.55 22.25
N GLY B 68 -15.08 0.29 22.35
CA GLY B 68 -14.74 1.15 21.24
C GLY B 68 -14.31 0.36 20.03
N ARG B 69 -13.45 -0.64 20.21
CA ARG B 69 -13.02 -1.47 19.10
C ARG B 69 -14.19 -2.23 18.49
N VAL B 70 -15.02 -2.84 19.33
CA VAL B 70 -16.16 -3.59 18.84
C VAL B 70 -17.12 -2.70 18.07
N ALA B 71 -17.38 -1.50 18.60
CA ALA B 71 -18.31 -0.58 17.95
C ALA B 71 -17.75 -0.01 16.66
N MET B 72 -16.43 0.25 16.60
CA MET B 72 -15.83 0.69 15.35
C MET B 72 -15.99 -0.38 14.27
N ALA B 73 -15.72 -1.64 14.64
CA ALA B 73 -15.93 -2.73 13.69
C ALA B 73 -17.39 -2.82 13.27
N ALA B 74 -18.32 -2.66 14.23
CA ALA B 74 -19.74 -2.75 13.91
C ALA B 74 -20.18 -1.62 12.99
N VAL B 75 -19.69 -0.41 13.20
CA VAL B 75 -20.07 0.72 12.36
C VAL B 75 -19.54 0.52 10.94
N VAL B 76 -18.29 0.07 10.80
CA VAL B 76 -17.78 -0.24 9.48
C VAL B 76 -18.61 -1.33 8.83
N GLY B 77 -19.03 -2.32 9.62
CA GLY B 77 -19.85 -3.39 9.07
C GLY B 77 -21.18 -2.88 8.55
N THR B 78 -21.84 -2.01 9.32
CA THR B 78 -23.12 -1.46 8.86
C THR B 78 -22.95 -0.64 7.60
N ILE B 79 -21.88 0.15 7.53
CA ILE B 79 -21.63 0.96 6.35
C ILE B 79 -21.39 0.06 5.13
N VAL B 80 -20.65 -1.03 5.32
CA VAL B 80 -20.43 -1.99 4.24
C VAL B 80 -21.75 -2.64 3.83
N HIS B 81 -22.57 -3.04 4.80
CA HIS B 81 -23.81 -3.73 4.49
C HIS B 81 -24.73 -2.85 3.66
N ASN B 82 -24.99 -1.63 4.12
CA ASN B 82 -25.96 -0.79 3.44
C ASN B 82 -25.48 -0.27 2.11
N ASN B 83 -24.19 -0.44 1.79
CA ASN B 83 -23.70 -0.22 0.44
C ASN B 83 -23.79 -1.47 -0.41
N HIS B 84 -24.35 -2.55 0.12
CA HIS B 84 -24.58 -3.80 -0.61
C HIS B 84 -23.27 -4.36 -1.15
N ILE B 85 -22.20 -4.19 -0.40
CA ILE B 85 -20.93 -4.85 -0.68
C ILE B 85 -21.02 -6.22 -0.02
N VAL B 86 -21.54 -7.19 -0.76
CA VAL B 86 -21.77 -8.53 -0.22
C VAL B 86 -20.95 -9.53 -1.01
N PHE B 87 -20.69 -10.66 -0.38
CA PHE B 87 -20.02 -11.77 -1.05
C PHE B 87 -20.95 -12.40 -2.07
N ASP B 88 -20.35 -12.97 -3.12
CA ASP B 88 -21.09 -13.64 -4.16
C ASP B 88 -21.09 -15.14 -3.87
N GLY B 89 -22.27 -15.71 -3.72
CA GLY B 89 -22.40 -17.12 -3.46
C GLY B 89 -23.44 -17.37 -2.40
N TYR B 90 -23.32 -18.51 -1.73
CA TYR B 90 -24.26 -18.95 -0.71
C TYR B 90 -23.56 -18.95 0.65
N LEU B 91 -24.16 -18.27 1.62
CA LEU B 91 -23.67 -18.38 2.99
C LEU B 91 -23.88 -19.79 3.53
N SER B 92 -25.04 -20.38 3.25
CA SER B 92 -25.37 -21.73 3.72
C SER B 92 -26.11 -22.45 2.61
N PRO B 93 -25.38 -23.16 1.73
CA PRO B 93 -26.05 -23.85 0.63
C PRO B 93 -27.09 -24.85 1.08
N SER B 94 -26.88 -25.50 2.22
CA SER B 94 -27.88 -26.44 2.72
C SER B 94 -29.18 -25.72 3.05
N ASN B 95 -29.09 -24.51 3.60
CA ASN B 95 -30.26 -23.69 3.88
C ASN B 95 -30.73 -22.90 2.66
N ASN B 96 -30.03 -23.02 1.54
CA ASN B 96 -30.35 -22.25 0.33
C ASN B 96 -30.38 -20.76 0.62
N LEU B 97 -29.40 -20.32 1.40
CA LEU B 97 -29.33 -18.95 1.92
C LEU B 97 -28.14 -18.26 1.28
N LYS B 98 -28.40 -17.34 0.36
CA LYS B 98 -27.34 -16.58 -0.27
C LYS B 98 -26.88 -15.45 0.65
N PHE B 99 -25.70 -14.91 0.35
CA PHE B 99 -25.20 -13.77 1.10
C PHE B 99 -26.11 -12.56 0.89
N SER B 100 -26.60 -12.36 -0.33
CA SER B 100 -27.47 -11.23 -0.61
C SER B 100 -28.83 -11.35 0.07
N ASP B 101 -29.20 -12.55 0.50
CA ASP B 101 -30.47 -12.72 1.22
C ASP B 101 -30.40 -12.22 2.65
N ILE B 102 -29.22 -12.06 3.20
CA ILE B 102 -29.08 -11.59 4.59
C ILE B 102 -29.45 -10.12 4.66
N PRO B 103 -30.40 -9.71 5.50
CA PRO B 103 -30.74 -8.29 5.59
C PRO B 103 -29.57 -7.47 6.09
N THR B 104 -29.50 -6.22 5.61
CA THR B 104 -28.41 -5.33 5.94
C THR B 104 -28.62 -4.58 7.24
N GLY B 105 -29.77 -4.75 7.89
CA GLY B 105 -30.09 -4.07 9.13
C GLY B 105 -29.74 -4.91 10.34
N VAL B 106 -30.48 -4.69 11.43
CA VAL B 106 -30.24 -5.39 12.68
C VAL B 106 -30.62 -6.86 12.63
N ASP B 107 -31.37 -7.29 11.61
CA ASP B 107 -31.78 -8.67 11.47
C ASP B 107 -30.75 -9.53 10.74
N GLY B 108 -29.64 -8.94 10.31
CA GLY B 108 -28.64 -9.71 9.58
C GLY B 108 -28.05 -10.82 10.41
N ILE B 109 -27.67 -10.53 11.65
CA ILE B 109 -27.10 -11.55 12.52
C ILE B 109 -28.13 -12.61 12.87
N ARG B 110 -29.42 -12.24 12.90
CA ARG B 110 -30.47 -13.21 13.16
C ARG B 110 -30.73 -14.12 11.97
N ALA B 111 -30.48 -13.64 10.75
CA ALA B 111 -30.71 -14.46 9.58
C ALA B 111 -29.68 -15.58 9.41
N ILE B 112 -28.52 -15.46 10.05
CA ILE B 112 -27.47 -16.47 9.90
C ILE B 112 -27.93 -17.79 10.50
N PRO B 113 -27.64 -18.93 9.87
CA PRO B 113 -28.03 -20.21 10.45
C PRO B 113 -27.34 -20.45 11.78
N THR B 114 -27.99 -21.26 12.61
CA THR B 114 -27.50 -21.50 13.97
C THR B 114 -26.11 -22.12 13.96
N ALA B 115 -25.84 -22.99 13.00
CA ALA B 115 -24.50 -23.58 12.89
C ALA B 115 -23.46 -22.50 12.59
N GLY B 116 -23.80 -21.53 11.74
CA GLY B 116 -22.88 -20.45 11.46
C GLY B 116 -22.62 -19.58 12.68
N LEU B 117 -23.67 -19.29 13.45
CA LEU B 117 -23.48 -18.54 14.69
C LEU B 117 -22.60 -19.32 15.66
N ALA B 118 -22.77 -20.64 15.71
CA ALA B 118 -21.93 -21.48 16.56
C ALA B 118 -20.48 -21.39 16.12
N GLN B 119 -20.22 -21.41 14.81
CA GLN B 119 -18.85 -21.30 14.33
C GLN B 119 -18.24 -19.95 14.67
N ILE B 120 -19.01 -18.87 14.51
CA ILE B 120 -18.52 -17.54 14.86
C ILE B 120 -18.21 -17.48 16.34
N LEU B 121 -19.10 -18.00 17.17
CA LEU B 121 -18.89 -18.00 18.62
C LEU B 121 -17.67 -18.81 19.01
N ALA B 122 -17.46 -19.97 18.40
CA ALA B 122 -16.28 -20.77 18.72
C ALA B 122 -15.00 -20.05 18.34
N PHE B 123 -14.97 -19.45 17.14
CA PHE B 123 -13.78 -18.74 16.71
C PHE B 123 -13.46 -17.57 17.64
N PHE B 124 -14.48 -16.82 18.04
CA PHE B 124 -14.22 -15.70 18.92
C PHE B 124 -13.99 -16.10 20.36
N ALA B 125 -14.47 -17.28 20.78
CA ALA B 125 -14.03 -17.82 22.06
C ALA B 125 -12.55 -18.10 22.03
N LEU B 126 -12.08 -18.73 20.95
CA LEU B 126 -10.63 -18.95 20.81
C LEU B 126 -9.88 -17.64 20.86
N VAL B 127 -10.33 -16.63 20.10
CA VAL B 127 -9.66 -15.34 20.11
C VAL B 127 -9.65 -14.75 21.51
N GLU B 128 -10.82 -14.47 22.07
CA GLU B 128 -11.01 -13.77 23.34
C GLU B 128 -10.47 -14.52 24.55
N LEU B 129 -10.15 -15.81 24.42
CA LEU B 129 -9.58 -16.54 25.55
C LEU B 129 -8.11 -16.89 25.37
N ALA B 130 -7.62 -16.98 24.14
CA ALA B 130 -6.25 -17.39 23.90
C ALA B 130 -5.44 -16.34 23.17
N TRP B 131 -5.91 -15.85 22.03
CA TRP B 131 -5.04 -15.08 21.15
C TRP B 131 -4.95 -13.64 21.59
N MET B 132 -6.10 -13.00 21.83
CA MET B 132 -6.16 -11.66 22.38
C MET B 132 -7.10 -11.71 23.57
N PRO B 133 -6.64 -12.20 24.71
CA PRO B 133 -7.53 -12.40 25.86
C PRO B 133 -8.17 -11.10 26.32
N ALA B 134 -9.45 -11.17 26.66
CA ALA B 134 -10.12 -10.00 27.22
C ALA B 134 -9.64 -9.70 28.62
N SER B 135 -9.00 -10.65 29.29
CA SER B 135 -8.47 -10.44 30.63
C SER B 135 -7.27 -9.51 30.65
N LYS B 136 -6.66 -9.24 29.50
CA LYS B 136 -5.52 -8.33 29.42
C LYS B 136 -6.06 -6.91 29.35
N TYR B 137 -6.09 -6.23 30.49
CA TYR B 137 -6.79 -4.96 30.59
C TYR B 137 -6.08 -3.81 29.89
N ASP B 138 -4.77 -3.91 29.68
CA ASP B 138 -4.09 -2.86 28.94
C ASP B 138 -4.43 -2.90 27.45
N GLY B 139 -5.03 -3.99 26.98
CA GLY B 139 -5.41 -4.11 25.60
C GLY B 139 -4.25 -4.19 24.64
N ASP B 140 -3.05 -4.44 25.13
CA ASP B 140 -1.84 -4.49 24.30
C ASP B 140 -1.52 -5.95 24.03
N TYR B 141 -1.84 -6.40 22.82
CA TYR B 141 -1.66 -7.80 22.44
C TYR B 141 -0.45 -8.02 21.55
N GLY B 142 0.45 -7.03 21.47
CA GLY B 142 1.67 -7.19 20.73
C GLY B 142 1.59 -6.85 19.26
N VAL B 143 0.40 -6.59 18.74
CA VAL B 143 0.27 -6.26 17.32
C VAL B 143 0.63 -4.80 17.02
N GLY B 144 0.62 -3.94 18.03
CA GLY B 144 0.98 -2.56 17.80
C GLY B 144 -0.02 -1.85 16.89
N TYR B 145 0.41 -0.71 16.39
CA TYR B 145 -0.38 0.08 15.44
C TYR B 145 0.16 -0.24 14.05
N PHE B 146 -0.61 -1.04 13.31
CA PHE B 146 -0.19 -1.51 11.99
C PHE B 146 1.15 -2.24 12.06
N GLY B 147 1.34 -3.01 13.13
CA GLY B 147 2.49 -3.89 13.27
C GLY B 147 3.67 -3.30 14.01
N THR B 148 3.75 -1.99 14.13
CA THR B 148 4.94 -1.33 14.67
C THR B 148 4.60 -0.58 15.94
N ASP B 149 5.49 -0.67 16.92
CA ASP B 149 5.36 0.15 18.12
C ASP B 149 5.63 1.60 17.78
N ILE B 150 4.93 2.50 18.46
CA ILE B 150 5.09 3.94 18.25
C ILE B 150 6.12 4.44 19.25
N LYS B 151 7.34 4.71 18.76
CA LYS B 151 8.44 5.06 19.64
C LYS B 151 8.24 6.43 20.28
N ASP B 152 7.73 7.39 19.52
CA ASP B 152 7.56 8.75 20.04
C ASP B 152 6.44 8.76 21.06
N PRO B 153 6.71 9.12 22.32
CA PRO B 153 5.63 9.13 23.32
C PRO B 153 4.47 10.04 22.97
N GLU B 154 4.75 11.21 22.37
CA GLU B 154 3.68 12.12 21.99
C GLU B 154 2.82 11.52 20.89
N GLU B 155 3.45 10.94 19.86
CA GLU B 155 2.70 10.32 18.77
C GLU B 155 1.90 9.12 19.27
N LYS B 156 2.50 8.31 20.15
CA LYS B 156 1.79 7.16 20.70
C LYS B 156 0.59 7.59 21.53
N ALA B 157 0.77 8.61 22.36
CA ALA B 157 -0.35 9.11 23.16
C ALA B 157 -1.44 9.67 22.27
N ARG B 158 -1.07 10.38 21.21
CA ARG B 158 -2.07 10.92 20.30
C ARG B 158 -2.83 9.80 19.60
N LYS B 159 -2.13 8.75 19.16
CA LYS B 159 -2.80 7.64 18.49
C LYS B 159 -3.72 6.89 19.44
N LEU B 160 -3.31 6.71 20.70
CA LEU B 160 -4.17 6.05 21.67
C LEU B 160 -5.41 6.89 21.95
N ASN B 161 -5.24 8.22 22.06
CA ASN B 161 -6.38 9.10 22.23
C ASN B 161 -7.30 9.05 21.02
N VAL B 162 -6.72 8.93 19.83
CA VAL B 162 -7.53 8.79 18.61
C VAL B 162 -8.34 7.51 18.67
N GLU B 163 -7.71 6.41 19.08
CA GLU B 163 -8.44 5.15 19.20
C GLU B 163 -9.60 5.28 20.18
N LEU B 164 -9.34 5.88 21.34
CA LEU B 164 -10.40 6.01 22.34
C LEU B 164 -11.53 6.91 21.85
N ASN B 165 -11.20 8.06 21.26
CA ASN B 165 -12.25 8.98 20.81
C ASN B 165 -13.04 8.39 19.67
N ASN B 166 -12.38 7.71 18.73
CA ASN B 166 -13.10 7.07 17.65
C ASN B 166 -13.96 5.94 18.17
N GLY B 167 -13.50 5.23 19.20
CA GLY B 167 -14.33 4.20 19.79
C GLY B 167 -15.57 4.77 20.47
N ARG B 168 -15.42 5.89 21.15
CA ARG B 168 -16.57 6.55 21.76
C ARG B 168 -17.55 7.03 20.71
N ALA B 169 -17.05 7.66 19.65
CA ALA B 169 -17.90 8.12 18.57
C ALA B 169 -18.60 6.95 17.90
N ALA B 170 -17.91 5.83 17.72
CA ALA B 170 -18.50 4.66 17.10
C ALA B 170 -19.53 4.01 18.00
N MET B 171 -19.30 4.02 19.31
CA MET B 171 -20.31 3.51 20.23
C MET B 171 -21.60 4.31 20.11
N MET B 172 -21.48 5.64 20.17
CA MET B 172 -22.66 6.47 20.01
C MET B 172 -23.30 6.26 18.64
N GLY B 173 -22.47 6.13 17.60
CA GLY B 173 -23.00 5.95 16.26
C GLY B 173 -23.74 4.64 16.06
N ILE B 174 -23.18 3.54 16.57
CA ILE B 174 -23.84 2.25 16.40
C ILE B 174 -25.13 2.21 17.22
N MET B 175 -25.12 2.81 18.42
CA MET B 175 -26.37 2.89 19.17
C MET B 175 -27.41 3.72 18.41
N GLY B 176 -26.99 4.84 17.83
CA GLY B 176 -27.93 5.66 17.08
C GLY B 176 -28.45 4.94 15.85
N ASN B 177 -27.58 4.22 15.16
CA ASN B 177 -28.00 3.47 13.97
C ASN B 177 -29.04 2.41 14.34
N MET B 178 -28.76 1.64 15.39
CA MET B 178 -29.69 0.59 15.78
C MET B 178 -31.02 1.18 16.26
N VAL B 179 -30.97 2.26 17.04
CA VAL B 179 -32.19 2.87 17.55
C VAL B 179 -33.02 3.45 16.40
N ALA B 180 -32.36 4.14 15.46
CA ALA B 180 -33.08 4.70 14.33
C ALA B 180 -33.69 3.62 13.47
N GLU B 181 -32.97 2.52 13.23
CA GLU B 181 -33.53 1.43 12.44
C GLU B 181 -34.74 0.82 13.15
N VAL B 182 -34.64 0.61 14.46
CA VAL B 182 -35.74 0.01 15.19
C VAL B 182 -36.97 0.92 15.15
N LEU B 183 -36.77 2.23 15.33
CA LEU B 183 -37.90 3.13 15.38
C LEU B 183 -38.53 3.33 14.01
N THR B 184 -37.73 3.52 12.97
CA THR B 184 -38.26 3.77 11.64
C THR B 184 -38.69 2.51 10.92
N GLY B 185 -38.30 1.33 11.38
CA GLY B 185 -38.65 0.11 10.70
C GLY B 185 -37.88 -0.16 9.43
N GLN B 186 -36.87 0.65 9.12
CA GLN B 186 -36.13 0.53 7.88
C GLN B 186 -34.64 0.46 8.17
N THR B 187 -33.92 -0.29 7.35
CA THR B 187 -32.48 -0.29 7.42
C THR B 187 -31.94 1.07 6.97
N MET B 188 -30.63 1.26 7.14
CA MET B 188 -30.03 2.53 6.74
C MET B 188 -30.18 2.77 5.26
N TYR B 189 -29.99 1.73 4.44
CA TYR B 189 -30.16 1.88 3.00
C TYR B 189 -31.59 2.26 2.65
N GLU B 190 -32.57 1.58 3.26
CA GLU B 190 -33.96 1.89 2.97
C GLU B 190 -34.34 3.27 3.49
N GLN B 191 -33.79 3.67 4.63
CA GLN B 191 -34.06 4.99 5.16
C GLN B 191 -33.51 6.08 4.26
N TYR B 192 -32.29 5.91 3.77
CA TYR B 192 -31.68 6.93 2.92
C TYR B 192 -32.32 6.96 1.53
N ALA B 193 -32.60 5.79 0.95
CA ALA B 193 -33.14 5.71 -0.39
C ALA B 193 -34.55 6.26 -0.49
N SER B 194 -35.31 6.26 0.60
CA SER B 194 -36.66 6.78 0.60
C SER B 194 -36.73 8.25 1.00
N GLY B 195 -35.60 8.87 1.32
CA GLY B 195 -35.62 10.25 1.75
C GLY B 195 -36.23 10.46 3.12
N HIS B 196 -36.23 9.43 3.95
CA HIS B 196 -36.82 9.50 5.30
C HIS B 196 -35.78 9.86 6.34
N ILE B 197 -34.76 10.62 5.95
CA ILE B 197 -33.73 11.02 6.89
C ILE B 197 -34.26 12.04 7.89
N SER B 198 -35.07 12.98 7.45
CA SER B 198 -35.64 13.98 8.36
C SER B 198 -36.72 13.35 9.23
N PRO B 199 -36.59 13.38 10.55
CA PRO B 199 -37.64 12.80 11.41
C PRO B 199 -38.94 13.59 11.39
N PHE B 200 -38.93 14.83 10.92
CA PHE B 200 -40.13 15.66 10.90
C PHE B 200 -40.30 16.31 9.53
N SER C 31 13.48 27.15 13.12
CA SER C 31 13.88 26.55 11.85
C SER C 31 12.84 26.80 10.78
N GLU C 32 11.76 27.49 11.15
CA GLU C 32 10.70 27.79 10.19
C GLU C 32 11.14 28.84 9.17
N ILE C 33 11.97 29.79 9.57
CA ILE C 33 12.38 30.84 8.66
C ILE C 33 13.34 30.30 7.60
N GLU C 34 13.94 29.13 7.84
CA GLU C 34 14.77 28.49 6.84
C GLU C 34 13.97 27.66 5.84
N LEU C 35 12.70 27.39 6.13
CA LEU C 35 11.87 26.60 5.24
C LEU C 35 11.39 27.44 4.07
N GLY C 36 11.25 26.79 2.91
CA GLY C 36 10.87 27.48 1.70
C GLY C 36 12.02 28.15 0.97
N VAL C 37 13.22 28.11 1.54
CA VAL C 37 14.41 28.63 0.86
C VAL C 37 15.02 27.48 0.10
N THR C 38 14.83 27.48 -1.22
CA THR C 38 15.26 26.39 -2.07
C THR C 38 15.84 26.96 -3.36
N GLU C 39 16.67 26.16 -4.01
CA GLU C 39 17.23 26.55 -5.29
C GLU C 39 16.12 26.67 -6.33
N PRO C 40 16.29 27.51 -7.35
CA PRO C 40 17.46 28.35 -7.60
C PRO C 40 17.38 29.74 -6.99
N LEU C 41 16.28 30.05 -6.31
CA LEU C 41 16.05 31.40 -5.82
C LEU C 41 16.63 31.65 -4.43
N GLY C 42 16.78 30.61 -3.62
CA GLY C 42 17.25 30.83 -2.26
C GLY C 42 16.24 31.62 -1.47
N VAL C 43 16.72 32.57 -0.68
CA VAL C 43 15.84 33.44 0.10
C VAL C 43 15.30 34.52 -0.84
N TYR C 44 14.11 34.28 -1.40
CA TYR C 44 13.54 35.16 -2.42
C TYR C 44 12.52 36.07 -1.75
N ASP C 45 12.95 37.29 -1.44
CA ASP C 45 12.08 38.31 -0.86
C ASP C 45 12.27 39.60 -1.63
N PRO C 46 11.69 39.69 -2.84
CA PRO C 46 11.86 40.91 -3.64
C PRO C 46 11.33 42.16 -2.97
N LEU C 47 10.25 42.05 -2.20
CA LEU C 47 9.70 43.22 -1.51
C LEU C 47 10.46 43.54 -0.24
N GLY C 48 11.37 42.67 0.19
CA GLY C 48 12.14 42.92 1.40
C GLY C 48 11.33 42.93 2.67
N TRP C 49 10.30 42.08 2.76
CA TRP C 49 9.45 42.04 3.93
C TRP C 49 9.95 41.08 5.01
N LEU C 50 10.97 40.29 4.72
CA LEU C 50 11.54 39.44 5.77
C LEU C 50 12.26 40.27 6.82
N GLU C 51 12.97 41.31 6.40
CA GLU C 51 13.66 42.18 7.33
C GLU C 51 12.85 43.41 7.71
N SER C 52 11.94 43.86 6.83
CA SER C 52 11.11 45.01 7.14
C SER C 52 10.09 44.68 8.23
N GLU C 53 9.49 43.51 8.16
CA GLU C 53 8.47 43.07 9.11
C GLU C 53 8.82 41.68 9.63
N PRO C 54 9.86 41.58 10.47
CA PRO C 54 10.28 40.26 10.96
C PRO C 54 9.23 39.56 11.80
N GLU C 55 8.37 40.31 12.50
CA GLU C 55 7.39 39.70 13.37
C GLU C 55 6.18 39.14 12.63
N ALA C 56 5.95 39.55 11.40
CA ALA C 56 4.80 39.10 10.63
C ALA C 56 5.07 37.83 9.84
N PHE C 57 6.31 37.35 9.84
CA PHE C 57 6.66 36.18 9.02
C PHE C 57 5.94 34.94 9.50
N GLU C 58 5.70 34.78 10.80
CA GLU C 58 5.06 33.57 11.28
C GLU C 58 3.68 33.42 10.65
N ARG C 59 2.85 34.47 10.73
CA ARG C 59 1.53 34.37 10.15
C ARG C 59 1.58 34.39 8.63
N ARG C 60 2.54 35.08 8.03
CA ARG C 60 2.63 35.05 6.58
C ARG C 60 2.96 33.66 6.06
N ARG C 61 3.86 32.95 6.74
CA ARG C 61 4.15 31.58 6.37
C ARG C 61 2.98 30.66 6.67
N ALA C 62 2.23 30.93 7.74
CA ALA C 62 1.02 30.17 8.00
C ALA C 62 0.02 30.33 6.86
N VAL C 63 -0.16 31.57 6.39
CA VAL C 63 -1.05 31.84 5.28
C VAL C 63 -0.55 31.17 4.00
N GLU C 64 0.76 31.25 3.75
CA GLU C 64 1.31 30.62 2.56
C GLU C 64 1.10 29.11 2.58
N ARG C 65 1.33 28.47 3.72
CA ARG C 65 1.16 27.03 3.82
C ARG C 65 -0.31 26.64 3.69
N LYS C 66 -1.20 27.42 4.30
CA LYS C 66 -2.63 27.15 4.19
C LYS C 66 -3.08 27.25 2.73
N HIS C 67 -2.65 28.30 2.04
CA HIS C 67 -3.01 28.46 0.64
C HIS C 67 -2.40 27.36 -0.21
N GLY C 68 -1.18 26.94 0.11
CA GLY C 68 -0.57 25.86 -0.63
C GLY C 68 -1.34 24.57 -0.50
N ARG C 69 -1.75 24.22 0.71
CA ARG C 69 -2.53 22.99 0.91
C ARG C 69 -3.87 23.09 0.20
N VAL C 70 -4.56 24.22 0.34
CA VAL C 70 -5.86 24.39 -0.29
C VAL C 70 -5.74 24.30 -1.81
N ALA C 71 -4.71 24.95 -2.36
CA ALA C 71 -4.53 24.95 -3.81
C ALA C 71 -4.10 23.60 -4.34
N MET C 72 -3.30 22.85 -3.58
CA MET C 72 -2.95 21.50 -4.00
C MET C 72 -4.20 20.62 -4.07
N ALA C 73 -5.06 20.72 -3.04
CA ALA C 73 -6.32 19.98 -3.07
C ALA C 73 -7.18 20.42 -4.25
N ALA C 74 -7.23 21.72 -4.52
CA ALA C 74 -8.05 22.23 -5.62
C ALA C 74 -7.53 21.75 -6.97
N VAL C 75 -6.22 21.72 -7.16
CA VAL C 75 -5.66 21.28 -8.43
C VAL C 75 -5.94 19.80 -8.64
N VAL C 76 -5.76 18.99 -7.60
CA VAL C 76 -6.12 17.58 -7.71
C VAL C 76 -7.60 17.43 -8.03
N GLY C 77 -8.44 18.26 -7.43
CA GLY C 77 -9.86 18.20 -7.71
C GLY C 77 -10.19 18.52 -9.14
N THR C 78 -9.55 19.57 -9.70
CA THR C 78 -9.80 19.90 -11.10
C THR C 78 -9.35 18.79 -12.03
N ILE C 79 -8.19 18.19 -11.73
CA ILE C 79 -7.68 17.09 -12.55
C ILE C 79 -8.64 15.91 -12.49
N VAL C 80 -9.18 15.61 -11.31
CA VAL C 80 -10.16 14.54 -11.18
C VAL C 80 -11.43 14.88 -11.96
N HIS C 81 -11.90 16.12 -11.84
CA HIS C 81 -13.15 16.50 -12.50
C HIS C 81 -13.04 16.34 -14.01
N ASN C 82 -12.00 16.92 -14.61
CA ASN C 82 -11.92 16.93 -16.06
C ASN C 82 -11.58 15.57 -16.65
N ASN C 83 -11.21 14.60 -15.81
CA ASN C 83 -11.13 13.22 -16.23
C ASN C 83 -12.44 12.48 -16.06
N HIS C 84 -13.50 13.18 -15.62
CA HIS C 84 -14.83 12.63 -15.47
C HIS C 84 -14.84 11.43 -14.53
N ILE C 85 -14.01 11.51 -13.50
CA ILE C 85 -14.05 10.54 -12.40
C ILE C 85 -15.08 11.08 -11.42
N VAL C 86 -16.33 10.68 -11.61
CA VAL C 86 -17.44 11.19 -10.81
C VAL C 86 -18.12 10.03 -10.11
N PHE C 87 -18.80 10.36 -9.01
CA PHE C 87 -19.58 9.38 -8.30
C PHE C 87 -20.81 8.98 -9.11
N ASP C 88 -21.26 7.75 -8.93
CA ASP C 88 -22.45 7.25 -9.61
C ASP C 88 -23.64 7.40 -8.67
N GLY C 89 -24.63 8.15 -9.10
CA GLY C 89 -25.82 8.37 -8.32
C GLY C 89 -26.26 9.81 -8.40
N TYR C 90 -27.01 10.22 -7.39
CA TYR C 90 -27.58 11.57 -7.31
C TYR C 90 -26.92 12.32 -6.16
N LEU C 91 -26.39 13.50 -6.47
CA LEU C 91 -25.91 14.38 -5.41
C LEU C 91 -27.07 14.89 -4.55
N SER C 92 -28.17 15.26 -5.18
CA SER C 92 -29.34 15.77 -4.48
C SER C 92 -30.59 15.21 -5.16
N PRO C 93 -31.08 14.05 -4.70
CA PRO C 93 -32.26 13.46 -5.33
C PRO C 93 -33.48 14.36 -5.31
N SER C 94 -33.64 15.17 -4.27
CA SER C 94 -34.77 16.09 -4.23
C SER C 94 -34.69 17.11 -5.36
N ASN C 95 -33.48 17.58 -5.66
CA ASN C 95 -33.26 18.50 -6.77
C ASN C 95 -33.10 17.77 -8.10
N ASN C 96 -33.15 16.44 -8.11
CA ASN C 96 -32.95 15.64 -9.31
C ASN C 96 -31.61 15.98 -9.97
N LEU C 97 -30.58 16.11 -9.14
CA LEU C 97 -29.26 16.57 -9.56
C LEU C 97 -28.28 15.42 -9.41
N LYS C 98 -27.88 14.82 -10.54
CA LYS C 98 -26.89 13.76 -10.50
C LYS C 98 -25.49 14.35 -10.32
N PHE C 99 -24.56 13.48 -9.93
CA PHE C 99 -23.17 13.90 -9.83
C PHE C 99 -22.61 14.29 -11.19
N SER C 100 -22.98 13.54 -12.23
CA SER C 100 -22.49 13.85 -13.57
C SER C 100 -23.06 15.15 -14.12
N ASP C 101 -24.16 15.65 -13.55
CA ASP C 101 -24.70 16.92 -14.00
C ASP C 101 -23.88 18.11 -13.53
N ILE C 102 -23.06 17.94 -12.52
CA ILE C 102 -22.26 19.04 -12.00
C ILE C 102 -21.14 19.36 -12.99
N PRO C 103 -21.03 20.60 -13.47
CA PRO C 103 -19.96 20.93 -14.41
C PRO C 103 -18.59 20.75 -13.78
N THR C 104 -17.62 20.38 -14.62
CA THR C 104 -16.26 20.12 -14.16
C THR C 104 -15.41 21.37 -14.07
N GLY C 105 -15.92 22.53 -14.48
CA GLY C 105 -15.19 23.77 -14.45
C GLY C 105 -15.44 24.56 -13.18
N VAL C 106 -15.31 25.88 -13.30
CA VAL C 106 -15.49 26.76 -12.14
C VAL C 106 -16.93 26.86 -11.68
N ASP C 107 -17.89 26.39 -12.47
CA ASP C 107 -19.29 26.43 -12.10
C ASP C 107 -19.72 25.23 -11.27
N GLY C 108 -18.80 24.29 -11.02
CA GLY C 108 -19.19 23.09 -10.29
C GLY C 108 -19.66 23.39 -8.87
N ILE C 109 -18.92 24.25 -8.16
CA ILE C 109 -19.30 24.58 -6.80
C ILE C 109 -20.57 25.40 -6.78
N ARG C 110 -20.85 26.17 -7.83
CA ARG C 110 -22.10 26.91 -7.92
C ARG C 110 -23.29 26.03 -8.25
N ALA C 111 -23.06 24.89 -8.90
CA ALA C 111 -24.16 24.01 -9.30
C ALA C 111 -24.79 23.26 -8.15
N ILE C 112 -24.02 22.92 -7.11
CA ILE C 112 -24.54 22.07 -6.03
C ILE C 112 -25.54 22.87 -5.20
N PRO C 113 -26.52 22.21 -4.58
CA PRO C 113 -27.60 22.94 -3.90
C PRO C 113 -27.09 23.70 -2.69
N THR C 114 -27.90 24.69 -2.28
CA THR C 114 -27.53 25.55 -1.17
C THR C 114 -27.41 24.76 0.13
N ALA C 115 -28.27 23.75 0.32
CA ALA C 115 -28.18 22.93 1.51
C ALA C 115 -26.86 22.15 1.54
N GLY C 116 -26.42 21.66 0.39
CA GLY C 116 -25.14 20.99 0.33
C GLY C 116 -23.98 21.92 0.65
N LEU C 117 -24.04 23.14 0.13
CA LEU C 117 -23.02 24.14 0.47
C LEU C 117 -23.03 24.42 1.96
N ALA C 118 -24.22 24.49 2.57
CA ALA C 118 -24.31 24.69 4.01
C ALA C 118 -23.65 23.55 4.77
N GLN C 119 -23.88 22.32 4.31
CA GLN C 119 -23.28 21.18 4.99
C GLN C 119 -21.75 21.21 4.87
N ILE C 120 -21.25 21.53 3.69
CA ILE C 120 -19.80 21.63 3.50
C ILE C 120 -19.23 22.72 4.40
N LEU C 121 -19.89 23.87 4.45
CA LEU C 121 -19.42 24.98 5.27
C LEU C 121 -19.42 24.61 6.75
N ALA C 122 -20.46 23.92 7.21
CA ALA C 122 -20.51 23.51 8.61
C ALA C 122 -19.40 22.53 8.94
N PHE C 123 -19.18 21.54 8.07
CA PHE C 123 -18.13 20.56 8.32
C PHE C 123 -16.76 21.23 8.38
N PHE C 124 -16.50 22.16 7.47
CA PHE C 124 -15.20 22.80 7.48
C PHE C 124 -15.08 23.86 8.56
N ALA C 125 -16.19 24.41 9.04
CA ALA C 125 -16.13 25.23 10.24
C ALA C 125 -15.68 24.38 11.43
N LEU C 126 -16.26 23.19 11.56
CA LEU C 126 -15.82 22.28 12.61
C LEU C 126 -14.34 21.97 12.48
N VAL C 127 -13.90 21.63 11.27
CA VAL C 127 -12.48 21.34 11.04
C VAL C 127 -11.62 22.53 11.44
N GLU C 128 -11.79 23.67 10.74
CA GLU C 128 -10.96 24.86 10.85
C GLU C 128 -11.04 25.53 12.21
N LEU C 129 -12.02 25.19 13.05
CA LEU C 129 -12.09 25.79 14.37
C LEU C 129 -11.76 24.83 15.50
N ALA C 130 -11.91 23.53 15.30
CA ALA C 130 -11.67 22.57 16.36
C ALA C 130 -10.59 21.56 16.02
N TRP C 131 -10.69 20.89 14.87
CA TRP C 131 -9.84 19.71 14.66
C TRP C 131 -8.46 20.11 14.17
N MET C 132 -8.40 20.97 13.15
CA MET C 132 -7.15 21.53 12.66
C MET C 132 -7.33 23.04 12.60
N PRO C 133 -7.25 23.72 13.74
CA PRO C 133 -7.55 25.16 13.77
C PRO C 133 -6.62 25.95 12.87
N ALA C 134 -7.19 26.93 12.17
CA ALA C 134 -6.37 27.82 11.36
C ALA C 134 -5.53 28.75 12.21
N SER C 135 -5.88 28.91 13.49
CA SER C 135 -5.12 29.76 14.39
C SER C 135 -3.76 29.17 14.74
N LYS C 136 -3.53 27.89 14.47
CA LYS C 136 -2.26 27.24 14.75
C LYS C 136 -1.31 27.55 13.60
N TYR C 137 -0.48 28.57 13.77
CA TYR C 137 0.30 29.10 12.66
C TYR C 137 1.42 28.18 12.21
N ASP C 138 1.90 27.29 13.08
CA ASP C 138 2.93 26.35 12.65
C ASP C 138 2.37 25.29 11.71
N GLY C 139 1.04 25.17 11.63
CA GLY C 139 0.42 24.20 10.76
C GLY C 139 0.64 22.76 11.15
N ASP C 140 1.12 22.51 12.36
CA ASP C 140 1.43 21.16 12.83
C ASP C 140 0.26 20.68 13.68
N TYR C 141 -0.57 19.81 13.12
CA TYR C 141 -1.76 19.33 13.81
C TYR C 141 -1.60 17.92 14.33
N GLY C 142 -0.37 17.41 14.40
CA GLY C 142 -0.10 16.12 14.98
C GLY C 142 -0.24 14.94 14.03
N VAL C 143 -0.69 15.17 12.80
CA VAL C 143 -0.84 14.05 11.86
C VAL C 143 0.49 13.70 11.20
N GLY C 144 1.47 14.59 11.22
CA GLY C 144 2.75 14.27 10.64
C GLY C 144 2.65 14.08 9.14
N TYR C 145 3.70 13.50 8.58
CA TYR C 145 3.76 13.18 7.16
C TYR C 145 3.39 11.71 7.03
N PHE C 146 2.18 11.46 6.55
CA PHE C 146 1.64 10.10 6.43
C PHE C 146 1.65 9.39 7.79
N GLY C 147 1.38 10.14 8.85
CA GLY C 147 1.18 9.59 10.17
C GLY C 147 2.40 9.58 11.06
N THR C 148 3.60 9.73 10.49
CA THR C 148 4.83 9.57 11.25
C THR C 148 5.64 10.87 11.23
N ASP C 149 6.22 11.20 12.38
CA ASP C 149 7.17 12.31 12.44
C ASP C 149 8.44 11.95 11.70
N ILE C 150 9.04 12.94 11.05
CA ILE C 150 10.28 12.74 10.31
C ILE C 150 11.44 13.04 11.25
N LYS C 151 12.13 11.99 11.70
CA LYS C 151 13.16 12.15 12.72
C LYS C 151 14.39 12.86 12.17
N ASP C 152 14.78 12.55 10.93
CA ASP C 152 15.97 13.15 10.36
C ASP C 152 15.72 14.62 10.06
N PRO C 153 16.47 15.55 10.67
CA PRO C 153 16.22 16.97 10.39
C PRO C 153 16.37 17.35 8.93
N GLU C 154 17.33 16.76 8.22
CA GLU C 154 17.51 17.05 6.81
C GLU C 154 16.32 16.57 5.99
N GLU C 155 15.87 15.34 6.24
CA GLU C 155 14.72 14.80 5.52
C GLU C 155 13.46 15.59 5.84
N LYS C 156 13.27 15.97 7.10
CA LYS C 156 12.10 16.75 7.48
C LYS C 156 12.11 18.12 6.82
N ALA C 157 13.27 18.78 6.81
CA ALA C 157 13.37 20.08 6.15
C ALA C 157 13.11 19.95 4.65
N ARG C 158 13.64 18.89 4.03
CA ARG C 158 13.38 18.69 2.60
C ARG C 158 11.90 18.46 2.33
N LYS C 159 11.24 17.66 3.16
CA LYS C 159 9.81 17.41 2.96
C LYS C 159 8.99 18.67 3.16
N LEU C 160 9.33 19.49 4.16
CA LEU C 160 8.62 20.74 4.37
C LEU C 160 8.83 21.69 3.20
N ASN C 161 10.06 21.76 2.67
CA ASN C 161 10.32 22.56 1.49
C ASN C 161 9.53 22.05 0.28
N VAL C 162 9.40 20.73 0.17
CA VAL C 162 8.61 20.14 -0.90
C VAL C 162 7.16 20.56 -0.76
N GLU C 163 6.63 20.51 0.45
CA GLU C 163 5.24 20.94 0.67
C GLU C 163 5.06 22.40 0.26
N LEU C 164 5.98 23.26 0.68
CA LEU C 164 5.85 24.68 0.36
C LEU C 164 5.96 24.93 -1.14
N ASN C 165 6.95 24.31 -1.80
CA ASN C 165 7.12 24.55 -3.23
C ASN C 165 5.96 23.99 -4.04
N ASN C 166 5.47 22.81 -3.66
CA ASN C 166 4.31 22.25 -4.35
C ASN C 166 3.08 23.11 -4.10
N GLY C 167 2.94 23.67 -2.92
CA GLY C 167 1.84 24.58 -2.67
C GLY C 167 1.91 25.84 -3.51
N ARG C 168 3.11 26.40 -3.66
CA ARG C 168 3.28 27.57 -4.52
C ARG C 168 2.96 27.24 -5.97
N ALA C 169 3.47 26.11 -6.45
CA ALA C 169 3.19 25.69 -7.82
C ALA C 169 1.70 25.45 -8.01
N ALA C 170 1.03 24.87 -7.02
CA ALA C 170 -0.39 24.60 -7.13
C ALA C 170 -1.20 25.89 -7.06
N MET C 171 -0.75 26.86 -6.27
CA MET C 171 -1.42 28.16 -6.26
C MET C 171 -1.38 28.80 -7.64
N MET C 172 -0.18 28.85 -8.23
CA MET C 172 -0.06 29.39 -9.59
C MET C 172 -0.88 28.58 -10.58
N GLY C 173 -0.88 27.26 -10.43
CA GLY C 173 -1.60 26.40 -11.35
C GLY C 173 -3.11 26.56 -11.28
N ILE C 174 -3.65 26.65 -10.07
CA ILE C 174 -5.11 26.80 -9.93
C ILE C 174 -5.52 28.18 -10.40
N MET C 175 -4.72 29.21 -10.15
CA MET C 175 -5.03 30.52 -10.70
C MET C 175 -5.01 30.48 -12.22
N GLY C 176 -4.02 29.83 -12.80
CA GLY C 176 -3.96 29.73 -14.25
C GLY C 176 -5.12 28.96 -14.84
N ASN C 177 -5.50 27.87 -14.18
CA ASN C 177 -6.62 27.07 -14.65
C ASN C 177 -7.91 27.88 -14.64
N MET C 178 -8.17 28.57 -13.52
CA MET C 178 -9.39 29.37 -13.43
C MET C 178 -9.39 30.51 -14.45
N VAL C 179 -8.26 31.19 -14.60
CA VAL C 179 -8.19 32.30 -15.54
C VAL C 179 -8.39 31.81 -16.97
N ALA C 180 -7.74 30.70 -17.33
CA ALA C 180 -7.88 30.16 -18.68
C ALA C 180 -9.32 29.73 -18.94
N GLU C 181 -9.97 29.13 -17.95
CA GLU C 181 -11.36 28.72 -18.15
C GLU C 181 -12.27 29.93 -18.31
N VAL C 182 -12.08 30.96 -17.50
CA VAL C 182 -12.94 32.13 -17.55
C VAL C 182 -12.70 32.94 -18.84
N LEU C 183 -11.50 32.90 -19.38
CA LEU C 183 -11.22 33.63 -20.62
C LEU C 183 -11.58 32.86 -21.87
N THR C 184 -11.18 31.59 -21.98
CA THR C 184 -11.57 30.80 -23.14
C THR C 184 -13.06 30.49 -23.13
N GLY C 185 -13.64 30.33 -21.95
CA GLY C 185 -15.02 29.96 -21.81
C GLY C 185 -15.30 28.48 -21.75
N GLN C 186 -14.27 27.65 -21.71
CA GLN C 186 -14.41 26.21 -21.71
C GLN C 186 -13.69 25.63 -20.51
N THR C 187 -14.22 24.52 -20.00
CA THR C 187 -13.54 23.79 -18.95
C THR C 187 -12.25 23.19 -19.51
N MET C 188 -11.42 22.64 -18.62
CA MET C 188 -10.17 22.05 -19.06
C MET C 188 -10.41 20.89 -20.00
N TYR C 189 -11.40 20.06 -19.72
CA TYR C 189 -11.72 18.95 -20.62
C TYR C 189 -12.16 19.46 -21.98
N GLU C 190 -13.03 20.46 -22.00
CA GLU C 190 -13.50 20.99 -23.28
C GLU C 190 -12.38 21.70 -24.02
N GLN C 191 -11.50 22.38 -23.29
CA GLN C 191 -10.37 23.05 -23.93
C GLN C 191 -9.42 22.05 -24.56
N TYR C 192 -9.11 20.96 -23.86
CA TYR C 192 -8.18 19.98 -24.39
C TYR C 192 -8.79 19.17 -25.52
N ALA C 193 -10.06 18.77 -25.37
CA ALA C 193 -10.71 17.93 -26.36
C ALA C 193 -10.92 18.64 -27.69
N SER C 194 -11.01 19.97 -27.69
CA SER C 194 -11.19 20.72 -28.91
C SER C 194 -9.88 21.17 -29.54
N GLY C 195 -8.74 20.87 -28.92
CA GLY C 195 -7.48 21.31 -29.46
C GLY C 195 -7.24 22.79 -29.32
N HIS C 196 -7.91 23.46 -28.39
CA HIS C 196 -7.79 24.90 -28.18
C HIS C 196 -6.73 25.23 -27.14
N ILE C 197 -5.71 24.37 -27.01
CA ILE C 197 -4.66 24.62 -26.04
C ILE C 197 -3.79 25.80 -26.46
N SER C 198 -3.50 25.90 -27.75
CA SER C 198 -2.67 27.01 -28.22
C SER C 198 -3.50 28.30 -28.25
N PRO C 199 -3.10 29.35 -27.55
CA PRO C 199 -3.85 30.61 -27.60
C PRO C 199 -3.79 31.30 -28.95
N PHE C 200 -2.82 30.95 -29.79
CA PHE C 200 -2.69 31.57 -31.11
C PHE C 200 -2.26 30.54 -32.15
N SER D 31 32.61 5.06 1.45
CA SER D 31 31.96 3.75 1.43
C SER D 31 31.43 3.43 0.05
N GLU D 32 31.60 4.36 -0.89
CA GLU D 32 31.12 4.14 -2.24
C GLU D 32 31.95 3.10 -2.98
N ILE D 33 33.25 3.03 -2.71
CA ILE D 33 34.10 2.09 -3.43
C ILE D 33 33.82 0.66 -2.98
N GLU D 34 33.18 0.48 -1.83
CA GLU D 34 32.76 -0.85 -1.40
C GLU D 34 31.44 -1.28 -2.02
N LEU D 35 30.69 -0.36 -2.60
CA LEU D 35 29.41 -0.71 -3.20
C LEU D 35 29.60 -1.39 -4.55
N GLY D 36 28.70 -2.31 -4.86
CA GLY D 36 28.80 -3.08 -6.08
C GLY D 36 29.71 -4.28 -5.99
N VAL D 37 30.40 -4.47 -4.86
CA VAL D 37 31.22 -5.64 -4.62
C VAL D 37 30.33 -6.68 -3.96
N THR D 38 29.93 -7.70 -4.71
CA THR D 38 28.98 -8.69 -4.25
C THR D 38 29.42 -10.05 -4.76
N GLU D 39 28.96 -11.10 -4.07
CA GLU D 39 29.23 -12.45 -4.52
C GLU D 39 28.55 -12.71 -5.86
N PRO D 40 29.09 -13.62 -6.68
CA PRO D 40 30.28 -14.43 -6.41
C PRO D 40 31.58 -13.79 -6.92
N LEU D 41 31.50 -12.61 -7.52
CA LEU D 41 32.66 -12.02 -8.16
C LEU D 41 33.50 -11.15 -7.22
N GLY D 42 32.90 -10.61 -6.17
CA GLY D 42 33.65 -9.72 -5.30
C GLY D 42 34.04 -8.46 -6.05
N VAL D 43 35.26 -7.98 -5.79
CA VAL D 43 35.77 -6.80 -6.48
C VAL D 43 36.20 -7.26 -7.88
N TYR D 44 35.32 -7.07 -8.85
CA TYR D 44 35.53 -7.58 -10.21
C TYR D 44 36.02 -6.43 -11.09
N ASP D 45 37.34 -6.38 -11.29
CA ASP D 45 37.96 -5.38 -12.15
C ASP D 45 38.88 -6.11 -13.11
N PRO D 46 38.31 -6.76 -14.14
CA PRO D 46 39.15 -7.58 -15.03
C PRO D 46 40.23 -6.81 -15.76
N LEU D 47 39.95 -5.56 -16.15
CA LEU D 47 40.94 -4.74 -16.84
C LEU D 47 41.76 -3.89 -15.89
N GLY D 48 41.52 -4.01 -14.58
CA GLY D 48 42.33 -3.33 -13.59
C GLY D 48 42.33 -1.82 -13.68
N TRP D 49 41.15 -1.21 -13.61
CA TRP D 49 41.04 0.25 -13.63
C TRP D 49 40.75 0.86 -12.28
N LEU D 50 40.42 0.06 -11.26
CA LEU D 50 40.25 0.60 -9.92
C LEU D 50 41.57 1.15 -9.37
N GLU D 51 42.66 0.42 -9.59
CA GLU D 51 43.97 0.86 -9.12
C GLU D 51 44.72 1.67 -10.16
N SER D 52 44.45 1.44 -11.45
CA SER D 52 45.13 2.20 -12.49
C SER D 52 44.66 3.65 -12.52
N GLU D 53 43.35 3.87 -12.36
CA GLU D 53 42.76 5.21 -12.38
C GLU D 53 41.88 5.38 -11.15
N PRO D 54 42.49 5.52 -9.97
CA PRO D 54 41.69 5.65 -8.75
C PRO D 54 40.82 6.88 -8.71
N GLU D 55 41.23 7.97 -9.37
CA GLU D 55 40.47 9.21 -9.31
C GLU D 55 39.25 9.21 -10.22
N ALA D 56 39.17 8.32 -11.19
CA ALA D 56 38.06 8.27 -12.13
C ALA D 56 36.91 7.41 -11.65
N PHE D 57 37.09 6.70 -10.53
CA PHE D 57 36.06 5.78 -10.07
C PHE D 57 34.78 6.50 -9.68
N GLU D 58 34.87 7.71 -9.13
CA GLU D 58 33.66 8.40 -8.72
C GLU D 58 32.73 8.63 -9.90
N ARG D 59 33.26 9.18 -11.00
CA ARG D 59 32.41 9.41 -12.15
C ARG D 59 32.07 8.11 -12.86
N ARG D 60 32.95 7.12 -12.84
CA ARG D 60 32.60 5.85 -13.47
C ARG D 60 31.45 5.17 -12.75
N ARG D 61 31.44 5.22 -11.42
CA ARG D 61 30.32 4.67 -10.67
C ARG D 61 29.06 5.52 -10.86
N ALA D 62 29.22 6.83 -11.01
CA ALA D 62 28.07 7.67 -11.33
C ALA D 62 27.46 7.26 -12.67
N VAL D 63 28.31 7.03 -13.66
CA VAL D 63 27.84 6.60 -14.97
C VAL D 63 27.18 5.22 -14.89
N GLU D 64 27.80 4.31 -14.14
CA GLU D 64 27.23 2.97 -13.99
C GLU D 64 25.85 3.02 -13.34
N ARG D 65 25.71 3.83 -12.28
CA ARG D 65 24.43 3.93 -11.59
C ARG D 65 23.38 4.60 -12.48
N LYS D 66 23.77 5.63 -13.22
CA LYS D 66 22.84 6.30 -14.14
C LYS D 66 22.36 5.33 -15.21
N HIS D 67 23.28 4.57 -15.80
CA HIS D 67 22.91 3.59 -16.81
C HIS D 67 22.03 2.50 -16.20
N GLY D 68 22.33 2.09 -14.98
CA GLY D 68 21.51 1.08 -14.34
C GLY D 68 20.08 1.54 -14.14
N ARG D 69 19.90 2.76 -13.65
CA ARG D 69 18.55 3.29 -13.45
C ARG D 69 17.83 3.41 -14.78
N VAL D 70 18.50 3.97 -15.79
CA VAL D 70 17.88 4.15 -17.09
C VAL D 70 17.49 2.81 -17.69
N ALA D 71 18.37 1.82 -17.59
CA ALA D 71 18.10 0.51 -18.17
C ALA D 71 17.01 -0.24 -17.41
N MET D 72 16.95 -0.07 -16.09
CA MET D 72 15.85 -0.68 -15.33
C MET D 72 14.51 -0.10 -15.79
N ALA D 73 14.45 1.23 -15.94
CA ALA D 73 13.23 1.85 -16.43
C ALA D 73 12.90 1.35 -17.84
N ALA D 74 13.92 1.23 -18.70
CA ALA D 74 13.69 0.76 -20.06
C ALA D 74 13.19 -0.67 -20.11
N VAL D 75 13.74 -1.54 -19.26
CA VAL D 75 13.29 -2.93 -19.25
C VAL D 75 11.86 -3.03 -18.76
N VAL D 76 11.51 -2.29 -17.71
CA VAL D 76 10.12 -2.27 -17.27
C VAL D 76 9.22 -1.74 -18.39
N GLY D 77 9.70 -0.74 -19.12
CA GLY D 77 8.90 -0.20 -20.21
C GLY D 77 8.66 -1.21 -21.30
N THR D 78 9.70 -1.97 -21.69
CA THR D 78 9.52 -2.99 -22.71
C THR D 78 8.56 -4.07 -22.25
N ILE D 79 8.67 -4.48 -20.99
CA ILE D 79 7.76 -5.50 -20.45
C ILE D 79 6.32 -4.99 -20.46
N VAL D 80 6.12 -3.73 -20.11
CA VAL D 80 4.78 -3.14 -20.17
C VAL D 80 4.29 -3.08 -21.61
N HIS D 81 5.13 -2.67 -22.54
CA HIS D 81 4.72 -2.53 -23.93
C HIS D 81 4.26 -3.85 -24.50
N ASN D 82 5.09 -4.89 -24.37
CA ASN D 82 4.77 -6.15 -25.02
C ASN D 82 3.63 -6.90 -24.35
N ASN D 83 3.19 -6.45 -23.17
CA ASN D 83 1.94 -6.92 -22.59
C ASN D 83 0.75 -6.09 -23.04
N HIS D 84 0.97 -5.13 -23.94
CA HIS D 84 -0.09 -4.30 -24.50
C HIS D 84 -0.87 -3.56 -23.42
N ILE D 85 -0.16 -3.14 -22.38
CA ILE D 85 -0.73 -2.25 -21.37
C ILE D 85 -0.50 -0.84 -21.90
N VAL D 86 -1.48 -0.35 -22.67
CA VAL D 86 -1.36 0.94 -23.33
C VAL D 86 -2.47 1.86 -22.82
N PHE D 87 -2.24 3.16 -22.98
CA PHE D 87 -3.25 4.13 -22.64
C PHE D 87 -4.37 4.11 -23.68
N ASP D 88 -5.56 4.51 -23.26
CA ASP D 88 -6.72 4.57 -24.14
C ASP D 88 -6.89 5.99 -24.63
N GLY D 89 -6.87 6.18 -25.93
CA GLY D 89 -7.03 7.48 -26.52
C GLY D 89 -6.02 7.72 -27.61
N TYR D 90 -5.75 8.98 -27.86
CA TYR D 90 -4.84 9.41 -28.92
C TYR D 90 -3.61 10.05 -28.31
N LEU D 91 -2.43 9.56 -28.69
CA LEU D 91 -1.20 10.23 -28.31
C LEU D 91 -1.10 11.61 -28.96
N SER D 92 -1.46 11.69 -30.24
CA SER D 92 -1.42 12.95 -30.99
C SER D 92 -2.65 13.02 -31.88
N PRO D 93 -3.74 13.61 -31.39
CA PRO D 93 -4.96 13.68 -32.20
C PRO D 93 -4.76 14.41 -33.51
N SER D 94 -3.90 15.42 -33.55
CA SER D 94 -3.63 16.11 -34.81
C SER D 94 -3.02 15.17 -35.84
N ASN D 95 -2.13 14.28 -35.40
CA ASN D 95 -1.54 13.28 -36.26
C ASN D 95 -2.41 12.05 -36.41
N ASN D 96 -3.57 12.00 -35.75
CA ASN D 96 -4.46 10.84 -35.77
C ASN D 96 -3.72 9.58 -35.33
N LEU D 97 -2.91 9.73 -34.30
CA LEU D 97 -2.01 8.68 -33.82
C LEU D 97 -2.48 8.22 -32.45
N LYS D 98 -3.06 7.03 -32.39
CA LYS D 98 -3.50 6.47 -31.12
C LYS D 98 -2.32 5.88 -30.36
N PHE D 99 -2.52 5.67 -29.06
CA PHE D 99 -1.49 5.02 -28.25
C PHE D 99 -1.25 3.59 -28.73
N SER D 100 -2.32 2.88 -29.09
CA SER D 100 -2.17 1.51 -29.56
C SER D 100 -1.47 1.42 -30.91
N ASP D 101 -1.40 2.52 -31.66
CA ASP D 101 -0.70 2.51 -32.94
C ASP D 101 0.82 2.52 -32.76
N ILE D 102 1.30 2.92 -31.60
CA ILE D 102 2.76 2.98 -31.38
C ILE D 102 3.30 1.55 -31.26
N PRO D 103 4.28 1.17 -32.08
CA PRO D 103 4.83 -0.20 -31.96
C PRO D 103 5.47 -0.43 -30.60
N THR D 104 5.38 -1.67 -30.15
CA THR D 104 5.91 -2.04 -28.83
C THR D 104 7.39 -2.38 -28.86
N GLY D 105 8.03 -2.38 -30.02
CA GLY D 105 9.43 -2.68 -30.14
C GLY D 105 10.30 -1.44 -30.12
N VAL D 106 11.45 -1.54 -30.79
CA VAL D 106 12.41 -0.44 -30.80
C VAL D 106 11.94 0.74 -31.64
N ASP D 107 10.88 0.58 -32.43
CA ASP D 107 10.36 1.66 -33.26
C ASP D 107 9.35 2.52 -32.53
N GLY D 108 9.04 2.19 -31.27
CA GLY D 108 8.05 2.97 -30.55
C GLY D 108 8.44 4.41 -30.35
N ILE D 109 9.70 4.64 -29.94
CA ILE D 109 10.16 6.01 -29.75
C ILE D 109 10.25 6.75 -31.07
N ARG D 110 10.47 6.04 -32.18
CA ARG D 110 10.50 6.67 -33.49
C ARG D 110 9.11 7.04 -33.98
N ALA D 111 8.09 6.30 -33.56
CA ALA D 111 6.72 6.60 -33.99
C ALA D 111 6.15 7.86 -33.35
N ILE D 112 6.73 8.32 -32.24
CA ILE D 112 6.20 9.50 -31.55
C ILE D 112 6.39 10.73 -32.43
N PRO D 113 5.42 11.65 -32.48
CA PRO D 113 5.61 12.87 -33.26
C PRO D 113 6.76 13.71 -32.73
N THR D 114 7.34 14.50 -33.63
CA THR D 114 8.53 15.28 -33.28
C THR D 114 8.25 16.26 -32.15
N ALA D 115 7.04 16.84 -32.13
CA ALA D 115 6.69 17.74 -31.04
C ALA D 115 6.65 16.99 -29.71
N GLY D 116 6.17 15.75 -29.71
CA GLY D 116 6.16 14.97 -28.49
C GLY D 116 7.57 14.65 -28.00
N LEU D 117 8.46 14.31 -28.93
CA LEU D 117 9.85 14.08 -28.56
C LEU D 117 10.47 15.35 -28.01
N ALA D 118 10.12 16.50 -28.59
CA ALA D 118 10.63 17.76 -28.06
C ALA D 118 10.14 18.01 -26.65
N GLN D 119 8.87 17.69 -26.36
CA GLN D 119 8.36 17.87 -25.01
C GLN D 119 9.06 16.94 -24.03
N ILE D 120 9.28 15.69 -24.42
CA ILE D 120 9.98 14.74 -23.55
C ILE D 120 11.40 15.25 -23.28
N LEU D 121 12.08 15.70 -24.32
CA LEU D 121 13.44 16.21 -24.16
C LEU D 121 13.48 17.44 -23.27
N ALA D 122 12.53 18.36 -23.41
CA ALA D 122 12.52 19.54 -22.56
C ALA D 122 12.29 19.15 -21.10
N PHE D 123 11.33 18.26 -20.85
CA PHE D 123 11.06 17.85 -19.47
C PHE D 123 12.28 17.19 -18.85
N PHE D 124 12.96 16.32 -19.60
CA PHE D 124 14.12 15.67 -19.02
C PHE D 124 15.34 16.55 -18.98
N ALA D 125 15.42 17.59 -19.82
CA ALA D 125 16.44 18.61 -19.61
C ALA D 125 16.23 19.31 -18.29
N LEU D 126 14.98 19.68 -18.00
CA LEU D 126 14.68 20.28 -16.69
C LEU D 126 15.08 19.35 -15.57
N VAL D 127 14.70 18.07 -15.66
CA VAL D 127 15.05 17.11 -14.62
C VAL D 127 16.56 17.02 -14.47
N GLU D 128 17.26 16.59 -15.52
CA GLU D 128 18.68 16.30 -15.51
C GLU D 128 19.57 17.51 -15.28
N LEU D 129 19.03 18.73 -15.38
CA LEU D 129 19.84 19.91 -15.10
C LEU D 129 19.47 20.62 -13.81
N ALA D 130 18.24 20.47 -13.33
CA ALA D 130 17.80 21.18 -12.15
C ALA D 130 17.37 20.26 -11.03
N TRP D 131 16.46 19.32 -11.29
CA TRP D 131 15.81 18.62 -10.19
C TRP D 131 16.66 17.47 -9.67
N MET D 132 17.17 16.64 -10.57
CA MET D 132 18.10 15.58 -10.23
C MET D 132 19.28 15.69 -11.17
N PRO D 133 20.18 16.64 -10.93
CA PRO D 133 21.26 16.91 -11.88
C PRO D 133 22.14 15.69 -12.09
N ALA D 134 22.54 15.46 -13.34
CA ALA D 134 23.47 14.38 -13.63
C ALA D 134 24.86 14.69 -13.13
N SER D 135 25.16 15.96 -12.84
CA SER D 135 26.46 16.34 -12.31
C SER D 135 26.68 15.88 -10.88
N LYS D 136 25.64 15.45 -10.18
CA LYS D 136 25.76 14.97 -8.81
C LYS D 136 26.17 13.51 -8.88
N TYR D 137 27.46 13.24 -8.74
CA TYR D 137 27.99 11.91 -9.01
C TYR D 137 27.62 10.88 -7.95
N ASP D 138 27.33 11.31 -6.72
CA ASP D 138 26.89 10.34 -5.72
C ASP D 138 25.50 9.79 -6.01
N GLY D 139 24.76 10.44 -6.90
CA GLY D 139 23.43 10.00 -7.25
C GLY D 139 22.40 10.14 -6.15
N ASP D 140 22.71 10.89 -5.10
CA ASP D 140 21.82 11.05 -3.95
C ASP D 140 21.09 12.39 -4.10
N TYR D 141 19.82 12.31 -4.51
CA TYR D 141 19.02 13.50 -4.75
C TYR D 141 18.04 13.80 -3.63
N GLY D 142 18.20 13.16 -2.48
CA GLY D 142 17.37 13.43 -1.33
C GLY D 142 16.07 12.65 -1.26
N VAL D 143 15.75 11.88 -2.29
CA VAL D 143 14.51 11.11 -2.26
C VAL D 143 14.66 9.83 -1.46
N GLY D 144 15.88 9.35 -1.26
CA GLY D 144 16.05 8.15 -0.47
C GLY D 144 15.45 6.93 -1.15
N TYR D 145 15.28 5.88 -0.35
CA TYR D 145 14.65 4.65 -0.81
C TYR D 145 13.20 4.67 -0.36
N PHE D 146 12.30 4.93 -1.31
CA PHE D 146 10.88 5.10 -1.02
C PHE D 146 10.65 6.18 0.02
N GLY D 147 11.44 7.26 -0.08
CA GLY D 147 11.23 8.44 0.72
C GLY D 147 12.01 8.50 2.01
N THR D 148 12.56 7.38 2.48
CA THR D 148 13.18 7.31 3.79
C THR D 148 14.65 6.92 3.65
N ASP D 149 15.50 7.57 4.43
CA ASP D 149 16.89 7.16 4.53
C ASP D 149 16.99 5.82 5.25
N ILE D 150 17.96 5.01 4.83
CA ILE D 150 18.18 3.70 5.44
C ILE D 150 19.21 3.89 6.55
N LYS D 151 18.75 3.84 7.80
CA LYS D 151 19.62 4.14 8.93
C LYS D 151 20.66 3.04 9.15
N ASP D 152 20.26 1.78 9.00
CA ASP D 152 21.19 0.68 9.24
C ASP D 152 22.24 0.64 8.14
N PRO D 153 23.53 0.80 8.47
CA PRO D 153 24.55 0.78 7.41
C PRO D 153 24.58 -0.51 6.60
N GLU D 154 24.35 -1.65 7.25
CA GLU D 154 24.33 -2.92 6.53
C GLU D 154 23.16 -2.99 5.56
N GLU D 155 21.97 -2.60 6.02
CA GLU D 155 20.80 -2.61 5.15
C GLU D 155 20.96 -1.62 4.00
N LYS D 156 21.51 -0.44 4.29
CA LYS D 156 21.72 0.55 3.23
C LYS D 156 22.72 0.06 2.20
N ALA D 157 23.82 -0.55 2.67
CA ALA D 157 24.81 -1.09 1.73
C ALA D 157 24.19 -2.20 0.90
N ARG D 158 23.38 -3.06 1.51
CA ARG D 158 22.75 -4.13 0.74
C ARG D 158 21.80 -3.58 -0.29
N LYS D 159 21.01 -2.56 0.06
CA LYS D 159 20.08 -1.97 -0.89
C LYS D 159 20.82 -1.29 -2.04
N LEU D 160 21.92 -0.59 -1.75
CA LEU D 160 22.70 0.03 -2.80
C LEU D 160 23.32 -1.02 -3.72
N ASN D 161 23.82 -2.12 -3.15
CA ASN D 161 24.32 -3.21 -3.97
C ASN D 161 23.21 -3.82 -4.83
N VAL D 162 22.01 -3.92 -4.27
CA VAL D 162 20.87 -4.41 -5.04
C VAL D 162 20.58 -3.49 -6.22
N GLU D 163 20.60 -2.19 -5.98
CA GLU D 163 20.37 -1.23 -7.06
C GLU D 163 21.42 -1.40 -8.15
N LEU D 164 22.69 -1.50 -7.76
CA LEU D 164 23.75 -1.63 -8.75
C LEU D 164 23.65 -2.94 -9.53
N ASN D 165 23.41 -4.06 -8.84
CA ASN D 165 23.33 -5.34 -9.53
C ASN D 165 22.11 -5.41 -10.44
N ASN D 166 20.98 -4.89 -9.98
CA ASN D 166 19.80 -4.87 -10.83
C ASN D 166 20.00 -3.95 -12.03
N GLY D 167 20.73 -2.85 -11.84
CA GLY D 167 21.04 -2.00 -12.97
C GLY D 167 21.93 -2.68 -13.99
N ARG D 168 22.93 -3.44 -13.51
CA ARG D 168 23.78 -4.19 -14.43
C ARG D 168 22.99 -5.24 -15.18
N ALA D 169 22.15 -5.98 -14.46
CA ALA D 169 21.31 -7.01 -15.09
C ALA D 169 20.36 -6.38 -16.10
N ALA D 170 19.81 -5.21 -15.78
CA ALA D 170 18.90 -4.54 -16.69
C ALA D 170 19.62 -3.98 -17.90
N MET D 171 20.85 -3.52 -17.72
CA MET D 171 21.65 -3.08 -18.86
C MET D 171 21.86 -4.23 -19.84
N MET D 172 22.32 -5.37 -19.33
CA MET D 172 22.51 -6.53 -20.20
C MET D 172 21.18 -6.96 -20.82
N GLY D 173 20.10 -6.91 -20.03
CA GLY D 173 18.80 -7.34 -20.53
C GLY D 173 18.26 -6.45 -21.64
N ILE D 174 18.37 -5.12 -21.47
CA ILE D 174 17.86 -4.22 -22.50
C ILE D 174 18.70 -4.32 -23.75
N MET D 175 20.03 -4.48 -23.60
CA MET D 175 20.86 -4.71 -24.78
C MET D 175 20.45 -5.99 -25.49
N GLY D 176 20.22 -7.06 -24.73
CA GLY D 176 19.81 -8.32 -25.35
C GLY D 176 18.46 -8.22 -26.03
N ASN D 177 17.52 -7.51 -25.40
CA ASN D 177 16.20 -7.33 -25.99
C ASN D 177 16.29 -6.59 -27.31
N MET D 178 17.03 -5.48 -27.33
CA MET D 178 17.17 -4.70 -28.55
C MET D 178 17.87 -5.49 -29.65
N VAL D 179 18.94 -6.21 -29.29
CA VAL D 179 19.68 -6.98 -30.28
C VAL D 179 18.81 -8.09 -30.85
N ALA D 180 18.08 -8.79 -29.99
CA ALA D 180 17.20 -9.87 -30.45
C ALA D 180 16.11 -9.33 -31.36
N GLU D 181 15.53 -8.19 -31.00
CA GLU D 181 14.49 -7.62 -31.86
C GLU D 181 15.06 -7.21 -33.21
N VAL D 182 16.26 -6.61 -33.22
CA VAL D 182 16.86 -6.16 -34.47
C VAL D 182 17.26 -7.33 -35.36
N LEU D 183 17.72 -8.42 -34.78
CA LEU D 183 18.14 -9.58 -35.58
C LEU D 183 16.98 -10.45 -36.02
N THR D 184 16.09 -10.83 -35.11
CA THR D 184 14.92 -11.62 -35.51
C THR D 184 13.98 -10.81 -36.38
N GLY D 185 13.85 -9.51 -36.11
CA GLY D 185 12.94 -8.66 -36.83
C GLY D 185 11.57 -8.52 -36.21
N GLN D 186 11.35 -9.10 -35.04
CA GLN D 186 10.06 -9.09 -34.38
C GLN D 186 10.20 -8.49 -33.00
N THR D 187 9.15 -7.83 -32.54
CA THR D 187 9.11 -7.36 -31.16
C THR D 187 9.07 -8.55 -30.21
N MET D 188 9.20 -8.28 -28.92
CA MET D 188 9.17 -9.35 -27.94
C MET D 188 7.84 -10.09 -27.96
N TYR D 189 6.74 -9.35 -28.08
CA TYR D 189 5.43 -9.99 -28.14
C TYR D 189 5.32 -10.86 -29.38
N GLU D 190 5.75 -10.36 -30.54
CA GLU D 190 5.67 -11.15 -31.76
C GLU D 190 6.60 -12.35 -31.70
N GLN D 191 7.77 -12.18 -31.09
CA GLN D 191 8.70 -13.29 -30.96
C GLN D 191 8.14 -14.39 -30.08
N TYR D 192 7.54 -14.01 -28.95
CA TYR D 192 7.00 -15.02 -28.03
C TYR D 192 5.75 -15.67 -28.60
N ALA D 193 4.86 -14.88 -29.20
CA ALA D 193 3.59 -15.39 -29.70
C ALA D 193 3.76 -16.36 -30.86
N SER D 194 4.85 -16.25 -31.63
CA SER D 194 5.10 -17.14 -32.74
C SER D 194 5.93 -18.35 -32.34
N GLY D 195 6.28 -18.49 -31.07
CA GLY D 195 7.12 -19.59 -30.64
C GLY D 195 8.51 -19.57 -31.22
N HIS D 196 9.08 -18.38 -31.40
CA HIS D 196 10.41 -18.21 -31.96
C HIS D 196 11.45 -17.99 -30.88
N ILE D 197 11.27 -18.65 -29.73
CA ILE D 197 12.22 -18.50 -28.63
C ILE D 197 13.56 -19.13 -28.99
N SER D 198 13.53 -20.33 -29.55
CA SER D 198 14.76 -21.04 -29.87
C SER D 198 15.42 -20.43 -31.10
N PRO D 199 16.67 -19.95 -31.01
CA PRO D 199 17.35 -19.43 -32.21
C PRO D 199 17.65 -20.49 -33.25
N PHE D 200 17.63 -21.77 -32.88
CA PHE D 200 17.92 -22.85 -33.81
C PHE D 200 16.92 -23.98 -33.68
C A86 E . -5.06 -37.76 13.96
O A86 E . -1.70 -25.13 15.55
C1 A86 E . -5.51 -37.12 12.68
C10 A86 E . -2.03 -28.37 14.89
C11 A86 E . -1.78 -27.15 14.43
C12 A86 E . -2.15 -26.73 13.05
C13 A86 E . -1.17 -26.21 15.37
C14 A86 E . 0.13 -26.56 16.04
C15 A86 E . 0.25 -25.35 16.98
C16 A86 E . -0.13 -25.61 18.43
C17 A86 E . 0.03 -24.34 19.25
C18 A86 E . 1.47 -23.85 19.24
C19 A86 E . 1.92 -23.56 17.82
C2 A86 E . -5.27 -35.83 12.45
C20 A86 E . 0.94 -24.01 16.74
C21 A86 E . 0.73 -23.00 15.63
C22 A86 E . 0.76 -26.73 18.98
C23 A86 E . -1.56 -26.07 18.58
C24 A86 E . -6.19 -37.93 11.66
C25 A86 E . -6.41 -39.23 11.86
C26 A86 E . -7.08 -40.00 10.83
C27 A86 E . -7.32 -41.31 11.03
C28 A86 E . -6.89 -41.98 12.30
C29 A86 E . -8.01 -42.09 9.98
C3 A86 E . -4.60 -35.00 13.44
C30 A86 E . -8.46 -43.20 9.58
C31 A86 E . -8.92 -44.28 9.15
C32 A86 E . -9.46 -45.31 10.11
C33 A86 E . -8.91 -46.67 9.71
C34 A86 E . -9.25 -46.99 8.26
C35 A86 E . -8.52 -45.99 7.38
C36 A86 E . -8.92 -44.55 7.65
C37 A86 E . -7.95 -43.61 6.95
C38 A86 E . -8.58 -49.34 6.93
C39 A86 E . -9.07 -49.13 5.53
C4 A86 E . -4.38 -33.73 13.16
C40 A86 E . -10.98 -45.29 10.00
C41 A86 E . -9.03 -44.98 11.53
C5 A86 E . -3.72 -32.83 14.09
C6 A86 E . -3.51 -31.57 13.71
C7 A86 E . -3.98 -31.11 12.38
C8 A86 E . -2.86 -30.59 14.58
C9 A86 E . -2.67 -29.38 14.07
O1 A86 E . 1.41 -25.23 16.16
O2 A86 E . 1.54 -22.65 20.01
O3 A86 E . -10.23 -44.32 7.13
O4 A86 E . -8.78 -48.29 7.91
O5 A86 E . -8.04 -50.37 7.28
C A86 F . 6.43 -18.55 -14.11
O A86 F . 7.66 -23.25 -2.05
C1 A86 F . 5.87 -19.91 -14.38
C10 A86 F . 7.65 -22.60 -5.32
C11 A86 F . 7.84 -23.49 -4.34
C12 A86 F . 7.56 -24.95 -4.57
C13 A86 F . 8.31 -23.02 -3.06
C14 A86 F . 9.61 -22.27 -2.97
C15 A86 F . 10.60 -21.55 -2.07
C16 A86 F . 10.03 -20.44 -1.18
C17 A86 F . 11.14 -19.82 -0.34
C18 A86 F . 11.81 -20.88 0.54
C19 A86 F . 12.45 -21.94 -0.35
C2 A86 F . 5.83 -20.83 -13.42
C20 A86 F . 12.08 -21.76 -1.82
C21 A86 F . 13.26 -21.62 -2.77
C22 A86 F . 8.97 -21.03 -0.27
C23 A86 F . 9.41 -19.38 -2.06
C24 A86 F . 5.36 -20.27 -15.72
C25 A86 F . 5.36 -19.40 -16.72
C26 A86 F . 4.82 -19.85 -18.00
C27 A86 F . 4.79 -19.03 -19.05
C28 A86 F . 5.31 -17.63 -18.92
C29 A86 F . 4.24 -19.52 -20.33
C3 A86 F . 6.30 -20.57 -12.07
C30 A86 F . 4.29 -18.57 -21.15
C31 A86 F . 3.95 -18.14 -22.28
C32 A86 F . 4.97 -18.17 -23.39
C33 A86 F . 4.86 -16.91 -24.23
C34 A86 F . 3.45 -16.75 -24.74
C35 A86 F . 2.55 -16.50 -23.53
C36 A86 F . 2.54 -17.63 -22.52
C37 A86 F . 1.95 -17.13 -21.21
C38 A86 F . 2.10 -15.21 -26.18
C39 A86 F . 1.55 -13.84 -25.90
C4 A86 F . 6.21 -21.55 -11.18
C40 A86 F . 4.65 -19.38 -24.23
C41 A86 F . 6.36 -18.28 -22.80
C5 A86 F . 6.67 -21.33 -9.82
C6 A86 F . 6.62 -22.31 -8.91
C7 A86 F . 6.07 -23.66 -9.25
C8 A86 F . 7.10 -22.04 -7.55
C9 A86 F . 7.16 -22.98 -6.63
O1 A86 F . 11.23 -22.81 -2.26
O2 A86 F . 12.80 -20.26 1.36
O3 A86 F . 1.72 -18.69 -23.01
O4 A86 F . 3.36 -15.62 -25.59
O5 A86 F . 1.52 -16.01 -26.89
C A86 G . 3.98 -32.27 8.72
O A86 G . 3.98 -28.70 -3.65
C1 A86 G . 5.37 -31.73 8.78
C10 A86 G . 4.14 -29.03 -0.32
C11 A86 G . 4.33 -28.29 -1.42
C12 A86 G . 5.45 -27.30 -1.48
C13 A86 G . 3.47 -28.48 -2.57
C14 A86 G . 1.97 -28.35 -2.45
C15 A86 G . 1.56 -28.61 -3.89
C16 A86 G . 1.04 -29.97 -4.38
C17 A86 G . 0.75 -29.85 -5.85
C18 A86 G . -0.37 -28.86 -6.12
C19 A86 G . 0.01 -27.46 -5.65
C2 A86 G . 5.93 -31.13 7.73
C20 A86 G . 0.77 -27.37 -4.32
C21 A86 G . 0.71 -25.99 -3.69
C22 A86 G . -0.21 -30.44 -3.63
C23 A86 G . 2.09 -31.07 -4.20
C24 A86 G . 6.14 -31.82 10.03
C25 A86 G . 5.63 -32.36 11.13
C26 A86 G . 6.49 -32.39 12.30
C27 A86 G . 6.07 -32.86 13.48
C28 A86 G . 4.67 -33.36 13.65
C29 A86 G . 7.01 -32.86 14.61
C3 A86 G . 5.21 -31.03 6.47
C30 A86 G . 6.59 -33.28 15.71
C31 A86 G . 6.26 -33.52 16.90
C32 A86 G . 6.37 -34.93 17.42
C33 A86 G . 5.05 -35.27 18.11
C34 A86 G . 4.77 -34.27 19.22
C35 A86 G . 4.55 -32.91 18.58
C36 A86 G . 5.75 -32.42 17.80
C37 A86 G . 5.34 -31.21 16.99
C38 A86 G . 2.45 -35.15 20.65
C39 A86 G . 1.14 -35.38 19.96
C4 A86 G . 5.75 -30.37 5.46
C40 A86 G . 7.52 -35.02 18.40
C41 A86 G . 6.61 -35.90 16.26
C5 A86 G . 5.02 -30.30 4.20
C6 A86 G . 5.47 -29.60 3.15
C7 A86 G . 6.77 -28.85 3.24
C8 A86 G . 4.69 -29.60 1.92
C9 A86 G . 5.00 -28.89 0.85
O1 A86 G . 0.28 -28.29 -3.36
O2 A86 G . -0.62 -28.80 -7.53
O3 A86 G . 6.79 -32.01 18.69
O4 A86 G . 3.57 -34.61 19.90
O5 A86 G . 2.62 -35.39 21.83
C A86 H . 1.78 -16.80 3.37
O A86 H . -6.66 -25.23 7.96
C1 A86 H . 2.17 -16.55 4.79
C10 A86 H . -3.89 -23.53 7.28
C11 A86 H . -4.48 -24.49 7.98
C12 A86 H . -4.03 -24.82 9.37
C13 A86 H . -5.59 -25.19 7.37
C14 A86 H . -5.45 -25.88 6.03
C15 A86 H . -6.86 -26.36 5.77
C16 A86 H . -7.71 -25.56 4.79
C17 A86 H . -9.09 -26.17 4.64
C18 A86 H . -9.00 -27.57 4.06
C19 A86 H . -8.22 -28.49 4.98
C2 A86 H . 1.65 -17.28 5.79
C20 A86 H . -7.01 -27.88 5.71
C21 A86 H . -6.19 -28.92 6.44
C22 A86 H . -7.03 -25.47 3.44
C23 A86 H . -7.91 -24.13 5.29
C24 A86 H . 3.14 -15.50 5.09
C25 A86 H . 3.70 -14.80 4.12
C26 A86 H . 4.65 -13.75 4.49
C27 A86 H . 5.25 -13.05 3.54
C28 A86 H . 4.99 -13.35 2.09
C29 A86 H . 6.21 -12.00 3.93
C3 A86 H . 0.67 -18.32 5.55
C30 A86 H . 7.03 -11.08 3.67
C31 A86 H . 8.12 -10.83 3.10
C32 A86 H . 8.13 -10.38 1.65
C33 A86 H . 9.02 -11.41 0.97
C34 A86 H . 10.41 -11.48 1.60
C35 A86 H . 10.27 -11.99 3.03
C36 A86 H . 9.43 -11.02 3.84
C37 A86 H . 9.20 -11.55 5.25
C38 A86 H . 11.74 -12.65 -0.43
C39 A86 H . 13.22 -12.79 -0.60
C4 A86 H . 0.23 -19.04 6.56
C40 A86 H . 8.70 -8.97 1.54
C41 A86 H . 6.73 -10.39 1.04
C5 A86 H . -0.78 -20.05 6.31
C6 A86 H . -1.25 -20.86 7.27
C7 A86 H . -0.76 -20.76 8.67
C8 A86 H . -2.31 -21.82 6.91
C9 A86 H . -2.80 -22.70 7.77
O1 A86 H . -6.18 -27.16 4.80
O2 A86 H . -10.33 -28.08 3.91
O3 A86 H . 10.14 -9.79 4.00
O4 A86 H . 11.19 -12.43 0.90
O5 A86 H . 10.96 -12.71 -1.37
C A86 I . 8.84 -39.91 7.07
O A86 I . -0.33 -39.52 -0.36
C1 A86 I . 9.36 -38.52 6.83
C10 A86 I . 1.88 -39.27 2.14
C11 A86 I . 0.88 -38.70 1.43
C12 A86 I . 0.77 -37.21 1.24
C13 A86 I . -0.11 -39.58 0.84
C14 A86 I . -0.90 -40.54 1.70
C15 A86 I . -1.86 -41.39 0.87
C16 A86 I . -1.41 -42.77 0.37
C17 A86 I . -2.53 -43.42 -0.42
C18 A86 I . -3.74 -43.68 0.46
C19 A86 I . -4.29 -42.38 1.06
C2 A86 I . 8.76 -37.72 5.94
C20 A86 I . -3.29 -41.30 1.42
C21 A86 I . -3.90 -40.10 2.14
C22 A86 I . -0.99 -43.69 1.52
C23 A86 I . -0.22 -42.64 -0.57
C24 A86 I . 10.53 -38.04 7.59
C25 A86 I . 11.64 -37.69 6.94
C26 A86 I . 12.84 -37.20 7.63
C27 A86 I . 13.56 -37.88 8.53
C28 A86 I . 13.22 -39.27 8.98
C29 A86 I . 14.74 -37.23 9.12
C3 A86 I . 7.61 -38.23 5.19
C30 A86 I . 15.53 -37.69 9.99
C31 A86 I . 16.39 -37.95 10.87
C32 A86 I . 17.59 -38.79 10.52
C33 A86 I . 17.78 -39.82 11.63
C34 A86 I . 17.90 -39.15 12.99
C35 A86 I . 16.57 -38.47 13.29
C36 A86 I . 16.21 -37.41 12.27
C37 A86 I . 14.77 -36.97 12.50
C38 A86 I . 18.27 -40.41 15.43
C39 A86 I . 18.24 -39.27 16.41
C4 A86 I . 6.94 -37.45 4.34
C40 A86 I . 18.81 -37.87 10.46
C41 A86 I . 17.38 -39.50 9.19
C5 A86 I . 5.81 -38.03 3.61
C6 A86 I . 5.05 -37.29 2.79
C7 A86 I . 5.33 -35.85 2.56
C8 A86 I . 3.94 -37.96 2.08
C9 A86 I . 3.00 -38.60 2.78
O1 A86 I . -2.21 -41.80 2.19
O2 A86 I . -4.76 -44.30 -0.32
O3 A86 I . 17.06 -36.28 12.46
O4 A86 I . 18.11 -40.12 14.01
O5 A86 I . 18.44 -41.56 15.76
C A86 J . -5.47 -12.52 5.15
O A86 J . -12.81 -22.36 1.49
C1 A86 J . -4.85 -13.45 6.16
C10 A86 J . -10.31 -20.31 2.31
C11 A86 J . -10.71 -21.56 2.07
C12 A86 J . -10.08 -22.73 2.76
C13 A86 J . -11.81 -21.77 1.13
C14 A86 J . -11.68 -21.27 -0.28
C15 A86 J . -13.05 -21.75 -0.74
C16 A86 J . -14.16 -20.72 -1.00
C17 A86 J . -15.38 -21.53 -1.44
C18 A86 J . -15.08 -22.93 -2.00
C19 A86 J . -13.91 -22.93 -2.92
C2 A86 J . -5.22 -14.73 6.21
C20 A86 J . -12.83 -22.83 -1.83
C21 A86 J . -11.89 -24.01 -1.75
C22 A86 J . -13.51 -19.89 -2.11
C23 A86 J . -14.48 -19.87 0.22
C24 A86 J . -3.85 -12.95 7.11
C25 A86 J . -3.44 -11.69 7.08
C26 A86 J . -2.44 -11.29 8.06
C27 A86 J . -1.97 -10.04 8.08
C28 A86 J . -2.46 -9.03 7.08
C29 A86 J . -0.95 -9.68 9.08
C3 A86 J . -6.22 -15.25 5.28
C30 A86 J . -0.46 -8.53 9.15
C31 A86 J . 0.18 -7.44 9.23
C32 A86 J . -0.06 -6.54 10.42
C33 A86 J . -0.29 -5.15 9.83
C34 A86 J . 0.86 -4.70 8.95
C35 A86 J . 0.87 -5.62 7.75
C36 A86 J . 1.16 -7.06 8.16
C37 A86 J . 1.04 -7.97 6.94
C38 A86 J . 1.14 -2.44 7.54
C39 A86 J . 1.67 -1.13 8.03
C4 A86 J . -6.52 -16.54 5.31
C40 A86 J . 1.16 -6.56 11.31
C41 A86 J . -1.29 -6.99 11.19
C5 A86 J . -7.53 -17.04 4.39
C6 A86 J . -7.84 -18.33 4.34
C7 A86 J . -7.17 -19.32 5.24
C8 A86 J . -8.89 -18.76 3.39
C9 A86 J . -9.24 -20.03 3.25
O1 A86 J . -12.09 -21.61 -1.79
O2 A86 J . -14.93 -23.89 -0.95
O3 A86 J . 2.50 -7.15 8.64
O4 A86 J . 0.57 -3.39 8.48
O5 A86 J . 1.20 -2.76 6.37
MG CLA K . 8.74 -28.30 15.73
CHA CLA K . 9.87 -27.17 18.80
CHB CLA K . 11.94 -28.98 14.80
CHC CLA K . 7.58 -29.33 12.67
CHD CLA K . 5.42 -27.65 16.76
NA CLA K . 10.59 -28.10 16.68
C1A CLA K . 10.85 -27.61 17.96
C2A CLA K . 12.35 -27.64 18.25
C3A CLA K . 12.97 -28.19 16.95
C4A CLA K . 11.76 -28.45 16.07
CMA CLA K . 13.89 -27.17 16.31
CAA CLA K . 12.68 -28.53 19.44
CBA CLA K . 11.90 -29.83 19.43
CGA CLA K . 12.68 -30.88 18.71
O1A CLA K . 13.88 -31.15 18.81
O2A CLA K . 11.91 -31.61 17.85
NB CLA K . 9.60 -29.00 14.04
C1B CLA K . 10.91 -29.26 13.88
C2B CLA K . 11.15 -29.86 12.55
C3B CLA K . 9.92 -29.95 11.93
C4B CLA K . 8.92 -29.41 12.88
CMB CLA K . 12.49 -30.24 12.09
CAB CLA K . 9.53 -30.47 10.64
CBB CLA K . 10.30 -30.53 9.56
NC CLA K . 6.84 -28.45 14.88
C1C CLA K . 6.59 -28.89 13.61
C2C CLA K . 5.16 -28.85 13.33
C3C CLA K . 4.55 -28.41 14.50
C4C CLA K . 5.61 -28.16 15.46
CMC CLA K . 4.53 -29.24 12.08
CAC CLA K . 3.11 -28.23 14.73
CBC CLA K . 2.49 -29.37 15.49
ND CLA K . 7.79 -27.61 17.37
C1D CLA K . 6.43 -27.37 17.65
C2D CLA K . 6.31 -26.80 19.01
C3D CLA K . 7.60 -26.68 19.49
C4D CLA K . 8.48 -27.20 18.43
CMD CLA K . 5.04 -26.44 19.63
CAD CLA K . 8.45 -26.26 20.59
OBD CLA K . 8.14 -25.77 21.67
CBD CLA K . 9.92 -26.55 20.17
CGD CLA K . 10.73 -25.29 20.15
O1D CLA K . 10.65 -24.36 19.34
O2D CLA K . 11.67 -25.21 21.13
CED CLA K . 12.61 -24.14 21.05
C1 CLA K . 12.57 -32.18 16.70
C2 CLA K . 11.50 -32.62 15.78
C3 CLA K . 11.76 -33.29 14.65
C4 CLA K . 13.15 -33.65 14.25
C5 CLA K . 10.68 -33.73 13.74
C6 CLA K . 10.63 -35.23 13.59
C7 CLA K . 9.56 -35.62 12.58
C8 CLA K . 8.86 -36.91 13.00
C9 CLA K . 9.85 -38.04 13.14
C10 CLA K . 7.78 -37.28 12.00
C11 CLA K . 6.39 -36.91 12.51
C12 CLA K . 5.38 -36.86 11.39
C13 CLA K . 3.98 -36.62 11.92
C14 CLA K . 3.06 -36.09 10.84
NB KC2 L . 9.54 -33.78 6.06
ND KC2 L . 12.81 -32.70 4.16
C1A KC2 L . 13.66 -33.43 6.98
C1B KC2 L . 9.48 -34.14 7.34
C1C KC2 L . 8.71 -33.01 3.25
C1D KC2 L . 12.96 -32.25 2.90
C2A KC2 L . 13.99 -33.77 8.36
C2B KC2 L . 8.15 -34.43 7.72
C2C KC2 L . 8.31 -32.63 1.97
C2D KC2 L . 14.31 -31.95 2.68
C3A KC2 L . 12.79 -34.11 8.96
C3B KC2 L . 7.38 -34.23 6.62
C3C KC2 L . 9.42 -32.23 1.30
C3D KC2 L . 15.00 -32.24 3.85
C4A KC2 L . 11.79 -33.99 7.99
C4B KC2 L . 8.28 -33.81 5.58
C4C KC2 L . 10.54 -32.39 2.21
C4D KC2 L . 14.03 -32.70 4.75
CAA KC2 L . 15.30 -33.78 9.02
CAB KC2 L . 5.92 -34.38 6.51
CAC KC2 L . 9.47 -31.75 -0.09
CAD KC2 L . 16.31 -32.25 4.51
CBA KC2 L . 15.84 -32.67 9.58
CBB KC2 L . 5.35 -35.58 6.60
CBC KC2 L . 9.99 -30.55 -0.35
CBD KC2 L . 16.01 -32.75 5.92
CED KC2 L . 17.09 -36.33 6.37
CGA KC2 L . 16.94 -32.85 10.45
CGD KC2 L . 16.84 -33.98 6.16
CHA KC2 L . 14.54 -33.04 5.97
CHB KC2 L . 10.47 -34.27 8.28
CHC KC2 L . 7.75 -33.51 4.27
CHD KC2 L . 11.94 -32.06 1.87
CMA KC2 L . 12.61 -34.53 10.38
CMB KC2 L . 7.67 -34.87 9.09
CMC KC2 L . 6.90 -32.64 1.43
CMD KC2 L . 14.91 -31.42 1.40
NA KC2 L . 12.30 -33.59 6.78
NC KC2 L . 10.06 -32.87 3.40
O1A KC2 L . 17.06 -33.92 11.02
O1D KC2 L . 17.98 -33.88 6.52
O2A KC2 L . 18.05 -32.11 10.25
O2D KC2 L . 16.35 -35.19 5.86
OBD KC2 L . 17.29 -31.63 4.17
MG KC2 L . 11.18 -33.28 5.08
MG CLA M . 0.76 -21.82 -7.94
CHA CLA M . -0.59 -22.05 -11.13
CHB CLA M . 2.10 -24.93 -8.31
CHC CLA M . 2.12 -21.53 -4.80
CHD CLA M . -0.65 -18.60 -7.62
NA CLA M . 0.73 -23.24 -9.48
C1A CLA M . 0.13 -23.14 -10.73
C2A CLA M . 0.37 -24.40 -11.57
C3A CLA M . 1.15 -25.31 -10.61
C4A CLA M . 1.36 -24.44 -9.37
CMA CLA M . 0.37 -26.54 -10.26
CAA CLA M . 1.20 -24.08 -12.79
CBA CLA M . 2.55 -23.51 -12.45
CGA CLA M . 2.55 -22.02 -12.47
O1A CLA M . 2.27 -21.26 -13.40
O2A CLA M . 2.92 -21.47 -11.27
NB CLA M . 1.90 -23.00 -6.78
C1B CLA M . 2.34 -24.24 -7.10
C2B CLA M . 3.14 -24.81 -5.99
C3B CLA M . 3.16 -23.86 -4.99
C4B CLA M . 2.36 -22.70 -5.48
CMB CLA M . 3.75 -26.13 -6.04
CAB CLA M . 3.78 -23.92 -3.70
CBB CLA M . 4.62 -23.01 -3.20
NC CLA M . 0.72 -20.34 -6.48
C1C CLA M . 1.36 -20.43 -5.27
C2C CLA M . 1.13 -19.21 -4.51
C3C CLA M . 0.35 -18.38 -5.30
C4C CLA M . 0.09 -19.10 -6.54
CMC CLA M . 1.66 -18.97 -3.17
CAC CLA M . -0.15 -17.04 -4.96
CBC CLA M . 0.65 -15.94 -5.63
ND CLA M . -0.38 -20.58 -9.04
C1D CLA M . -0.88 -19.27 -8.80
C2D CLA M . -1.65 -18.83 -9.99
C3D CLA M . -1.58 -19.85 -10.90
C4D CLA M . -0.77 -20.91 -10.28
CMD CLA M . -2.32 -17.54 -10.09
CAD CLA M . -1.96 -20.32 -12.22
OBD CLA M . -2.63 -19.77 -13.08
CBD CLA M . -1.32 -21.73 -12.41
CGD CLA M . -2.35 -22.78 -12.71
O1D CLA M . -2.30 -23.67 -13.55
O2D CLA M . -3.48 -22.71 -11.95
CED CLA M . -4.11 -23.93 -11.59
C1 CLA M . 2.76 -20.05 -11.12
C2 CLA M . 3.21 -19.72 -9.74
C3 CLA M . 2.97 -18.53 -9.18
C4 CLA M . 2.23 -17.47 -9.90
C5 CLA M . 3.42 -18.20 -7.80
C6 CLA M . 4.51 -19.10 -7.26
C7 CLA M . 5.28 -18.33 -6.21
C8 CLA M . 6.22 -19.21 -5.40
C9 CLA M . 5.54 -19.71 -4.15
C10 CLA M . 7.48 -18.44 -5.03
NB KC2 N . 10.40 -19.03 -19.75
ND KC2 N . 8.15 -21.88 -18.24
C1A KC2 N . 7.85 -22.05 -21.24
C1B KC2 N . 10.56 -18.79 -21.07
C1C KC2 N . 10.67 -18.84 -16.75
C1D KC2 N . 7.95 -22.22 -16.95
C2A KC2 N . 7.76 -22.10 -22.71
C2B KC2 N . 11.44 -17.70 -21.28
C2C KC2 N . 10.83 -18.76 -15.36
C2D KC2 N . 7.06 -23.30 -16.90
C3A KC2 N . 8.59 -21.10 -23.16
C3B KC2 N . 11.82 -17.27 -20.04
C3C KC2 N . 10.08 -19.76 -14.81
C3D KC2 N . 6.72 -23.61 -18.21
C4A KC2 N . 9.15 -20.47 -22.04
C4B KC2 N . 11.14 -18.12 -19.10
C4C KC2 N . 9.45 -20.47 -15.91
C4D KC2 N . 7.40 -22.70 -19.02
CAA KC2 N . 6.97 -23.03 -23.52
CAB KC2 N . 12.73 -16.15 -19.74
CAC KC2 N . 9.94 -20.02 -13.36
CAD KC2 N . 5.92 -24.49 -19.07
CBA KC2 N . 6.16 -22.66 -24.52
CBB KC2 N . 13.97 -16.39 -19.34
CBC KC2 N . 10.36 -21.16 -12.85
CBD KC2 N . 6.30 -24.09 -20.48
CED KC2 N . 6.99 -27.12 -22.56
CGA KC2 N . 5.86 -23.61 -25.53
CGD KC2 N . 7.04 -25.22 -21.12
CHA KC2 N . 7.18 -22.88 -20.34
CHB KC2 N . 10.04 -19.41 -22.17
CHC KC2 N . 11.35 -17.91 -17.67
CHD KC2 N . 8.53 -21.62 -15.74
CMA KC2 N . 8.89 -20.71 -24.58
CMB KC2 N . 11.87 -17.12 -22.60
CMC KC2 N . 11.67 -17.76 -14.61
CMD KC2 N . 6.56 -23.99 -15.66
NA KC2 N . 8.71 -21.04 -20.86
NC KC2 N . 9.84 -19.88 -17.08
O1A KC2 N . 6.08 -24.79 -25.31
O1D KC2 N . 8.18 -25.07 -21.48
O2A KC2 N . 5.71 -23.19 -26.80
O2D KC2 N . 6.35 -26.29 -21.56
OBD KC2 N . 5.28 -25.46 -18.75
MG KC2 N . 9.27 -20.44 -18.97
NB KC1 O . 16.57 -27.42 -3.13
ND KC1 O . 14.68 -27.71 0.27
C1A KC1 O . 17.63 -28.07 0.93
C1B KC1 O . 17.91 -27.43 -3.29
C1C KC1 O . 13.69 -27.24 -3.74
C1D KC1 O . 13.35 -27.60 0.47
C2A KC1 O . 19.07 -28.17 1.16
C2B KC1 O . 18.23 -27.33 -4.67
C2C KC1 O . 12.27 -27.09 -4.03
C2D KC1 O . 13.11 -27.80 1.85
C3A KC1 O . 19.67 -27.97 -0.07
C3B KC1 O . 17.04 -27.27 -5.34
C3C KC1 O . 11.63 -27.12 -2.84
C3D KC1 O . 14.34 -28.06 2.45
C4A KC1 O . 18.66 -27.75 -1.00
C4B KC1 O . 16.01 -27.32 -4.33
C4C KC1 O . 12.63 -27.26 -1.81
C4D KC1 O . 15.29 -27.98 1.43
CAA KC1 O . 19.75 -28.44 2.43
CAB KC1 O . 16.82 -27.16 -6.79
CAC KC1 O . 10.14 -26.99 -2.63
CAD KC1 O . 15.04 -28.35 3.70
CBA KC1 O . 20.69 -27.61 2.93
CBB KC1 O . 17.16 -28.16 -7.60
CBC KC1 O . 9.46 -28.34 -2.89
CBD KC1 O . 16.51 -28.37 3.34
CED KC1 O . 18.11 -26.35 6.08
CGA KC1 O . 21.37 -27.97 4.12
CGD KC1 O . 17.18 -27.25 4.07
CHA KC1 O . 16.58 -28.19 1.85
CHB KC1 O . 18.91 -27.50 -2.35
CHC KC1 O . 14.70 -27.27 -4.71
CHD KC1 O . 12.34 -27.32 -0.43
CMA KC1 O . 21.15 -27.98 -0.38
CMB KC1 O . 19.61 -27.31 -5.27
CMC KC1 O . 11.66 -26.96 -5.39
CMD KC1 O . 11.77 -27.77 2.53
NA KC1 O . 17.42 -27.80 -0.42
NC KC1 O . 13.87 -27.33 -2.38
O1A KC1 O . 20.91 -28.84 4.82
O1D KC1 O . 16.89 -26.12 3.79
O2A KC1 O . 22.64 -27.59 4.28
O2D KC1 O . 17.72 -27.50 5.28
OBD KC1 O . 14.55 -28.51 4.80
MG KC1 O . 15.65 -27.54 -1.41
MG CLA P . 9.62 -14.42 6.85
CHA CLA P . 12.78 -13.13 7.46
CHB CLA P . 8.48 -12.98 9.69
CHC CLA P . 6.56 -15.88 6.30
CHD CLA P . 10.85 -15.92 3.90
NA CLA P . 10.51 -13.23 8.31
C1A CLA P . 11.85 -12.80 8.41
C2A CLA P . 12.05 -11.97 9.69
C3A CLA P . 10.63 -11.81 10.26
C4A CLA P . 9.81 -12.75 9.38
CMA CLA P . 10.53 -12.16 11.71
CAA CLA P . 12.76 -10.63 9.54
CBA CLA P . 14.03 -10.63 10.37
CGA CLA P . 14.50 -9.23 10.64
O1A CLA P . 14.10 -8.45 11.50
O2A CLA P . 15.49 -8.82 9.78
NB CLA P . 7.88 -14.50 7.85
C1B CLA P . 7.58 -13.77 8.96
C2B CLA P . 6.15 -13.89 9.29
C3B CLA P . 5.59 -14.71 8.33
C4B CLA P . 6.69 -15.09 7.40
CMB CLA P . 5.54 -13.19 10.41
CAB CLA P . 4.24 -15.15 8.16
CBB CLA P . 3.47 -15.70 9.09
NC CLA P . 8.84 -15.64 5.35
C1C CLA P . 7.57 -16.13 5.32
C2C CLA P . 7.37 -16.97 4.14
C3C CLA P . 8.58 -16.98 3.46
C4C CLA P . 9.50 -16.15 4.23
CMC CLA P . 6.13 -17.65 3.80
CAC CLA P . 8.90 -17.70 2.22
CBC CLA P . 8.85 -16.80 1.00
ND CLA P . 11.33 -14.42 5.78
C1D CLA P . 11.72 -15.12 4.61
C2D CLA P . 13.14 -14.84 4.32
C3D CLA P . 13.59 -14.07 5.38
C4D CLA P . 12.44 -13.86 6.28
CMD CLA P . 13.85 -15.35 3.15
CAD CLA P . 14.72 -13.36 5.96
OBD CLA P . 15.84 -13.21 5.50
CBD CLA P . 14.26 -12.81 7.33
CGD CLA P . 15.04 -13.39 8.48
O1D CLA P . 16.05 -12.93 9.00
O2D CLA P . 14.53 -14.56 8.96
CED CLA P . 15.21 -15.15 10.07
C1 CLA P . 16.85 -9.18 10.12
C2 CLA P . 17.72 -8.53 9.11
NB KC1 Q . -1.99 -16.18 8.20
ND KC1 Q . -1.85 -15.90 12.10
C1A KC1 Q . 0.00 -13.74 11.03
C1B KC1 Q . -1.32 -15.40 7.33
C1C KC1 Q . -3.81 -18.24 9.28
C1D KC1 Q . -2.54 -16.64 13.00
C2A KC1 Q . 0.87 -12.71 10.47
C2B KC1 Q . -1.67 -15.77 6.01
C2C KC1 Q . -4.70 -19.26 9.82
C2D KC1 Q . -2.22 -16.14 14.27
C3A KC1 Q . 0.79 -12.88 9.09
C3B KC1 Q . -2.57 -16.80 6.09
C3C KC1 Q . -4.64 -19.15 11.16
C3D KC1 Q . -1.32 -15.09 14.11
C4A KC1 Q . -0.09 -13.94 8.84
C4B KC1 Q . -2.75 -17.03 7.50
C4C KC1 Q . -3.71 -18.09 11.48
C4D KC1 Q . -1.12 -14.97 12.74
CAA KC1 Q . 1.67 -11.76 11.23
CAB KC1 Q . -3.22 -17.53 5.01
CAC KC1 Q . -5.39 -19.99 12.16
CAD KC1 Q . -0.50 -14.07 14.78
CBA KC1 Q . 1.79 -10.44 10.93
CBB KC1 Q . -2.55 -18.29 4.15
CBC KC1 Q . -4.54 -21.19 12.54
CBD KC1 Q . 0.06 -13.24 13.65
CED KC1 Q . -2.40 -10.41 13.17
CGA KC1 Q . 2.79 -9.70 11.58
CGD KC1 Q . -0.61 -11.88 13.65
CHA KC1 Q . -0.26 -13.98 12.39
CHB KC1 Q . -0.43 -14.39 7.56
CHC KC1 Q . -3.60 -18.02 7.93
CHD KC1 Q . -3.40 -17.69 12.79
CMA KC1 Q . 1.50 -12.08 8.02
CMB KC1 Q . -1.13 -15.14 4.74
CMC KC1 Q . -5.54 -20.22 9.03
CMD KC1 Q . -2.75 -16.66 15.58
NA KC1 Q . -0.57 -14.47 10.02
NC KC1 Q . -3.22 -17.56 10.31
O1A KC1 Q . 3.42 -8.87 10.95
O1D KC1 Q . -0.13 -10.99 14.31
O2A KC1 Q . 2.88 -9.73 12.93
O2D KC1 Q . -1.77 -11.71 13.02
OBD KC1 Q . -0.55 -13.76 15.95
MG KC1 Q . -1.88 -16.05 10.16
MG CLA R . -8.26 -32.94 8.29
CHA CLA R . -11.13 -34.48 7.12
CHB CLA R . -9.98 -30.03 8.65
CHC CLA R . -5.40 -31.48 9.42
CHD CLA R . -6.50 -35.98 7.83
NA CLA R . -10.25 -32.38 7.94
C1A CLA R . -11.29 -33.17 7.46
C2A CLA R . -12.58 -32.35 7.35
C3A CLA R . -12.15 -30.93 7.78
C4A CLA R . -10.69 -31.10 8.17
CMA CLA R . -12.32 -29.94 6.66
CAA CLA R . -13.65 -32.89 8.29
CBA CLA R . -13.43 -32.45 9.71
CGA CLA R . -13.47 -33.63 10.64
O1A CLA R . -12.89 -34.71 10.52
O2A CLA R . -14.27 -33.42 11.73
NB CLA R . -7.77 -31.09 8.88
C1B CLA R . -8.63 -30.05 9.03
C2B CLA R . -7.92 -28.90 9.66
C3B CLA R . -6.63 -29.30 9.88
C4B CLA R . -6.51 -30.70 9.39
CMB CLA R . -8.58 -27.62 9.95
CAB CLA R . -5.55 -28.57 10.48
CBB CLA R . -4.31 -28.45 10.00
NC CLA R . -6.31 -33.62 8.59
C1C CLA R . -5.30 -32.85 9.08
C2C CLA R . -4.07 -33.63 9.14
C3C CLA R . -4.37 -34.90 8.68
C4C CLA R . -5.79 -34.89 8.33
CMC CLA R . -2.77 -33.11 9.60
CAC CLA R . -3.45 -36.03 8.53
CBC CLA R . -3.40 -36.94 9.74
ND CLA R . -8.67 -34.83 7.72
C1D CLA R . -7.85 -35.98 7.54
C2D CLA R . -8.67 -37.09 7.02
C3D CLA R . -9.95 -36.58 6.86
C4D CLA R . -9.89 -35.16 7.28
CMD CLA R . -8.18 -38.43 6.76
CAD CLA R . -11.30 -36.85 6.45
OBD CLA R . -11.82 -37.91 6.10
CBD CLA R . -12.08 -35.50 6.54
CGD CLA R . -12.53 -35.07 5.17
O1D CLA R . -12.04 -35.39 4.09
O2D CLA R . -13.61 -34.25 5.17
CED CLA R . -14.86 -34.82 4.80
C1 CLA R . -13.70 -33.75 13.01
MG CLA S . 3.72 -35.88 -6.43
CHA CLA S . 1.63 -38.63 -6.14
CHB CLA S . 2.91 -34.93 -3.28
CHC CLA S . 5.92 -33.26 -6.73
CHD CLA S . 4.57 -36.94 -9.71
NA CLA S . 2.44 -36.65 -4.98
C1A CLA S . 1.66 -37.81 -5.04
C2A CLA S . 0.88 -38.02 -3.75
C3A CLA S . 1.19 -36.75 -2.93
C4A CLA S . 2.26 -36.04 -3.77
CMA CLA S . -0.03 -35.88 -2.72
CAA CLA S . 1.34 -39.27 -3.03
CBA CLA S . 2.85 -39.30 -2.88
CGA CLA S . 3.26 -40.49 -2.07
O1A CLA S . 3.14 -41.69 -2.35
O2A CLA S . 3.82 -40.15 -0.87
NB CLA S . 4.24 -34.33 -5.26
C1B CLA S . 3.90 -34.20 -3.95
C2B CLA S . 4.74 -33.15 -3.31
C3B CLA S . 5.59 -32.68 -4.28
C4B CLA S . 5.28 -33.42 -5.54
CMB CLA S . 4.62 -32.77 -1.90
CAB CLA S . 6.62 -31.67 -4.18
CBB CLA S . 6.67 -30.55 -4.91
NC CLA S . 4.97 -35.21 -7.97
C1C CLA S . 5.76 -34.09 -7.88
C2C CLA S . 6.48 -33.89 -9.14
C3C CLA S . 6.14 -34.96 -9.97
C4C CLA S . 5.18 -35.78 -9.22
CMC CLA S . 7.42 -32.81 -9.40
CAC CLA S . 6.61 -35.21 -11.33
CBC CLA S . 5.59 -34.85 -12.39
ND CLA S . 3.26 -37.40 -7.68
C1D CLA S . 3.66 -37.72 -9.01
C2D CLA S . 2.99 -38.97 -9.44
C3D CLA S . 2.20 -39.36 -8.38
C4D CLA S . 2.40 -38.36 -7.31
CMD CLA S . 3.17 -39.60 -10.74
CAD CLA S . 1.26 -40.34 -7.87
OBD CLA S . 0.82 -41.35 -8.41
CBD CLA S . 0.86 -39.90 -6.43
CGD CLA S . -0.62 -39.69 -6.29
O1D CLA S . -1.37 -39.02 -7.00
O2D CLA S . -1.17 -40.32 -5.21
CED CLA S . -2.51 -40.80 -5.32
C1 CLA S . 5.19 -39.68 -0.93
C1B LMT T . 8.85 -1.70 10.21
C2B LMT T . 9.16 -2.99 10.99
C3B LMT T . 10.58 -2.94 11.60
C4B LMT T . 10.88 -1.60 12.31
C5B LMT T . 10.37 -0.41 11.46
C6B LMT T . 11.32 -0.14 10.30
O1B LMT T . 7.52 -1.72 9.77
O2B LMT T . 8.21 -3.12 11.97
O3B LMT T . 11.54 -3.28 10.69
O4' LMT T . 10.27 -1.55 13.55
O5B LMT T . 9.05 -0.58 11.01
O6B LMT T . 10.81 0.84 9.48
C1' LMT T . 5.11 -3.27 6.77
C2' LMT T . 5.34 -4.20 7.98
C3' LMT T . 6.00 -3.44 9.17
C4' LMT T . 7.19 -2.60 8.71
C5' LMT T . 6.64 -1.75 7.55
C6' LMT T . 7.54 -0.64 7.08
O1' LMT T . 4.82 -4.02 5.67
O2' LMT T . 4.11 -4.66 8.40
O3' LMT T . 6.38 -4.33 10.14
O5' LMT T . 6.32 -2.58 6.47
O6' LMT T . 7.50 0.31 8.06
C1 LMT T . 3.81 -3.49 4.83
C2 LMT T . 3.01 -4.68 4.43
C3 LMT T . 1.81 -4.43 3.58
C4 LMT T . 0.98 -5.68 3.61
C5 LMT T . -0.28 -5.48 2.84
C1B LMT U . 25.27 -32.30 8.45
C2B LMT U . 24.76 -32.69 9.86
C3B LMT U . 24.37 -31.43 10.67
C4B LMT U . 25.51 -30.38 10.62
C5B LMT U . 25.85 -30.14 9.14
C6B LMT U . 26.93 -29.08 9.03
O1B LMT U . 24.20 -31.85 7.70
O2B LMT U . 23.66 -33.49 9.67
O3B LMT U . 24.00 -31.74 11.95
O4' LMT U . 25.08 -29.19 11.19
O5B LMT U . 26.26 -31.32 8.52
O6B LMT U . 26.73 -28.11 9.98
C1' LMT U . 22.23 -32.30 4.14
C2' LMT U . 22.37 -33.61 4.95
C3' LMT U . 22.83 -33.29 6.38
C4' LMT U . 24.05 -32.37 6.39
C5' LMT U . 23.71 -31.19 5.46
C6' LMT U . 24.75 -30.11 5.44
O1' LMT U . 21.93 -32.56 2.83
O2' LMT U . 21.16 -34.24 5.00
O3' LMT U . 23.10 -34.43 7.07
O5' LMT U . 23.47 -31.65 4.16
O6' LMT U . 25.96 -30.74 5.54
C1 LMT U . 20.56 -32.45 2.50
C2 LMT U . 20.52 -31.81 1.15
C3 LMT U . 19.29 -32.06 0.35
C4 LMT U . 19.46 -31.34 -0.96
C5 LMT U . 18.45 -31.80 -1.96
C6 LMT U . 17.14 -31.11 -1.78
C7 LMT U . 16.30 -31.29 -3.01
C8 LMT U . 14.89 -30.97 -2.68
C9 LMT U . 13.95 -31.06 -3.83
MG CLA V . 23.46 -13.02 -7.58
CHA CLA V . 22.15 -10.36 -5.81
CHB CLA V . 24.77 -14.30 -4.72
CHC CLA V . 24.70 -15.67 -9.39
CHD CLA V . 21.95 -11.76 -10.52
NA CLA V . 23.46 -12.39 -5.60
C1A CLA V . 22.85 -11.27 -5.05
C2A CLA V . 23.08 -11.20 -3.54
C3A CLA V . 23.88 -12.48 -3.24
C4A CLA V . 24.07 -13.12 -4.61
CMA CLA V . 25.20 -12.17 -2.58
CAA CLA V . 21.78 -11.24 -2.78
CBA CLA V . 20.84 -12.28 -3.35
CGA CLA V . 19.61 -12.32 -2.51
O1A CLA V . 19.51 -12.26 -1.29
O2A CLA V . 18.46 -12.46 -3.24
NB CLA V . 24.48 -14.69 -7.13
C1B CLA V . 25.01 -14.99 -5.92
C2B CLA V . 25.92 -16.17 -6.02
C3B CLA V . 25.91 -16.55 -7.34
C4B CLA V . 25.00 -15.62 -8.06
CMB CLA V . 26.64 -16.73 -4.88
CAB CLA V . 26.58 -17.62 -8.04
CBB CLA V . 26.75 -18.86 -7.58
NC CLA V . 23.36 -13.59 -9.59
C1C CLA V . 23.93 -14.72 -10.10
C2C CLA V . 23.64 -14.83 -11.52
C3C CLA V . 22.85 -13.73 -11.85
C4C CLA V . 22.67 -12.95 -10.63
CMC CLA V . 24.10 -15.92 -12.38
CAC CLA V . 22.30 -13.43 -13.17
CBC CLA V . 20.89 -13.95 -13.32
ND CLA V . 22.41 -11.39 -8.14
C1D CLA V . 21.81 -11.01 -9.36
C2D CLA V . 21.08 -9.75 -9.16
C3D CLA V . 21.21 -9.42 -7.83
C4D CLA V . 22.01 -10.51 -7.23
CMD CLA V . 20.38 -9.01 -10.22
CAD CLA V . 20.89 -8.49 -6.78
OBD CLA V . 20.31 -7.41 -6.85
CBD CLA V . 21.42 -9.09 -5.45
CGD CLA V . 22.29 -8.13 -4.71
O1D CLA V . 23.18 -7.40 -5.16
O2D CLA V . 22.06 -8.08 -3.37
CED CLA V . 23.02 -7.42 -2.54
C1 CLA V . 17.25 -12.64 -2.46
C2 CLA V . 16.12 -12.23 -3.32
C3 CLA V . 15.49 -13.07 -4.14
C4 CLA V . 15.89 -14.49 -4.26
C5 CLA V . 14.35 -12.60 -4.97
C6 CLA V . 14.67 -12.59 -6.45
C7 CLA V . 13.40 -12.44 -7.25
C8 CLA V . 13.58 -11.48 -8.42
C9 CLA V . 12.52 -10.39 -8.37
C10 CLA V . 13.54 -12.23 -9.74
C11 CLA V . 12.14 -12.44 -10.26
C12 CLA V . 12.05 -12.17 -11.74
C13 CLA V . 11.93 -13.45 -12.56
C14 CLA V . 13.28 -14.07 -12.80
C15 CLA V . 11.23 -13.19 -13.89
C16 CLA V . 10.15 -14.21 -14.16
C17 CLA V . 9.74 -14.20 -15.62
C18 CLA V . 8.43 -14.92 -15.85
C19 CLA V . 8.21 -15.20 -17.32
C20 CLA V . 7.27 -14.10 -15.31
MG CLA W . -2.01 -19.73 19.60
CHA CLA W . 0.09 -17.40 18.14
CHB CLA W . -1.76 -18.11 22.57
CHC CLA W . -4.12 -22.04 20.99
CHD CLA W . -2.38 -21.31 16.45
NA CLA W . -0.98 -18.04 20.22
C1A CLA W . -0.16 -17.19 19.47
C2A CLA W . 0.38 -16.05 20.33
C3A CLA W . -0.26 -16.29 21.70
C4A CLA W . -1.06 -17.57 21.51
CMA CLA W . 0.78 -16.44 22.78
CAA CLA W . -0.07 -14.70 19.80
CBA CLA W . -1.53 -14.73 19.42
CGA CLA W . -1.94 -13.36 18.99
O1A CLA W . -1.62 -12.28 19.48
O2A CLA W . -2.78 -13.35 17.91
NB CLA W . -2.83 -19.99 21.41
C1B CLA W . -2.53 -19.28 22.52
C2B CLA W . -3.14 -19.91 23.73
C3B CLA W . -3.80 -21.03 23.28
C4B CLA W . -3.61 -21.09 21.81
CMB CLA W . -2.98 -19.38 25.07
CAB CLA W . -4.56 -22.03 23.98
CBB CLA W . -5.42 -21.79 24.98
NC CLA W . -3.04 -21.38 18.85
C1C CLA W . -3.86 -22.18 19.60
C2C CLA W . -4.45 -23.22 18.77
C3C CLA W . -3.96 -23.02 17.48
C4C CLA W . -3.09 -21.85 17.54
CMC CLA W . -5.36 -24.25 19.25
CAC CLA W . -4.30 -23.80 16.30
CBC CLA W . -5.44 -23.19 15.52
ND CLA W . -1.25 -19.55 17.73
C1D CLA W . -1.52 -20.23 16.53
C2D CLA W . -0.73 -19.60 15.44
C3D CLA W . -0.06 -18.54 16.01
C4D CLA W . -0.46 -18.52 17.43
CMD CLA W . -0.71 -20.08 14.06
CAD CLA W . 0.84 -17.43 15.80
OBD CLA W . 1.46 -17.13 14.79
CBD CLA W . 0.91 -16.64 17.13
CGD CLA W . 2.32 -16.44 17.59
O1D CLA W . 3.24 -17.27 17.61
O2D CLA W . 2.59 -15.18 18.05
CED CLA W . 3.80 -14.99 18.76
C1 CLA W . -3.29 -12.06 17.53
C2 CLA W . -3.69 -12.13 16.11
C3 CLA W . -4.90 -12.52 15.71
C4 CLA W . -5.95 -12.92 16.67
C5 CLA W . -5.24 -12.58 14.27
C6 CLA W . -5.46 -13.99 13.77
C7 CLA W . -6.11 -13.97 12.41
C8 CLA W . -5.51 -15.00 11.47
C9 CLA W . -5.08 -14.34 10.17
C10 CLA W . -6.49 -16.13 11.21
C11 CLA W . -7.47 -15.81 10.09
C12 CLA W . -7.65 -17.00 9.17
C13 CLA W . -9.00 -17.68 9.36
C14 CLA W . -8.96 -18.64 10.52
C15 CLA W . -9.44 -18.40 8.10
C16 CLA W . -10.87 -18.09 7.74
C17 CLA W . -11.42 -19.09 6.75
C18 CLA W . -12.71 -18.60 6.09
C19 CLA W . -13.41 -19.74 5.37
C20 CLA W . -12.41 -17.49 5.10
C A86 X . -30.88 12.59 23.11
O A86 X . -18.21 12.70 19.59
C1 A86 X . -30.88 11.77 21.86
C10 A86 X . -21.27 12.17 20.73
C11 A86 X . -20.23 11.70 20.05
C12 A86 X . -20.41 10.76 18.90
C13 A86 X . -18.92 12.21 20.43
C14 A86 X . -18.44 12.06 21.85
C15 A86 X . -17.13 12.83 21.75
C16 A86 X . -17.16 14.25 22.33
C17 A86 X . -15.80 14.92 22.15
C18 A86 X . -14.71 14.16 22.90
C19 A86 X . -14.61 12.72 22.39
C2 A86 X . -29.71 11.51 21.23
C20 A86 X . -15.72 12.34 21.42
C21 A86 X . -15.24 11.57 20.20
C22 A86 X . -17.55 14.17 23.79
C23 A86 X . -18.17 15.14 21.63
C24 A86 X . -32.12 11.22 21.32
C25 A86 X . -33.27 11.46 21.92
C26 A86 X . -34.51 10.92 21.37
C27 A86 X . -35.68 11.15 21.99
C28 A86 X . -35.73 11.97 23.24
C29 A86 X . -36.92 10.59 21.43
C3 A86 X . -28.45 12.03 21.74
C30 A86 X . -38.17 10.45 21.50
C31 A86 X . -39.42 10.29 21.54
C32 A86 X . -40.30 11.35 22.15
C33 A86 X . -41.31 10.67 23.06
C34 A86 X . -42.10 9.61 22.30
C35 A86 X . -41.13 8.52 21.88
C36 A86 X . -40.03 9.02 20.96
C37 A86 X . -38.96 7.95 20.82
C38 A86 X . -44.12 8.03 23.37
C39 A86 X . -44.52 7.12 22.25
C4 A86 X . -27.34 11.71 21.08
C40 A86 X . -41.00 12.07 21.01
C41 A86 X . -39.46 12.34 22.95
C5 A86 X . -26.04 12.20 21.52
C6 A86 X . -24.97 11.82 20.82
C7 A86 X . -25.14 10.95 19.62
C8 A86 X . -23.62 12.24 21.16
C9 A86 X . -22.62 11.77 20.43
O1 A86 X . -16.68 11.54 22.11
O2 A86 X . -13.47 14.82 22.69
O3 A86 X . -40.56 9.28 19.66
O4 A86 X . -43.06 9.02 23.15
O5 A86 X . -44.65 7.99 24.47
C A86 Y . -16.28 -16.26 7.44
O A86 Y . -16.67 -7.05 16.61
C1 A86 Y . -17.76 -16.26 7.64
C10 A86 Y . -16.93 -9.74 14.69
C11 A86 Y . -17.36 -9.08 15.76
C12 A86 Y . -18.78 -9.19 16.22
C13 A86 Y . -16.42 -8.22 16.46
C14 A86 Y . -15.15 -8.82 17.01
C15 A86 Y . -13.85 -8.56 17.77
C16 A86 Y . -12.96 -7.45 17.22
C17 A86 Y . -11.70 -7.31 18.07
C18 A86 Y . -12.07 -7.00 19.51
C19 A86 Y . -12.90 -8.14 20.10
C2 A86 Y . -18.33 -15.48 8.57
C20 A86 Y . -13.28 -9.17 19.04
C21 A86 Y . -12.85 -10.60 19.33
C22 A86 Y . -13.72 -6.13 17.23
C23 A86 Y . -12.56 -7.80 15.80
C24 A86 Y . -18.64 -17.12 6.83
C25 A86 Y . -18.17 -17.91 5.89
C26 A86 Y . -19.11 -18.73 5.14
C27 A86 Y . -18.70 -19.53 4.16
C28 A86 Y . -17.24 -19.63 3.83
C29 A86 Y . -19.69 -20.34 3.42
C3 A86 Y . -17.54 -14.59 9.40
C30 A86 Y . -19.10 -21.01 2.53
C31 A86 Y . -19.17 -21.72 1.52
C32 A86 Y . -18.94 -23.20 1.66
C33 A86 Y . -18.16 -23.74 0.48
C34 A86 Y . -18.88 -23.39 -0.81
C35 A86 Y . -18.85 -21.88 -0.97
C36 A86 Y . -19.52 -21.12 0.17
C37 A86 Y . -19.07 -19.66 0.13
C38 A86 Y . -18.68 -23.71 -3.27
C39 A86 Y . -17.80 -23.05 -4.29
C4 A86 Y . -18.18 -13.84 10.30
C40 A86 Y . -20.31 -23.85 1.71
C41 A86 Y . -18.18 -23.47 2.95
C5 A86 Y . -17.43 -12.93 11.16
C6 A86 Y . -18.06 -12.19 12.08
C7 A86 Y . -19.55 -12.24 12.24
C8 A86 Y . -17.26 -11.30 12.92
C9 A86 Y . -17.81 -10.61 13.92
O1 A86 Y . -14.68 -9.12 18.79
O2 A86 Y . -10.88 -6.82 20.29
O3 A86 Y . -20.94 -21.16 -0.02
O4 A86 Y . -18.19 -23.95 -1.92
O5 A86 Y . -19.81 -24.09 -3.54
C A86 Z . -23.34 3.54 24.02
O A86 Z . -23.41 -6.66 16.15
C1 A86 Z . -22.20 2.86 24.74
C10 A86 Z . -22.77 -3.96 18.05
C11 A86 Z . -22.34 -4.95 17.26
C12 A86 Z . -21.00 -5.57 17.48
C13 A86 Z . -23.19 -5.46 16.20
C14 A86 Z . -23.76 -4.54 15.14
C15 A86 Z . -24.52 -5.54 14.30
C16 A86 Z . -26.04 -5.73 14.42
C17 A86 Z . -26.46 -6.81 13.44
C18 A86 Z . -26.18 -6.38 12.00
C19 A86 Z . -24.71 -6.12 11.77
C2 A86 Z . -21.70 1.71 24.30
C20 A86 Z . -23.95 -5.41 12.89
C21 A86 Z . -22.65 -4.78 12.42
C22 A86 Z . -26.84 -4.46 14.16
C23 A86 Z . -26.44 -6.21 15.81
C24 A86 Z . -21.61 3.49 25.92
C25 A86 Z . -22.03 4.66 26.38
C26 A86 Z . -21.37 5.17 27.56
C27 A86 Z . -21.66 6.37 28.08
C28 A86 Z . -22.70 7.24 27.45
C29 A86 Z . -20.94 6.81 29.28
C3 A86 Z . -22.27 1.04 23.13
C30 A86 Z . -21.21 7.94 29.75
C31 A86 Z . -21.28 9.11 30.22
C32 A86 Z . -22.30 9.40 31.28
C33 A86 Z . -23.02 10.68 30.88
C34 A86 Z . -22.02 11.81 30.69
C35 A86 Z . -21.13 11.47 29.51
C36 A86 Z . -20.35 10.19 29.72
C37 A86 Z . -19.72 9.79 28.40
C38 A86 Z . -23.49 14.23 30.24
C39 A86 Z . -24.49 14.36 29.13
C4 A86 Z . -21.70 -0.06 22.67
C40 A86 Z . -21.57 9.60 32.61
C41 A86 Z . -23.29 8.25 31.41
C5 A86 Z . -22.31 -0.72 21.52
C6 A86 Z . -21.77 -1.80 20.96
C7 A86 Z . -20.51 -2.40 21.52
C8 A86 Z . -22.46 -2.42 19.81
C9 A86 Z . -21.97 -3.45 19.15
O1 A86 Z . -24.72 -4.39 13.50
O2 A86 Z . -26.61 -7.42 11.12
O3 A86 Z . -19.29 10.40 30.65
O4 A86 Z . -22.69 13.02 30.36
O5 A86 Z . -23.33 15.11 31.07
C A86 AA . -12.58 1.02 11.73
O A86 AA . -22.50 9.03 12.52
C1 A86 AA . -11.83 2.02 12.56
C10 A86 AA . -19.94 7.03 13.22
C11 A86 AA . -20.86 7.90 13.66
C12 A86 AA . -20.57 8.81 14.82
C13 A86 AA . -22.12 7.95 12.95
C14 A86 AA . -22.97 6.73 12.77
C15 A86 AA . -24.12 7.26 11.91
C16 A86 AA . -24.07 6.93 10.42
C17 A86 AA . -25.26 7.52 9.70
C18 A86 AA . -26.56 6.91 10.22
C19 A86 AA . -26.74 7.21 11.70
C2 A86 AA . -12.43 3.09 13.06
C20 A86 AA . -25.49 7.20 12.58
C21 A86 AA . -25.81 7.31 14.05
C22 A86 AA . -24.02 5.42 10.19
C23 A86 AA . -22.83 7.53 9.78
C24 A86 AA . -10.41 1.79 12.83
C25 A86 AA . -9.79 0.71 12.37
C26 A86 AA . -8.37 0.57 12.67
C27 A86 AA . -7.73 -0.53 12.27
C28 A86 AA . -8.48 -1.62 11.55
C29 A86 AA . -6.30 -0.66 12.56
C3 A86 AA . -13.83 3.37 12.81
C30 A86 AA . -5.20 -1.29 12.53
C31 A86 AA . -4.62 -2.34 12.88
C32 A86 AA . -4.60 -3.53 11.95
C33 A86 AA . -5.22 -4.65 12.78
C34 A86 AA . -4.48 -4.87 14.09
C35 A86 AA . -4.61 -3.63 14.95
C36 A86 AA . -3.98 -2.44 14.25
C37 A86 AA . -4.19 -1.17 15.06
C38 A86 AA . -5.36 -7.36 14.65
C39 A86 AA . -4.84 -8.31 15.68
C4 A86 AA . -14.40 4.43 13.37
C40 A86 AA . -3.17 -3.86 11.54
C41 A86 AA . -5.41 -3.29 10.68
C5 A86 AA . -15.79 4.72 13.08
C6 A86 AA . -16.45 5.73 13.64
C7 A86 AA . -15.78 6.65 14.62
C8 A86 AA . -17.84 5.96 13.24
C9 A86 AA . -18.61 6.90 13.78
O1 A86 AA . -24.72 6.03 12.34
O2 A86 AA . -27.65 7.48 9.49
O3 A86 AA . -2.57 -2.64 14.18
O4 A86 AA . -5.10 -5.94 14.79
O5 A86 AA . -6.01 -7.73 13.69
C A86 BA . -27.33 -0.06 30.40
O A86 BA . -32.68 -0.18 19.63
C1 A86 BA . -26.26 -1.04 30.05
C10 A86 BA . -31.31 -0.69 22.63
C11 A86 BA . -31.57 -1.17 21.40
C12 A86 BA . -30.64 -2.13 20.70
C13 A86 BA . -32.76 -0.75 20.71
C14 A86 BA . -34.12 -0.99 21.32
C15 A86 BA . -35.55 -0.69 20.90
C16 A86 BA . -36.63 -1.67 21.31
C17 A86 BA . -38.00 -1.25 20.81
C18 A86 BA . -38.41 0.08 21.42
C19 A86 BA . -37.43 1.19 21.02
C2 A86 BA . -26.31 -1.72 28.89
C20 A86 BA . -35.96 0.79 20.85
C21 A86 BA . -35.05 1.96 20.48
C22 A86 BA . -36.66 -1.82 22.83
C23 A86 BA . -36.31 -3.04 20.70
C24 A86 BA . -25.13 -1.26 30.98
C25 A86 BA . -24.90 -2.47 31.49
C26 A86 BA . -23.79 -2.75 32.41
C27 A86 BA . -23.62 -2.19 33.61
C28 A86 BA . -24.58 -1.19 34.21
C29 A86 BA . -22.45 -2.59 34.42
C3 A86 BA . -27.43 -1.51 27.99
C30 A86 BA . -22.24 -2.11 35.57
C31 A86 BA . -21.83 -1.76 36.70
C32 A86 BA . -21.99 -2.69 37.88
C33 A86 BA . -22.48 -1.88 39.06
C34 A86 BA . -21.55 -0.72 39.36
C35 A86 BA . -21.62 0.23 38.17
C36 A86 BA . -21.16 -0.42 36.88
C37 A86 BA . -21.52 0.49 35.71
C38 A86 BA . -21.87 1.13 41.41
C39 A86 BA . -20.74 2.10 41.21
C4 A86 BA . -27.50 -2.17 26.82
C40 A86 BA . -20.61 -3.29 38.19
C41 A86 BA . -22.98 -3.80 37.56
C5 A86 BA . -28.63 -1.92 25.94
C6 A86 BA . -28.74 -2.53 24.76
C7 A86 BA . -27.69 -3.51 24.31
C8 A86 BA . -29.91 -2.26 23.90
C9 A86 BA . -30.16 -1.02 23.48
O1 A86 BA . -35.47 0.17 22.04
O2 A86 BA . -39.72 0.44 20.95
O3 A86 BA . -19.75 -0.57 36.91
O4 A86 BA . -22.01 0.00 40.50
O5 A86 BA . -22.67 1.24 42.31
C A86 CA . -12.02 6.71 5.22
O A86 CA . -24.78 7.40 3.72
C1 A86 CA . -12.27 7.12 6.64
C10 A86 CA . -21.66 6.67 4.64
C11 A86 CA . -22.97 6.63 4.93
C12 A86 CA . -23.44 6.71 6.35
C13 A86 CA . -23.92 6.54 3.84
C14 A86 CA . -23.88 5.39 2.87
C15 A86 CA . -24.48 4.73 1.64
C16 A86 CA . -24.52 5.60 0.37
C17 A86 CA . -25.09 4.77 -0.79
C18 A86 CA . -25.84 3.56 -0.23
C19 A86 CA . -26.84 3.90 0.85
C2 A86 CA . -13.50 7.26 7.11
C20 A86 CA . -25.95 4.41 2.00
C21 A86 CA . -26.71 4.63 3.29
C22 A86 CA . -23.34 6.47 -0.08
C23 A86 CA . -25.44 6.78 0.65
C24 A86 CA . -11.13 7.35 7.55
C25 A86 CA . -9.87 7.19 7.14
C26 A86 CA . -8.80 7.45 8.09
C27 A86 CA . -7.52 7.27 7.75
C28 A86 CA . -7.15 6.80 6.38
C29 A86 CA . -6.47 7.55 8.75
C3 A86 CA . -14.65 7.05 6.23
C30 A86 CA . -5.22 7.44 8.65
C31 A86 CA . -3.98 7.25 8.53
C32 A86 CA . -3.05 8.43 8.37
C33 A86 CA . -2.17 8.10 7.17
C34 A86 CA . -1.43 6.78 7.33
C35 A86 CA . -2.50 5.70 7.33
C36 A86 CA . -3.44 5.84 8.52
C37 A86 CA . -4.55 4.81 8.40
C38 A86 CA . 0.22 5.58 5.56
C39 A86 CA . 1.67 5.84 5.36
C4 A86 CA . -15.89 7.15 6.72
C40 A86 CA . -2.21 8.56 9.63
C41 A86 CA . -3.84 9.70 8.12
C5 A86 CA . -17.02 6.95 5.83
C6 A86 CA . -18.28 7.00 6.27
C7 A86 CA . -18.57 7.29 7.72
C8 A86 CA . -19.38 6.82 5.31
C9 A86 CA . -20.65 6.82 5.68
O1 A86 CA . -24.88 3.49 2.22
O2 A86 CA . -26.51 2.89 -1.32
O3 A86 CA . -2.71 5.56 9.72
O4 A86 CA . -0.62 6.58 6.18
O5 A86 CA . -0.29 4.52 5.24
MG CLA DA . -12.76 16.54 18.48
CHA CLA DA . -10.17 14.29 18.01
CHB CLA DA . -10.52 18.98 19.23
CHC CLA DA . -15.37 18.74 18.89
CHD CLA DA . -15.06 14.02 17.53
NA CLA DA . -10.68 16.59 18.60
C1A CLA DA . -9.77 15.56 18.36
C2A CLA DA . -8.34 16.04 18.55
C3A CLA DA . -8.49 17.53 18.90
C4A CLA DA . -10.00 17.74 18.92
CMA CLA DA . -7.86 17.86 20.23
CAA CLA DA . -7.54 15.91 17.27
CBA CLA DA . -8.34 16.38 16.08
CGA CLA DA . -7.47 16.31 14.87
O1A CLA DA . -6.28 16.60 14.76
O2A CLA DA . -8.13 15.85 13.76
NB CLA DA . -12.90 18.49 18.91
C1B CLA DA . -11.88 19.30 19.28
C2B CLA DA . -12.40 20.60 19.78
C3B CLA DA . -13.78 20.53 19.69
C4B CLA DA . -14.11 19.19 19.14
CMB CLA DA . -11.54 21.67 20.25
CAB CLA DA . -14.80 21.49 20.02
CBB CLA DA . -14.76 22.79 19.78
NC CLA DA . -14.84 16.39 18.26
C1C CLA DA . -15.70 17.42 18.47
C2C CLA DA . -17.06 16.99 18.21
C3C CLA DA . -16.99 15.66 17.82
C4C CLA DA . -15.58 15.28 17.85
CMC CLA DA . -18.25 17.84 18.34
CAC CLA DA . -18.11 14.81 17.43
CBC CLA DA . -18.32 14.80 15.94
ND CLA DA . -12.72 14.57 18.00
C1D CLA DA . -13.72 13.67 17.60
C2D CLA DA . -13.10 12.37 17.29
C3D CLA DA . -11.74 12.53 17.47
C4D CLA DA . -11.55 13.94 17.87
CMD CLA DA . -13.83 11.16 16.89
CAD CLA DA . -10.43 11.92 17.42
OBD CLA DA . -10.14 10.75 17.20
CBD CLA DA . -9.39 13.04 17.69
CGD CLA DA . -8.45 12.67 18.80
O1D CLA DA . -8.72 12.15 19.88
O2D CLA DA . -7.15 12.98 18.54
CED CLA DA . -6.23 12.94 19.64
C1 CLA DA . -7.36 15.89 12.54
C2 CLA DA . -7.97 14.90 11.61
C3 CLA DA . -8.97 15.21 10.78
C4 CLA DA . -9.55 16.57 10.71
C5 CLA DA . -9.53 14.18 9.87
C6 CLA DA . -10.96 13.81 10.22
C7 CLA DA . -11.58 13.02 9.09
C8 CLA DA . -12.41 11.85 9.60
C9 CLA DA . -11.97 10.57 8.94
C10 CLA DA . -13.89 12.10 9.38
C11 CLA DA . -14.36 11.71 8.00
C12 CLA DA . -15.68 10.97 8.05
C13 CLA DA . -16.83 11.85 7.56
C14 CLA DA . -17.34 12.74 8.66
C15 CLA DA . -17.98 10.98 7.02
C16 CLA DA . -18.47 11.48 5.68
C17 CLA DA . -19.83 10.90 5.35
C18 CLA DA . -20.18 11.07 3.88
C19 CLA DA . -21.65 10.79 3.64
C20 CLA DA . -19.34 10.15 3.02
MG CLA EA . -15.98 7.03 28.63
CHA CLA EA . -13.73 9.05 30.31
CHB CLA EA . -15.30 4.49 30.78
CHC CLA EA . -18.17 5.04 26.89
CHD CLA EA . -16.72 9.73 26.47
NA CLA EA . -14.71 6.84 30.28
C1A CLA EA . -13.85 7.80 30.82
C2A CLA EA . -13.10 7.23 32.03
C3A CLA EA . -13.60 5.77 32.12
C4A CLA EA . -14.61 5.67 30.99
CMA CLA EA . -12.48 4.80 31.92
CAA CLA EA . -13.41 8.00 33.30
CBA CLA EA . -14.87 8.35 33.43
CGA CLA EA . -15.59 7.27 34.19
O1A CLA EA . -15.23 6.69 35.22
O2A CLA EA . -16.78 6.94 33.63
NB CLA EA . -16.60 5.12 28.79
C1B CLA EA . -16.24 4.26 29.77
C2B CLA EA . -16.98 2.98 29.60
C3B CLA EA . -17.79 3.13 28.50
C4B CLA EA . -17.55 4.50 27.97
CMB CLA EA . -16.79 1.85 30.52
CAB CLA EA . -18.73 2.23 27.87
CBB CLA EA . -18.69 0.90 27.91
NC CLA EA . -17.21 7.34 26.97
C1C CLA EA . -18.02 6.39 26.42
C2C CLA EA . -18.72 6.94 25.27
C3C CLA EA . -18.34 8.27 25.17
C4C CLA EA . -17.39 8.52 26.24
CMC CLA EA . -19.66 6.22 24.42
CAC CLA EA . -18.80 9.25 24.17
CBC CLA EA . -19.86 10.17 24.71
ND CLA EA . -15.43 8.96 28.40
C1D CLA EA . -15.79 9.95 27.46
C2D CLA EA . -15.02 11.18 27.73
C3D CLA EA . -14.19 10.89 28.80
C4D CLA EA . -14.49 9.50 29.18
CMD CLA EA . -15.15 12.41 26.96
CAD CLA EA . -13.17 11.37 29.71
OBD CLA EA . -12.64 12.47 29.75
CBD CLA EA . -12.84 10.21 30.69
CGD CLA EA . -11.39 9.81 30.58
O1D CLA EA . -10.84 9.23 29.64
O2D CLA EA . -10.64 10.14 31.66
CED CLA EA . -9.31 9.61 31.71
C1 CLA EA . -17.24 5.58 33.83
C2 CLA EA . -18.34 5.37 32.87
C3 CLA EA . -19.08 4.24 32.86
C4 CLA EA . -18.82 3.14 33.81
C5 CLA EA . -20.18 4.05 31.89
C6 CLA EA . -21.52 3.87 32.57
C7 CLA EA . -22.60 3.59 31.56
C8 CLA EA . -23.92 4.25 31.94
C9 CLA EA . -24.37 3.77 33.30
C10 CLA EA . -24.99 3.99 30.89
C11 CLA EA . -25.19 5.17 29.98
C12 CLA EA . -25.90 4.79 28.70
C13 CLA EA . -26.21 6.01 27.85
C14 CLA EA . -26.46 5.62 26.41
NB KC2 FA . -22.70 -1.78 27.39
ND KC2 FA . -20.73 -5.09 28.19
C1A KC2 FA . -20.26 -3.24 30.54
C1B KC2 FA . -22.71 -0.68 28.18
C1C KC2 FA . -23.14 -3.64 25.05
C1D KC2 FA . -20.60 -6.20 27.43
C2A KC2 FA . -20.05 -2.26 31.61
C2B KC2 FA . -23.48 0.35 27.58
C2C KC2 FA . -23.33 -4.47 23.94
C2D KC2 FA . -19.77 -7.11 28.12
C3A KC2 FA . -20.74 -1.14 31.25
C3B KC2 FA . -23.95 -0.15 26.40
C3C KC2 FA . -22.64 -5.61 24.18
C3D KC2 FA . -19.40 -6.51 29.32
C4A KC2 FA . -21.35 -1.39 30.02
C4B KC2 FA . -23.43 -1.48 26.31
C4C KC2 FA . -22.01 -5.46 25.49
C4D KC2 FA . -20.02 -5.26 29.33
CAA KC2 FA . -19.28 -2.42 32.84
CAB KC2 FA . -24.79 0.55 25.41
CAC KC2 FA . -22.56 -6.78 23.29
CAD KC2 FA . -18.63 -6.67 30.55
CBA KC2 FA . -17.95 -2.19 32.91
CBB KC2 FA . -26.10 0.69 25.62
CBC KC2 FA . -21.37 -7.25 22.90
CBD KC2 FA . -18.83 -5.35 31.29
CED KC2 FA . -21.19 -5.96 34.17
CGA KC2 FA . -17.36 -2.07 34.20
CGD KC2 FA . -19.40 -5.66 32.64
CHA KC2 FA . -19.76 -4.53 30.46
CHB KC2 FA . -22.13 -0.44 29.38
CHC KC2 FA . -23.75 -2.29 25.13
CHD KC2 FA . -21.17 -6.50 26.12
CMA KC2 FA . -20.83 0.14 32.04
CMB KC2 FA . -23.74 1.72 28.14
CMC KC2 FA . -24.14 -4.16 22.71
CMD KC2 FA . -19.36 -8.47 27.64
NA KC2 FA . -21.08 -2.66 29.56
NC KC2 FA . -22.35 -4.23 25.99
O1A KC2 FA . -18.07 -1.71 35.11
O1D KC2 FA . -18.67 -6.01 33.53
O2A KC2 FA . -16.27 -2.80 34.48
O2D KC2 FA . -20.72 -5.71 32.82
OBD KC2 FA . -17.75 -7.47 30.75
MG KC2 FA . -21.75 -3.45 27.80
MG CLA GA . -20.16 -8.16 8.20
CHA CLA GA . -21.77 -10.12 5.84
CHB CLA GA . -22.26 -9.35 10.60
CHC CLA GA . -18.50 -6.26 10.51
CHD CLA GA . -18.00 -6.98 5.67
NA CLA GA . -21.75 -9.51 8.18
C1A CLA GA . -22.27 -10.23 7.10
C2A CLA GA . -23.43 -11.11 7.53
C3A CLA GA . -23.60 -10.79 9.03
C4A CLA GA . -22.46 -9.82 9.32
CMA CLA GA . -24.93 -10.13 9.29
CAA CLA GA . -23.08 -12.58 7.36
CBA CLA GA . -21.88 -13.01 8.18
CGA CLA GA . -20.62 -12.94 7.37
O1A CLA GA . -20.35 -13.53 6.33
O2A CLA GA . -19.69 -12.11 7.92
NB CLA GA . -20.33 -7.87 10.19
C1B CLA GA . -21.26 -8.44 10.99
C2B CLA GA . -21.08 -7.96 12.38
C3B CLA GA . -20.02 -7.09 12.37
C4B CLA GA . -19.53 -7.01 10.97
CMB CLA GA . -21.93 -8.41 13.48
CAB CLA GA . -19.45 -6.35 13.47
CBB CLA GA . -18.17 -6.34 13.81
NC CLA GA . -18.54 -6.85 8.10
C1C CLA GA . -18.03 -6.18 9.17
C2C CLA GA . -16.91 -5.36 8.75
C3C CLA GA . -16.76 -5.55 7.37
C4C CLA GA . -17.80 -6.50 6.98
CMC CLA GA . -16.11 -4.51 9.63
CAC CLA GA . -15.77 -4.94 6.49
CBC CLA GA . -14.64 -5.87 6.15
ND CLA GA . -19.91 -8.40 6.22
C1D CLA GA . -18.98 -7.87 5.30
C2D CLA GA . -19.25 -8.42 3.95
C3D CLA GA . -20.32 -9.28 4.10
C4D CLA GA . -20.69 -9.24 5.53
CMD CLA GA . -18.48 -8.08 2.76
CAD CLA GA . -21.22 -10.20 3.44
OBD CLA GA . -21.28 -10.53 2.27
CBD CLA GA . -22.18 -10.78 4.54
CGD CLA GA . -23.62 -10.53 4.22
O1D CLA GA . -24.56 -11.30 4.33
O2D CLA GA . -23.88 -9.27 3.77
CED CLA GA . -25.13 -8.70 4.14
C1 CLA GA . -18.52 -11.83 7.14
C2 CLA GA . -17.69 -10.90 7.95
C3 CLA GA . -16.64 -10.24 7.41
C4 CLA GA . -16.26 -10.39 5.99
C5 CLA GA . -15.80 -9.31 8.22
C6 CLA GA . -15.92 -9.49 9.71
C7 CLA GA . -14.65 -8.99 10.36
C8 CLA GA . -14.75 -8.86 11.87
C9 CLA GA . -15.18 -7.47 12.26
C10 CLA GA . -13.41 -9.20 12.52
NB KC2 HA . -16.28 -23.15 7.77
ND KC2 HA . -19.35 -20.78 8.42
C1A KC2 HA . -20.42 -23.15 6.85
C1B KC2 HA . -16.35 -24.35 7.15
C1C KC2 HA . -15.23 -20.75 9.26
C1D KC2 HA . -19.40 -19.62 9.10
C2A KC2 HA . -20.87 -24.33 6.14
C2B KC2 HA . -15.07 -24.94 7.08
C2C KC2 HA . -14.73 -19.66 9.99
C2D KC2 HA . -20.72 -19.14 9.06
C3A KC2 HA . -19.76 -25.14 6.00
C3B KC2 HA . -14.20 -24.08 7.66
C3C KC2 HA . -15.78 -18.85 10.29
C3D KC2 HA . -21.48 -20.05 8.34
C4A KC2 HA . -18.68 -24.47 6.59
C4B KC2 HA . -15.00 -22.96 8.09
C4C KC2 HA . -16.96 -19.48 9.71
C4D KC2 HA . -20.59 -21.06 7.95
CAA KC2 HA . -22.24 -24.62 5.68
CAB KC2 HA . -12.76 -24.26 7.84
CAC KC2 HA . -15.70 -17.59 11.04
CAD KC2 HA . -22.81 -20.38 7.82
CBA KC2 HA . -22.53 -25.04 4.43
CBB KC2 HA . -12.25 -24.58 9.03
CBC KC2 HA . -16.34 -17.45 12.20
CBD KC2 HA . -22.65 -21.75 7.20
CED KC2 HA . -25.39 -24.07 8.27
CGA KC2 HA . -23.73 -25.78 4.23
CGD KC2 HA . -23.43 -22.74 8.03
CHA KC2 HA . -21.19 -22.05 7.23
CHB KC2 HA . -17.41 -25.03 6.61
CHC KC2 HA . -14.36 -21.84 8.78
CHD KC2 HA . -18.33 -18.91 9.79
CMA KC2 HA . -19.68 -26.48 5.34
CMB KC2 HA . -14.72 -26.27 6.46
CMC KC2 HA . -13.29 -19.44 10.39
CMD KC2 HA . -21.22 -17.87 9.70
NA KC2 HA . -19.06 -23.26 7.12
NC KC2 HA . -16.58 -20.64 9.09
O1A KC2 HA . -24.57 -25.78 5.10
O1D KC2 HA . -22.85 -23.64 8.59
O2A KC2 HA . -23.75 -26.74 3.29
O2D KC2 HA . -24.75 -22.83 7.87
OBD KC2 HA . -23.85 -19.79 8.05
MG KC2 HA . -17.81 -21.94 8.10
NB KC1 IA . -16.30 -12.99 24.54
ND KC1 IA . -16.59 -9.12 25.01
C1A KC1 IA . -15.34 -10.18 27.58
C1B KC1 IA . -15.73 -13.85 25.39
C1C KC1 IA . -17.65 -11.92 22.13
C1D KC1 IA . -17.06 -8.22 24.11
C2A KC1 IA . -14.70 -10.77 28.75
C2B KC1 IA . -15.84 -15.17 24.90
C2C KC1 IA . -18.26 -11.39 20.93
C2D KC1 IA . -17.00 -6.95 24.72
C3A KC1 IA . -14.56 -12.12 28.47
C3B KC1 IA . -16.52 -15.08 23.71
C3C KC1 IA . -18.29 -10.05 21.05
C3D KC1 IA . -16.49 -7.13 26.00
C4A KC1 IA . -15.08 -12.35 27.19
C4B KC1 IA . -16.79 -13.69 23.51
C4C KC1 IA . -17.68 -9.73 22.34
C4D KC1 IA . -16.23 -8.49 26.14
CAA KC1 IA . -14.31 -10.09 29.98
CAB KC1 IA . -16.89 -16.18 22.80
CAC KC1 IA . -18.82 -9.06 20.05
CAD KC1 IA . -16.10 -6.47 27.25
CBA KC1 IA . -13.04 -10.14 30.45
CBB KC1 IA . -17.78 -17.09 23.18
CBC KC1 IA . -20.34 -8.97 20.16
CBD KC1 IA . -15.52 -7.57 28.12
CED KC1 IA . -12.38 -6.04 29.49
CGA KC1 IA . -12.73 -9.52 31.67
CGD KC1 IA . -14.07 -7.26 28.35
CHA KC1 IA . -15.71 -8.85 27.35
CHB KC1 IA . -15.10 -13.60 26.60
CHC KC1 IA . -17.46 -13.28 22.38
CHD KC1 IA . -17.52 -8.43 22.82
CMA KC1 IA . -13.96 -13.19 29.35
CMB KC1 IA . -15.34 -16.42 25.57
CMC KC1 IA . -18.78 -12.20 19.77
CMD KC1 IA . -17.44 -5.65 24.09
NA KC1 IA . -15.56 -11.19 26.65
NC KC1 IA . -17.31 -10.90 22.96
O1A KC1 IA . -13.51 -8.73 32.16
O1D KC1 IA . -13.32 -7.28 27.41
O2A KC1 IA . -11.76 -10.05 32.45
O2D KC1 IA . -13.73 -6.56 29.44
OBD KC1 IA . -16.19 -5.29 27.52
MG KC1 IA . -16.41 -11.05 24.78
MG CLA JA . -6.03 -0.19 17.64
CHA CLA JA . -3.30 -1.33 19.45
CHB CLA JA . -4.62 2.89 17.45
CHC CLA JA . -8.84 0.94 16.00
CHD CLA JA . -7.46 -3.41 17.86
NA CLA JA . -4.23 0.61 18.34
C1A CLA JA . -3.22 -0.01 19.08
C2A CLA JA . -2.11 0.99 19.42
C3A CLA JA . -2.49 2.26 18.61
C4A CLA JA . -3.89 1.92 18.11
CMA CLA JA . -2.47 3.51 19.44
CAA CLA JA . -0.68 0.55 19.14
CBA CLA JA . 0.13 0.56 20.42
CGA CLA JA . 1.60 0.60 20.15
O1A CLA JA . 2.30 1.57 19.87
O2A CLA JA . 2.19 -0.63 20.21
NB CLA JA . -6.65 1.59 16.95
C1B CLA JA . -5.90 2.71 16.89
C2B CLA JA . -6.59 3.76 16.10
C3B CLA JA . -7.78 3.22 15.69
C4B CLA JA . -7.84 1.82 16.21
CMB CLA JA . -6.01 5.08 15.86
CAB CLA JA . -8.83 3.79 14.90
CBB CLA JA . -9.42 4.97 15.09
NC CLA JA . -7.80 -1.09 17.02
C1C CLA JA . -8.82 -0.45 16.36
C2C CLA JA . -9.92 -1.36 16.10
C3C CLA JA . -9.53 -2.60 16.62
C4C CLA JA . -8.21 -2.42 17.20
CMC CLA JA . -11.16 -1.02 15.42
CAC CLA JA . -10.31 -3.85 16.62
CBC CLA JA . -9.88 -4.80 15.53
ND CLA JA . -5.49 -2.02 18.32
C1D CLA JA . -6.20 -3.23 18.39
C2D CLA JA . -5.38 -4.23 19.09
C3D CLA JA . -4.25 -3.56 19.52
C4D CLA JA . -4.38 -2.17 19.03
CMD CLA JA . -5.76 -5.63 19.30
CAD CLA JA . -2.97 -3.65 20.21
OBD CLA JA . -2.43 -4.63 20.70
CBD CLA JA . -2.38 -2.22 20.26
CGD CLA JA . -2.22 -1.72 21.67
O1D CLA JA . -1.23 -1.80 22.39
O2D CLA JA . -3.33 -1.09 22.16
CED CLA JA . -3.23 -0.56 23.49
C1 CLA JA . 2.62 -1.10 21.50
C2 CLA JA . 3.32 -2.40 21.28
NB KC1 KA . -12.61 7.14 11.10
ND KC1 KA . -11.32 10.34 12.93
C1A KC1 KA . -8.89 8.55 12.57
C1B KC1 KA . -11.86 6.08 10.73
C1C KC1 KA . -14.93 8.93 11.44
C1D KC1 KA . -12.03 11.43 13.28
C2A KC1 KA . -7.76 7.65 12.36
C2B KC1 KA . -12.65 5.14 10.05
C2C KC1 KA . -16.06 9.82 11.60
C2D KC1 KA . -11.14 12.36 13.86
C3A KC1 KA . -8.29 6.54 11.72
C3B KC1 KA . -13.93 5.65 10.01
C3C KC1 KA . -15.62 10.92 12.25
C3D KC1 KA . -9.88 11.78 13.86
C4A KC1 KA . -9.66 6.75 11.55
C4B KC1 KA . -13.86 6.93 10.68
C4C KC1 KA . -14.20 10.73 12.50
C4D KC1 KA . -10.03 10.53 13.26
CAA KC1 KA . -6.38 7.90 12.78
CAB KC1 KA . -15.13 5.06 9.40
CAC KC1 KA . -16.42 12.12 12.65
CAD KC1 KA . -8.46 11.95 14.21
CBA KC1 KA . -5.29 7.68 12.01
CBB KC1 KA . -15.69 3.96 9.86
CBC KC1 KA . -16.94 11.92 14.06
CBD KC1 KA . -7.78 10.73 13.61
CED KC1 KA . -6.65 11.84 10.18
CGA KC1 KA . -4.02 7.73 12.63
CGD KC1 KA . -6.94 11.17 12.44
CHA KC1 KA . -8.88 9.82 13.18
CHB KC1 KA . -10.51 5.84 10.94
CHC KC1 KA . -14.99 7.69 10.81
CHD KC1 KA . -13.38 11.67 13.13
CMA KC1 KA . -7.55 5.30 11.28
CMB KC1 KA . -12.20 3.82 9.48
CMC KC1 KA . -17.48 9.56 11.15
CMD KC1 KA . -11.51 13.71 14.40
NA KC1 KA . -10.04 7.96 12.07
NC KC1 KA . -13.82 9.51 11.99
O1A KC1 KA . -3.17 6.92 12.31
O1D KC1 KA . -5.80 11.52 12.62
O2A KC1 KA . -3.70 8.78 13.41
O2D KC1 KA . -7.49 11.28 11.22
OBD KC1 KA . -7.92 12.97 14.56
MG KC1 KA . -11.94 8.72 12.05
MG CLA LA . -29.71 9.82 15.49
CHA CLA LA . -32.60 10.34 13.65
CHB CLA LA . -27.87 11.22 12.99
CHC CLA LA . -26.90 9.30 17.35
CHD CLA LA . -31.65 8.33 18.04
NA CLA LA . -30.18 10.64 13.63
C1A CLA LA . -31.45 10.77 13.04
C2A CLA LA . -31.35 11.44 11.67
C3A CLA LA . -29.83 11.63 11.47
C4A CLA LA . -29.23 11.14 12.78
CMA CLA LA . -29.32 10.84 10.30
CAA CLA LA . -32.07 12.77 11.65
CBA CLA LA . -31.32 13.83 12.42
CGA CLA LA . -32.22 14.44 13.45
O1A CLA LA . -32.89 13.88 14.32
O2A CLA LA . -32.27 15.80 13.37
NB CLA LA . -27.74 10.16 15.22
C1B CLA LA . -27.20 10.80 14.14
C2B CLA LA . -25.73 10.97 14.36
C3B CLA LA . -25.44 10.43 15.59
C4B CLA LA . -26.72 9.91 16.15
CMB CLA LA . -24.85 11.61 13.39
CAB CLA LA . -24.18 10.35 16.27
CBB CLA LA . -23.66 9.27 16.84
NC CLA LA . -29.35 8.98 17.36
C1C CLA LA . -28.12 8.87 17.94
C2C CLA LA . -28.22 8.21 19.23
C3C CLA LA . -29.57 7.94 19.43
C4C CLA LA . -30.28 8.42 18.25
CMC CLA LA . -27.10 7.93 20.12
CAC CLA LA . -30.17 7.26 20.59
CBC CLA LA . -30.40 8.16 21.77
ND CLA LA . -31.65 9.44 15.85
C1D CLA LA . -32.32 8.81 16.93
C2D CLA LA . -33.76 8.75 16.64
C3D CLA LA . -33.93 9.33 15.40
C4D CLA LA . -32.58 9.73 14.94
CMD CLA LA . -34.76 8.19 17.55
CAD CLA LA . -34.87 9.71 14.36
OBD CLA LA . -36.09 9.58 14.33
CBD CLA LA . -34.03 10.34 13.20
CGD CLA LA . -34.19 9.57 11.91
O1D CLA LA . -33.62 8.52 11.60
O2D CLA LA . -35.04 10.13 11.03
CED CLA LA . -36.24 9.42 10.73
C1 CLA LA . -31.71 16.53 14.48
MG CLA MA . -30.29 -9.23 18.42
CHA CLA MA . -33.51 -7.92 18.53
CHB CLA MA . -29.02 -6.10 18.84
CHC CLA MA . -27.14 -10.58 18.44
CHD CLA MA . -31.67 -12.47 18.03
NA CLA MA . -31.15 -7.33 18.63
C1A CLA MA . -32.51 -7.00 18.65
C2A CLA MA . -32.70 -5.49 18.80
C3A CLA MA . -31.26 -4.94 18.76
C4A CLA MA . -30.39 -6.20 18.74
CMA CLA MA . -31.02 -4.08 17.54
CAA CLA MA . -33.36 -5.15 20.12
CBA CLA MA . -32.72 -5.88 21.28
CGA CLA MA . -33.37 -5.49 22.57
O1A CLA MA . -34.53 -5.66 22.94
O2A CLA MA . -32.50 -4.84 23.41
NB CLA MA . -28.43 -8.47 18.53
C1B CLA MA . -28.13 -7.18 18.84
C2B CLA MA . -26.69 -7.07 19.19
C3B CLA MA . -26.15 -8.33 19.08
C4B CLA MA . -27.25 -9.24 18.66
CMB CLA MA . -26.05 -5.81 19.58
CAB CLA MA . -24.80 -8.78 19.33
CBB CLA MA . -24.00 -9.35 18.42
NC CLA MA . -29.56 -11.17 18.23
C1C CLA MA . -28.22 -11.50 18.23
C2C CLA MA . -28.05 -12.92 18.03
C3C CLA MA . -29.34 -13.47 17.96
C4C CLA MA . -30.27 -12.35 18.08
CMC CLA MA . -26.77 -13.62 17.98
CAC CLA MA . -29.69 -14.88 17.78
CBC CLA MA . -30.08 -15.20 16.35
ND CLA MA . -32.13 -10.07 18.33
C1D CLA MA . -32.56 -11.42 18.15
C2D CLA MA . -34.04 -11.45 18.12
C3D CLA MA . -34.45 -10.14 18.28
C4D CLA MA . -33.23 -9.33 18.39
CMD CLA MA . -34.83 -12.66 17.96
CAD CLA MA . -35.59 -9.24 18.37
OBD CLA MA . -36.79 -9.50 18.34
CBD CLA MA . -35.01 -7.79 18.52
CGD CLA MA . -35.47 -6.88 17.40
O1D CLA MA . -35.33 -7.05 16.19
O2D CLA MA . -36.09 -5.75 17.84
CED CLA MA . -36.68 -4.91 16.85
C1 CLA MA . -31.43 -5.63 23.96
C1B LMT NA . 5.21 3.70 12.01
C2B LMT NA . 4.45 4.12 13.28
C3B LMT NA . 5.30 3.86 14.54
C4B LMT NA . 6.77 4.35 14.40
C5B LMT NA . 7.33 3.96 13.01
C6B LMT NA . 7.70 2.48 12.97
O1B LMT NA . 4.47 4.04 10.88
O2B LMT NA . 4.16 5.45 13.15
O3B LMT NA . 5.21 2.56 14.94
O4' LMT NA . 6.84 5.72 14.55
O5B LMT NA . 6.47 4.30 11.94
O6B LMT NA . 8.09 2.13 11.71
C1' LMT NA . 1.28 2.79 8.55
C2' LMT NA . 0.90 3.66 9.78
C3' LMT NA . 2.16 4.32 10.41
C4' LMT NA . 3.31 3.31 10.59
C5' LMT NA . 3.47 2.67 9.20
C6' LMT NA . 4.70 1.83 9.02
O1' LMT NA . 0.22 2.00 8.22
O2' LMT NA . 0.06 4.65 9.36
O3' LMT NA . 1.84 4.88 11.61
O5' LMT NA . 2.34 1.92 8.90
O6' LMT NA . 5.75 2.70 8.98
C1 LMT NA . -0.01 1.85 6.84
C2 LMT NA . -1.50 1.86 6.71
C3 LMT NA . -2.06 1.76 5.33
C4 LMT NA . -3.49 2.21 5.40
C5 LMT NA . -4.10 2.23 4.05
C1B LMT OA . -13.49 -8.23 38.78
C2B LMT OA . -13.69 -6.80 39.30
C3B LMT OA . -12.60 -5.84 38.76
C4B LMT OA . -11.20 -6.44 38.97
C5B LMT OA . -11.20 -7.86 38.38
C6B LMT OA . -9.83 -8.49 38.51
O1B LMT OA . -13.79 -8.26 37.43
O2B LMT OA . -14.93 -6.40 38.87
O3B LMT OA . -12.72 -4.58 39.29
O4' LMT OA . -10.25 -5.69 38.33
O5B LMT OA . -12.17 -8.66 38.99
O6B LMT OA . -8.85 -7.54 38.33
C1' LMT OA . -15.99 -10.20 34.57
C2' LMT OA . -16.83 -9.67 35.75
C3' LMT OA . -15.98 -8.69 36.60
C4' LMT OA . -14.62 -9.30 36.97
C5' LMT OA . -14.02 -9.84 35.66
C6' LMT OA . -12.63 -10.37 35.80
O1' LMT OA . -16.67 -11.15 33.87
O2' LMT OA . -17.91 -8.99 35.26
O3' LMT OA . -16.64 -8.32 37.72
O5' LMT OA . -14.85 -10.83 35.11
O6' LMT OA . -12.57 -10.97 37.03
C1 LMT OA . -17.31 -10.68 32.70
C2 LMT OA . -17.12 -11.76 31.67
C3 LMT OA . -18.10 -11.77 30.56
C4 LMT OA . -17.75 -12.93 29.67
C5 LMT OA . -18.86 -13.24 28.72
C6 LMT OA . -18.83 -12.34 27.53
C7 LMT OA . -19.68 -12.93 26.44
C8 LMT OA . -19.99 -11.87 25.45
C9 LMT OA . -20.80 -12.33 24.28
C A86 PA . 2.08 36.77 -17.06
O A86 PA . 7.18 26.94 -9.96
C1 A86 PA . 1.06 35.67 -17.22
C10 A86 PA . 5.60 29.53 -11.27
C11 A86 PA . 5.52 28.37 -10.61
C12 A86 PA . 4.34 27.46 -10.79
C13 A86 PA . 6.64 28.01 -9.79
C14 A86 PA . 7.11 28.93 -8.69
C15 A86 PA . 8.35 28.18 -8.23
C16 A86 PA . 9.69 28.74 -8.72
C17 A86 PA . 10.84 27.91 -8.20
C18 A86 PA . 10.88 27.90 -6.68
C19 A86 PA . 9.58 27.35 -6.11
C2 A86 PA . 1.22 34.51 -16.58
C20 A86 PA . 8.50 27.12 -7.14
C21 A86 PA . 7.77 25.79 -6.99
C22 A86 PA . 9.81 30.19 -8.25
C23 A86 PA . 9.78 28.75 -10.23
C24 A86 PA . -0.13 35.87 -18.07
C25 A86 PA . -0.30 37.02 -18.70
C26 A86 PA . -1.48 37.20 -19.54
C27 A86 PA . -1.67 38.36 -20.18
C28 A86 PA . -0.68 39.48 -20.05
C29 A86 PA . -2.86 38.53 -21.03
C3 A86 PA . 2.38 34.27 -15.72
C30 A86 PA . -3.55 39.26 -21.79
C31 A86 PA . -4.27 39.96 -22.55
C32 A86 PA . -3.62 41.00 -23.44
C33 A86 PA . -4.46 42.28 -23.33
C34 A86 PA . -5.91 42.01 -23.70
C35 A86 PA . -6.49 41.07 -22.66
C36 A86 PA . -5.76 39.74 -22.60
C37 A86 PA . -6.21 38.99 -21.35
C38 A86 PA . -7.92 43.92 -23.77
C39 A86 PA . -9.17 43.16 -24.11
C4 A86 PA . 2.46 33.11 -15.10
C40 A86 PA . -3.63 40.47 -24.87
C41 A86 PA . -2.20 41.28 -22.99
C5 A86 PA . 3.59 32.78 -14.23
C6 A86 PA . 3.59 31.60 -13.62
C7 A86 PA . 2.47 30.65 -13.86
C8 A86 PA . 4.67 31.17 -12.73
C9 A86 PA . 4.54 29.99 -12.14
O1 A86 PA . 7.55 28.17 -7.06
O2 A86 PA . 11.97 27.09 -6.25
O3 A86 PA . -6.12 38.95 -23.73
O4 A86 PA . -6.66 43.22 -23.65
O5 A86 PA . -7.94 45.13 -23.59
C A86 QA . -19.51 14.27 0.81
O A86 QA . -9.57 22.63 0.11
C1 A86 QA . -20.14 15.25 -0.15
C10 A86 QA . -12.47 21.02 0.40
C11 A86 QA . -11.83 22.19 0.27
C12 A86 QA . -12.47 23.34 -0.44
C13 A86 QA . -10.50 22.30 0.83
C14 A86 QA . -10.27 22.06 2.29
C15 A86 QA . -9.26 21.99 3.43
C16 A86 QA . -8.04 21.10 3.21
C17 A86 QA . -7.13 21.14 4.42
C18 A86 QA . -6.67 22.56 4.70
C19 A86 QA . -7.87 23.44 5.01
C2 A86 QA . -19.51 16.36 -0.51
C20 A86 QA . -9.19 22.71 4.77
C21 A86 QA . -10.13 22.65 5.95
C22 A86 QA . -7.28 21.59 1.99
C23 A86 QA . -8.52 19.67 2.97
C24 A86 QA . -21.48 14.99 -0.70
C25 A86 QA . -22.17 13.90 -0.40
C26 A86 QA . -23.48 13.75 -1.00
C27 A86 QA . -24.23 12.67 -0.74
C28 A86 QA . -23.71 11.61 0.19
C29 A86 QA . -25.55 12.54 -1.37
C3 A86 QA . -18.18 16.68 -0.02
C30 A86 QA . -26.06 11.45 -1.01
C31 A86 QA . -26.97 10.61 -1.15
C32 A86 QA . -28.10 10.60 -0.16
C33 A86 QA . -28.52 9.17 0.16
C34 A86 QA . -28.85 8.44 -1.12
C35 A86 QA . -27.58 8.30 -1.93
C36 A86 QA . -26.94 9.63 -2.32
C37 A86 QA . -25.51 9.41 -2.76
C38 A86 QA . -29.66 6.19 -1.86
C39 A86 QA . -28.95 4.87 -1.95
C4 A86 QA . -17.62 17.82 -0.43
C40 A86 QA . -29.26 11.34 -0.82
C41 A86 QA . -27.68 11.32 1.11
C5 A86 QA . -16.29 18.19 0.02
C6 A86 QA . -15.72 19.33 -0.36
C7 A86 QA . -16.41 20.27 -1.30
C8 A86 QA . -14.37 19.65 0.13
C9 A86 QA . -13.80 20.81 -0.13
O1 A86 QA . -9.87 23.26 3.64
O2 A86 QA . -5.77 22.57 5.81
O3 A86 QA . -27.67 10.19 -3.42
O4 A86 QA . -29.31 7.13 -0.81
O5 A86 QA . -30.54 6.50 -2.63
C A86 RA . -1.86 32.97 -6.56
O A86 RA . -12.51 25.91 -5.04
C1 A86 RA . -1.72 32.93 -5.07
C10 A86 RA . -9.46 27.29 -5.10
C11 A86 RA . -10.29 26.35 -4.65
C12 A86 RA . -10.13 25.77 -3.29
C13 A86 RA . -11.39 25.89 -5.49
C14 A86 RA . -11.14 25.35 -6.89
C15 A86 RA . -12.55 25.01 -7.30
C16 A86 RA . -13.39 25.92 -8.20
C17 A86 RA . -14.74 25.27 -8.39
C18 A86 RA . -14.61 23.95 -9.13
C19 A86 RA . -13.75 22.95 -8.35
C2 A86 RA . -2.58 32.23 -4.32
C20 A86 RA . -12.52 23.52 -7.65
C21 A86 RA . -11.49 22.46 -7.30
C22 A86 RA . -12.75 26.20 -9.56
C23 A86 RA . -13.64 27.29 -7.55
C24 A86 RA . -0.62 33.64 -4.41
C25 A86 RA . 0.29 34.30 -5.10
C26 A86 RA . 1.33 34.96 -4.34
C27 A86 RA . 2.34 35.62 -4.92
C28 A86 RA . 2.44 35.69 -6.41
C29 A86 RA . 3.35 36.26 -4.06
C3 A86 RA . -3.70 31.53 -4.93
C30 A86 RA . 4.31 36.85 -4.63
C31 A86 RA . 5.38 37.34 -5.05
C32 A86 RA . 5.43 38.81 -5.38
C33 A86 RA . 6.09 38.94 -6.76
C34 A86 RA . 7.46 38.30 -6.74
C35 A86 RA . 7.29 36.80 -6.53
C36 A86 RA . 6.60 36.48 -5.21
C37 A86 RA . 6.23 35.00 -5.22
C38 A86 RA . 8.73 38.80 -9.26
C39 A86 RA . 8.09 38.38 -10.56
C4 A86 RA . -4.49 30.78 -4.17
C40 A86 RA . 6.25 39.53 -4.33
C41 A86 RA . 4.03 39.40 -5.42
C5 A86 RA . -5.62 30.11 -4.81
C6 A86 RA . -6.43 29.30 -4.12
C7 A86 RA . -6.20 29.04 -2.66
C8 A86 RA . -7.55 28.68 -4.84
C9 A86 RA . -8.37 27.79 -4.27
O1 A86 RA . -11.87 24.51 -8.44
O2 A86 RA . -15.91 23.39 -9.30
O3 A86 RA . 7.51 36.68 -4.12
O4 A86 RA . 8.09 38.46 -8.01
O5 A86 RA . 9.77 39.42 -9.23
C A86 SA . -2.06 16.72 -3.64
O A86 SA . 0.30 23.15 -14.43
C1 A86 SA . -0.67 17.04 -3.25
C10 A86 SA . -0.02 22.24 -11.25
C11 A86 SA . 0.40 23.16 -12.13
C12 A86 SA . 1.59 24.02 -11.85
C13 A86 SA . -0.33 23.25 -13.39
C14 A86 SA . -1.81 23.51 -13.43
C15 A86 SA . -2.11 23.43 -14.92
C16 A86 SA . -2.74 22.13 -15.44
C17 A86 SA . -2.97 22.22 -16.93
C18 A86 SA . -3.96 23.32 -17.27
C19 A86 SA . -3.42 24.68 -16.83
C2 A86 SA . 0.10 17.85 -4.00
C20 A86 SA . -2.63 24.73 -15.53
C21 A86 SA . -2.31 26.15 -15.09
C22 A86 SA . -4.04 21.83 -14.72
C23 A86 SA . -1.80 20.95 -15.20
C24 A86 SA . -0.12 16.49 -2.01
C25 A86 SA . -0.86 15.72 -1.23
C26 A86 SA . -0.26 15.20 -0.02
C27 A86 SA . -0.98 14.46 0.81
C28 A86 SA . -2.42 14.20 0.52
C29 A86 SA . -0.36 13.92 2.03
C3 A86 SA . -0.38 18.42 -5.25
C30 A86 SA . -0.37 13.27 3.11
C31 A86 SA . -0.91 13.20 4.24
C32 A86 SA . -2.15 12.34 4.44
C33 A86 SA . -3.16 13.33 4.99
C34 A86 SA . -2.69 14.01 6.26
C35 A86 SA . -1.47 14.87 5.93
C36 A86 SA . -0.34 14.00 5.40
C37 A86 SA . 0.84 14.84 4.97
C38 A86 SA . -5.06 14.83 7.22
C39 A86 SA . -5.38 15.36 8.58
C4 A86 SA . 0.39 19.25 -5.93
C40 A86 SA . -1.86 11.22 5.42
C41 A86 SA . -2.64 11.73 3.13
C5 A86 SA . -0.09 19.77 -7.20
C6 A86 SA . 0.61 20.65 -7.92
C7 A86 SA . 1.94 21.15 -7.46
C8 A86 SA . 0.05 21.08 -9.21
C9 A86 SA . 0.63 21.99 -9.98
O1 A86 SA . -3.31 24.05 -14.48
O2 A86 SA . -4.18 23.33 -18.68
O3 A86 SA . 0.13 13.17 6.46
O4 A86 SA . -3.70 14.89 6.73
O5 A86 SA . -5.93 14.36 6.50
C A86 TA . -6.08 40.81 -4.26
O A86 TA . -12.40 35.37 -12.61
C1 A86 TA . -5.92 39.65 -3.33
C10 A86 TA . -10.09 36.58 -10.52
C11 A86 TA . -10.53 35.55 -11.25
C12 A86 TA . -10.26 34.12 -10.90
C13 A86 TA . -11.30 35.86 -12.46
C14 A86 TA . -10.73 36.75 -13.53
C15 A86 TA . -11.71 36.96 -14.67
C16 A86 TA . -12.63 38.19 -14.65
C17 A86 TA . -13.52 38.17 -15.89
C18 A86 TA . -12.69 38.30 -17.15
C19 A86 TA . -11.71 37.14 -17.30
C2 A86 TA . -6.48 38.47 -3.62
C20 A86 TA . -11.08 36.59 -16.01
C21 A86 TA . -9.99 35.55 -16.26
C22 A86 TA . -11.84 39.49 -14.60
C23 A86 TA . -13.55 38.15 -13.44
C24 A86 TA . -5.13 39.82 -2.09
C25 A86 TA . -5.71 39.64 -0.91
C26 A86 TA . -5.00 39.78 0.37
C27 A86 TA . -4.39 40.89 0.81
C28 A86 TA . -4.36 42.18 0.04
C29 A86 TA . -3.71 40.84 2.12
C3 A86 TA . -7.27 38.33 -4.84
C30 A86 TA . -3.09 41.78 2.69
C31 A86 TA . -2.38 42.55 3.38
C32 A86 TA . -3.05 43.57 4.28
C33 A86 TA . -2.32 44.89 4.10
C34 A86 TA . -0.83 44.75 4.37
C35 A86 TA . -0.25 43.83 3.31
C36 A86 TA . -0.87 42.44 3.33
C37 A86 TA . -0.44 41.69 2.08
C38 A86 TA . 1.07 46.76 4.25
C39 A86 TA . 2.35 46.04 4.52
C4 A86 TA . -7.81 37.17 -5.20
C40 A86 TA . -2.91 43.08 5.73
C41 A86 TA . -4.52 43.71 3.91
C5 A86 TA . -8.58 37.12 -6.44
C6 A86 TA . -9.10 35.97 -6.91
C7 A86 TA . -8.89 34.68 -6.18
C8 A86 TA . -9.89 36.01 -8.15
C9 A86 TA . -9.35 36.52 -9.26
O1 A86 TA . -10.56 37.62 -15.19
O2 A86 TA . -13.57 38.29 -18.28
O3 A86 TA . -0.39 41.74 4.48
O4 A86 TA . -0.18 46.02 4.24
O5 A86 TA . 1.01 47.96 4.03
C A86 UA . 1.35 11.22 -9.46
O A86 UA . -4.36 16.94 -19.45
C1 A86 UA . 1.93 12.56 -9.12
C10 A86 UA . -3.28 15.99 -16.45
C11 A86 UA . -3.85 16.93 -17.20
C12 A86 UA . -3.66 18.38 -16.88
C13 A86 UA . -4.65 16.53 -18.34
C14 A86 UA . -5.85 15.63 -18.17
C15 A86 UA . -7.00 14.88 -18.83
C16 A86 UA . -6.59 13.89 -19.92
C17 A86 UA . -7.85 13.18 -20.43
C18 A86 UA . -9.10 13.98 -20.05
C19 A86 UA . -9.01 15.45 -20.40
C2 A86 UA . 1.59 13.64 -9.85
C20 A86 UA . -7.88 15.97 -19.51
C21 A86 UA . -7.72 17.47 -19.52
C22 A86 UA . -5.41 12.93 -19.77
C23 A86 UA . -5.96 14.69 -21.06
C24 A86 UA . 2.86 12.71 -8.01
C25 A86 UA . 3.20 11.67 -7.24
C26 A86 UA . 4.14 11.90 -6.16
C27 A86 UA . 4.51 10.90 -5.35
C28 A86 UA . 3.96 9.52 -5.53
C29 A86 UA . 5.46 11.18 -4.25
C3 A86 UA . 0.67 13.53 -10.96
C30 A86 UA . 5.98 10.48 -3.35
C31 A86 UA . 6.44 9.72 -2.47
C32 A86 UA . 7.79 9.08 -2.67
C33 A86 UA . 7.60 7.59 -2.41
C34 A86 UA . 7.03 7.33 -1.03
C35 A86 UA . 5.62 7.92 -0.99
C36 A86 UA . 5.63 9.42 -1.22
C37 A86 UA . 4.20 9.91 -1.38
C38 A86 UA . 6.48 4.84 0.02
C39 A86 UA . 5.44 3.87 -0.49
C4 A86 UA . 0.31 14.62 -11.64
C40 A86 UA . 8.77 9.67 -1.67
C41 A86 UA . 8.29 9.30 -4.09
C5 A86 UA . -0.61 14.47 -12.76
C6 A86 UA . -1.03 15.54 -13.45
C7 A86 UA . -0.56 16.91 -13.10
C8 A86 UA . -1.93 15.32 -14.59
C9 A86 UA . -2.43 16.32 -15.30
O1 A86 UA . -8.08 15.53 -18.16
O2 A86 UA . -10.24 13.40 -20.69
O3 A86 UA . 6.20 10.06 -0.08
O4 A86 UA . 6.90 5.93 -0.83
O5 A86 UA . 6.97 4.75 1.13
MG CLA VA . 12.72 23.24 -8.69
CHA CLA VA . 11.90 21.33 -5.93
CHB CLA VA . 16.03 22.78 -8.06
CHC CLA VA . 13.47 25.11 -11.48
CHD CLA VA . 9.27 23.56 -9.43
NA CLA VA . 13.77 22.22 -7.21
C1A CLA VA . 13.25 21.47 -6.15
C2A CLA VA . 14.38 20.88 -5.31
C3A CLA VA . 15.65 21.33 -6.03
C4A CLA VA . 15.13 22.18 -7.19
CMA CLA VA . 16.56 22.12 -5.13
CAA CLA VA . 14.31 19.37 -5.31
CBA CLA VA . 14.14 18.83 -6.70
CGA CLA VA . 14.01 17.33 -6.64
O1A CLA VA . 14.69 16.53 -6.02
O2A CLA VA . 12.98 16.86 -7.40
NB CLA VA . 14.42 23.78 -9.62
C1B CLA VA . 15.68 23.58 -9.15
C2B CLA VA . 16.66 24.35 -9.96
C3B CLA VA . 15.93 25.01 -10.93
C4B CLA VA . 14.51 24.66 -10.73
CMB CLA VA . 18.09 24.33 -9.70
CAB CLA VA . 16.35 25.90 -11.99
CBB CLA VA . 17.42 25.73 -12.76
NC CLA VA . 11.57 24.18 -10.17
C1C CLA VA . 12.10 24.88 -11.22
C2C CLA VA . 11.03 25.37 -12.07
C3C CLA VA . 9.83 24.94 -11.50
C4C CLA VA . 10.18 24.18 -10.31
CMC CLA VA . 11.23 26.17 -13.28
CAC CLA VA . 8.49 25.18 -12.03
CBC CLA VA . 8.01 24.04 -12.89
ND CLA VA . 10.95 22.72 -7.86
C1D CLA VA . 9.61 22.89 -8.28
C2D CLA VA . 8.72 22.23 -7.31
C3D CLA VA . 9.54 21.65 -6.36
C4D CLA VA . 10.92 21.95 -6.78
CMD CLA VA . 7.26 22.23 -7.38
CAD CLA VA . 9.62 20.86 -5.14
OBD CLA VA . 8.71 20.46 -4.43
CBD CLA VA . 11.12 20.58 -4.88
CGD CLA VA . 11.53 20.98 -3.49
O1D CLA VA . 11.23 22.00 -2.88
O2D CLA VA . 12.33 20.07 -2.86
CED CLA VA . 12.99 20.49 -1.66
C1 CLA VA . 13.15 15.54 -7.93
C2 CLA VA . 11.79 14.96 -8.08
C3 CLA VA . 11.28 14.62 -9.27
C4 CLA VA . 12.02 14.81 -10.53
C5 CLA VA . 9.92 14.05 -9.37
C6 CLA VA . 8.90 14.98 -9.99
C7 CLA VA . 7.51 14.53 -9.59
C8 CLA VA . 6.41 15.33 -10.26
C9 CLA VA . 5.06 14.77 -9.84
C10 CLA VA . 6.54 15.29 -11.78
C11 CLA VA . 5.62 16.27 -12.47
C12 CLA VA . 4.53 15.59 -13.24
C13 CLA VA . 4.25 16.24 -14.59
C14 CLA VA . 4.68 17.69 -14.62
C15 CLA VA . 2.77 16.13 -14.98
C16 CLA VA . 2.60 15.37 -16.27
C17 CLA VA . 1.33 15.80 -16.99
C18 CLA VA . 0.93 14.81 -18.08
C19 CLA VA . -0.07 15.42 -19.03
C20 CLA VA . 0.35 13.55 -17.46
MG CLA WA . 5.69 33.03 -1.04
CHA CLA WA . 8.88 33.32 0.29
CHB CLA WA . 4.39 34.33 1.82
CHC CLA WA . 2.55 32.65 -2.36
CHD CLA WA . 7.09 31.76 -4.02
NA CLA WA . 6.53 33.72 0.75
C1A CLA WA . 7.89 33.76 1.10
C2A CLA WA . 8.06 34.33 2.52
C3A CLA WA . 6.61 34.61 2.98
C4A CLA WA . 5.77 34.20 1.78
CMA CLA WA . 6.26 33.78 4.19
CAA CLA WA . 8.89 35.61 2.52
CBA CLA WA . 8.54 36.53 1.37
CGA CLA WA . 7.47 37.48 1.78
O1A CLA WA . 7.40 38.16 2.81
O2A CLA WA . 6.46 37.57 0.86
NB CLA WA . 3.82 33.39 -0.38
C1B CLA WA . 3.50 33.98 0.79
C2B CLA WA . 2.03 34.19 0.88
C3B CLA WA . 1.50 33.70 -0.30
C4B CLA WA . 2.64 33.20 -1.12
CMB CLA WA . 1.39 34.80 2.04
CAB CLA WA . 0.15 33.65 -0.79
CBB CLA WA . -0.95 33.60 -0.03
NC CLA WA . 4.97 32.34 -2.86
C1C CLA WA . 3.64 32.25 -3.18
C2C CLA WA . 3.49 31.70 -4.53
C3C CLA WA . 4.77 31.48 -5.01
C4C CLA WA . 5.69 31.87 -3.95
CMC CLA WA . 2.23 31.46 -5.21
CAC CLA WA . 5.14 30.94 -6.32
CBC CLA WA . 5.56 32.02 -7.30
ND CLA WA . 7.53 32.64 -1.77
C1D CLA WA . 7.96 32.10 -3.01
C2D CLA WA . 9.43 31.98 -2.99
C3D CLA WA . 9.84 32.41 -1.74
C4D CLA WA . 8.61 32.81 -1.03
CMD CLA WA . 10.22 31.46 -4.10
CAD CLA WA . 10.96 32.64 -0.85
OBD CLA WA . 12.15 32.45 -1.03
CBD CLA WA . 10.37 33.22 0.48
CGD CLA WA . 10.68 32.32 1.64
O1D CLA WA . 10.21 31.20 1.86
O2D CLA WA . 11.58 32.83 2.52
CED CLA WA . 11.75 32.13 3.76
C1 CLA WA . 5.18 38.02 1.34
C2 CLA WA . 4.22 37.78 0.25
C3 CLA WA . 2.92 38.14 0.33
C4 CLA WA . 2.37 38.78 1.54
C5 CLA WA . 1.98 37.89 -0.80
C6 CLA WA . 1.41 39.18 -1.34
C7 CLA WA . 0.42 38.89 -2.45
C8 CLA WA . 0.46 39.97 -3.52
C9 CLA WA . 0.15 41.32 -2.91
C10 CLA WA . -0.53 39.66 -4.64
C11 CLA WA . 0.15 39.06 -5.85
C12 CLA WA . -0.83 38.36 -6.76
C13 CLA WA . -0.15 37.87 -8.04
C14 CLA WA . -0.95 36.78 -8.69
NB KC2 XA . -5.22 35.19 -1.66
ND KC2 XA . -6.91 34.65 1.85
C1A KC2 XA . -4.52 36.45 2.33
C1B KC2 XA . -4.11 35.91 -1.87
C1C KC2 XA . -7.60 33.38 -2.12
C1D KC2 XA . -7.98 33.89 2.17
C2A KC2 XA . -3.33 37.27 2.49
C2B KC2 XA . -3.74 35.88 -3.24
C2C KC2 XA . -8.67 32.51 -2.34
C2D KC2 XA . -8.19 33.96 3.56
C3A KC2 XA . -2.80 37.40 1.23
C3B KC2 XA . -4.67 35.11 -3.88
C3C KC2 XA . -9.26 32.28 -1.14
C3D KC2 XA . -7.21 34.79 4.08
C4A KC2 XA . -3.61 36.68 0.35
C4B KC2 XA . -5.60 34.69 -2.85
C4C KC2 XA . -8.51 33.06 -0.14
C4D KC2 XA . -6.43 35.20 2.98
CAA KC2 XA . -2.79 37.88 3.70
CAB KC2 XA . -4.74 34.77 -5.30
CAC KC2 XA . -10.43 31.44 -0.89
CAD KC2 XA . -6.67 35.40 5.30
CBA KC2 XA . -1.96 37.24 4.55
CBB KC2 XA . -4.98 35.70 -6.22
CBC KC2 XA . -10.35 30.44 -0.02
CBD KC2 XA . -5.48 36.21 4.81
CED KC2 XA . -6.22 39.90 4.70
CGA KC2 XA . -1.26 38.00 5.51
CGD KC2 XA . -5.67 37.65 5.20
CHA KC2 XA . -5.41 36.04 3.33
CHB KC2 XA . -3.32 36.62 -1.01
CHC KC2 XA . -6.72 33.85 -3.20
CHD KC2 XA . -8.84 33.08 1.30
CMA KC2 XA . -1.55 38.16 0.87
CMB KC2 XA . -2.55 36.56 -3.87
CMC KC2 XA . -9.10 31.93 -3.66
CMD KC2 XA . -9.28 33.27 4.33
NA KC2 XA . -4.66 36.10 1.00
NC KC2 XA . -7.50 33.72 -0.80
O1A KC2 XA . -1.06 39.17 5.27
O1D KC2 XA . -5.38 38.02 6.31
O2A KC2 XA . -1.30 37.61 6.80
O2D KC2 XA . -6.29 38.49 4.37
OBD KC2 XA . -6.88 35.05 6.43
MG KC2 XA . -6.11 34.94 0.09
MG CLA YA . -14.28 17.42 -5.81
CHA CLA YA . -17.29 16.22 -7.07
CHB CLA YA . -15.66 20.51 -5.50
CHC CLA YA . -11.31 18.54 -4.54
CHD CLA YA . -12.91 14.18 -6.16
NA CLA YA . -16.16 18.20 -6.23
C1A CLA YA . -17.29 17.55 -6.74
C2A CLA YA . -18.47 18.49 -6.88
C3A CLA YA . -17.89 19.86 -6.45
C4A CLA YA . -16.48 19.51 -6.02
CMA CLA YA . -17.88 20.83 -7.59
CAA CLA YA . -19.62 18.10 -5.97
CBA CLA YA . -19.23 18.14 -4.50
CGA CLA YA . -18.79 16.79 -4.03
O1A CLA YA . -19.43 15.73 -3.99
O2A CLA YA . -17.50 16.77 -3.58
NB CLA YA . -13.61 19.18 -5.14
C1B CLA YA . -14.32 20.34 -5.09
C2B CLA YA . -13.48 21.43 -4.54
C3B CLA YA . -12.25 20.89 -4.27
C4B CLA YA . -12.31 19.45 -4.65
CMB CLA YA . -13.97 22.79 -4.37
CAB CLA YA . -11.08 21.53 -3.74
CBB CLA YA . -10.39 21.11 -2.67
NC CLA YA . -12.44 16.52 -5.43
C1C CLA YA . -11.37 17.17 -4.90
C2C CLA YA . -10.25 16.24 -4.76
C3C CLA YA . -10.70 15.00 -5.22
C4C CLA YA . -12.08 15.19 -5.64
CMC CLA YA . -8.94 16.59 -4.22
CAC CLA YA . -9.94 13.75 -5.27
CBC CLA YA . -10.29 12.80 -4.15
ND CLA YA . -14.87 15.60 -6.48
C1D CLA YA . -14.21 14.35 -6.55
C2D CLA YA . -15.15 13.34 -7.10
C3D CLA YA . -16.35 14.01 -7.32
C4D CLA YA . -16.12 15.40 -6.91
CMD CLA YA . -14.82 11.94 -7.32
CAD CLA YA . -17.71 13.90 -7.78
OBD CLA YA . -18.31 12.93 -8.22
CBD CLA YA . -18.36 15.31 -7.62
CGD CLA YA . -18.89 15.84 -8.92
O1D CLA YA . -19.97 16.41 -9.12
O2D CLA YA . -18.07 15.66 -9.99
CED CLA YA . -18.05 16.68 -10.98
C1 CLA YA . -16.93 15.49 -3.26
C2 CLA YA . -15.54 15.75 -2.80
C3 CLA YA . -14.65 14.76 -2.64
C4 CLA YA . -14.97 13.35 -2.92
C5 CLA YA . -13.25 15.03 -2.19
C6 CLA YA . -13.07 16.33 -1.43
C7 CLA YA . -11.88 16.18 -0.51
C8 CLA YA . -11.43 17.50 0.10
C9 CLA YA . -10.36 18.13 -0.75
C10 CLA YA . -10.91 17.29 1.52
NB KC2 ZA . -25.28 14.17 4.60
ND KC2 ZA . -24.53 16.51 1.53
C1A KC2 ZA . -27.43 15.65 1.27
C1B KC2 ZA . -26.47 13.60 4.87
C1C KC2 ZA . -22.38 15.00 4.82
C1D KC2 ZA . -23.39 17.16 1.21
C2A KC2 ZA . -28.81 15.22 1.22
C2B KC2 ZA . -26.40 12.82 6.05
C2C KC2 ZA . -21.04 15.40 4.95
C2D KC2 ZA . -23.61 17.88 0.02
C3A KC2 ZA . -29.01 14.45 2.34
C3B KC2 ZA . -25.12 12.91 6.50
C3C KC2 ZA . -20.76 16.25 3.93
C3D KC2 ZA . -24.91 17.63 -0.37
C4A KC2 ZA . -27.80 14.40 3.03
C4B KC2 ZA . -24.43 13.77 5.56
C4C KC2 ZA . -21.99 16.36 3.15
C4D KC2 ZA . -25.46 16.78 0.58
CAA KC2 ZA . -29.80 15.57 0.19
CAB KC2 ZA . -24.56 12.26 7.70
CAC KC2 ZA . -19.47 16.90 3.69
CAD KC2 ZA . -25.94 17.91 -1.39
CBA KC2 ZA . -30.65 14.68 -0.39
CBB KC2 ZA . -24.33 12.98 8.79
CBC KC2 ZA . -19.36 18.21 3.66
CBD KC2 ZA . -27.19 17.23 -0.86
CED KC2 ZA . -30.17 19.48 -1.06
CGA KC2 ZA . -31.87 15.16 -0.89
CGD KC2 ZA . -28.19 18.29 -0.49
CHA KC2 ZA . -26.76 16.44 0.34
CHB KC2 ZA . -27.68 13.69 4.22
CHC KC2 ZA . -23.03 14.07 5.77
CHD KC2 ZA . -22.11 17.19 1.92
CMA KC2 ZA . -30.28 13.76 2.78
CMB KC2 ZA . -27.53 12.04 6.69
CMC KC2 ZA . -20.08 14.96 6.04
CMD KC2 ZA . -22.61 18.74 -0.69
NA KC2 ZA . -26.82 15.12 2.40
NC KC2 ZA . -22.95 15.58 3.73
O1A KC2 ZA . -32.80 14.39 -1.06
O1D KC2 ZA . -28.54 18.39 0.66
O2A KC2 ZA . -32.00 16.46 -1.23
O2D KC2 ZA . -28.91 18.88 -1.45
OBD KC2 ZA . -25.87 18.68 -2.32
MG KC2 ZA . -24.88 15.34 3.07
NB KC1 AB . -12.47 28.78 7.32
ND KC1 AB . -9.20 29.51 5.31
C1A KC1 AB . -8.87 30.94 7.97
C1B KC1 AB . -12.71 29.14 8.58
C1C KC1 AB . -12.79 27.54 4.65
C1D KC1 AB . -8.88 29.07 4.07
C2A KC1 AB . -8.78 31.55 9.31
C2B KC1 AB . -14.01 28.73 8.96
C2C KC1 AB . -12.94 26.89 3.36
C2D KC1 AB . -7.63 29.61 3.73
C3A KC1 AB . -9.93 31.16 9.98
C3B KC1 AB . -14.55 28.09 7.88
C3C KC1 AB . -11.77 27.08 2.70
C3D KC1 AB . -7.21 30.40 4.81
C4A KC1 AB . -10.69 30.38 9.12
C4B KC1 AB . -13.55 28.15 6.85
C4C KC1 AB . -10.90 27.83 3.57
C4D KC1 AB . -8.22 30.31 5.77
CAA KC1 AB . -7.70 32.40 9.82
CAB KC1 AB . -15.88 27.49 7.75
CAC KC1 AB . -11.44 26.58 1.33
CAD KC1 AB . -6.15 31.27 5.33
CBA KC1 AB . -7.05 32.11 10.95
CBB KC1 AB . -16.98 28.23 7.82
CBC KC1 AB . -12.04 27.49 0.26
CBD KC1 AB . -6.60 31.62 6.73
CED KC1 AB . -3.50 31.14 8.80
CGA KC1 AB . -6.06 33.00 11.44
CGD KC1 AB . -5.61 31.04 7.70
CHA KC1 AB . -7.97 31.03 6.90
CHB KC1 AB . -11.91 29.81 9.48
CHC KC1 AB . -13.79 27.59 5.63
CHD KC1 AB . -9.59 28.23 3.24
CMA KC1 AB . -10.32 31.53 11.38
CMB KC1 AB . -14.66 28.95 10.31
CMC KC1 AB . -14.15 26.16 2.87
CMD KC1 AB . -6.88 29.38 2.45
NA KC1 AB . -10.05 30.22 7.90
NC KC1 AB . -11.56 28.10 4.75
O1A KC1 AB . -5.64 33.86 10.71
O1D KC1 AB . -5.50 29.85 7.77
O2A KC1 AB . -5.86 33.09 12.76
O2D KC1 AB . -4.58 31.81 8.09
OBD KC1 AB . -5.13 31.61 4.78
MG KC1 AB . -10.81 29.13 6.35
MG CLA BB . 1.45 18.05 4.42
CHA CLA BB . 2.21 18.05 7.80
CHB CLA BB . 4.67 17.29 3.69
CHC CLA BB . 0.68 18.26 1.08
CHD CLA BB . -1.90 18.85 5.22
NA CLA BB . 3.15 17.71 5.59
C1A CLA BB . 3.28 17.77 6.99
C2A CLA BB . 4.73 17.48 7.40
C3A CLA BB . 5.41 17.08 6.07
C4A CLA BB . 4.35 17.40 5.03
CMA CLA BB . 6.70 17.82 5.82
CAA CLA BB . 4.96 16.46 8.49
CBA CLA BB . 5.67 17.09 9.67
CGA CLA BB . 6.31 16.06 10.54
O1A CLA BB . 7.39 15.50 10.40
O2A CLA BB . 5.55 15.74 11.64
NB CLA BB . 2.50 17.90 2.71
C1B CLA BB . 3.79 17.50 2.62
C2B CLA BB . 4.16 17.28 1.20
C3B CLA BB . 3.03 17.55 0.45
C4B CLA BB . 1.96 17.93 1.41
CMB CLA BB . 5.48 16.81 0.80
CAB CLA BB . 2.83 17.47 -0.96
CBB CLA BB . 3.60 18.02 -1.90
NC CLA BB . -0.30 18.45 3.35
C1C CLA BB . -0.39 18.48 1.99
C2C CLA BB . -1.75 18.82 1.58
C3C CLA BB . -2.48 18.98 2.75
C4C CLA BB . -1.56 18.76 3.86
CMC CLA BB . -2.20 18.94 0.19
CAC CLA BB . -3.90 19.33 2.87
CBC CLA BB . -4.78 18.13 3.14
ND CLA BB . 0.32 18.25 6.08
C1D CLA BB . -1.03 18.62 6.27
C2D CLA BB . -1.32 18.72 7.71
C3D CLA BB . -0.11 18.50 8.35
C4D CLA BB . 0.89 18.23 7.29
CMD CLA BB . -2.62 19.03 8.27
CAD CLA BB . 0.58 18.39 9.62
OBD CLA BB . 0.12 18.44 10.76
CBD CLA BB . 2.09 18.17 9.31
CGD CLA BB . 2.94 19.29 9.83
O1D CLA BB . 3.52 19.35 10.91
O2D CLA BB . 3.08 20.34 8.97
CED CLA BB . 3.91 21.43 9.39
C1 CLA BB . 5.68 16.56 12.81
C2 CLA BB . 4.86 15.93 13.88
NB KC1 CB . 2.95 16.51 -7.21
ND KC1 CB . 6.74 17.49 -7.11
C1A KC1 CB . 6.25 15.79 -4.63
C1B KC1 CB . 2.32 15.74 -6.31
C1C KC1 CB . 3.48 18.14 -9.61
C1D KC1 CB . 7.42 18.22 -8.01
C2A KC1 CB . 5.96 14.95 -3.47
C2B KC1 CB . 0.96 15.55 -6.70
C2C KC1 CB . 3.75 18.94 -10.79
C2D KC1 CB . 8.75 18.27 -7.59
C3A KC1 CB . 4.60 14.66 -3.56
C3B KC1 CB . 0.81 16.24 -7.87
C3C KC1 CB . 5.05 19.28 -10.74
C3D KC1 CB . 8.85 17.55 -6.41
C4A KC1 CB . 4.11 15.27 -4.72
C4B KC1 CB . 2.09 16.82 -8.17
C4C KC1 CB . 5.61 18.71 -9.54
C4D KC1 CB . 7.57 17.07 -6.14
CAA KC1 CB . 6.92 14.57 -2.44
CAB KC1 CB . -0.41 16.36 -8.70
CAC KC1 CB . 5.80 20.11 -11.75
CAD KC1 CB . 9.75 17.09 -5.33
CBA KC1 CB . 7.04 13.32 -1.94
CBB KC1 CB . -1.50 16.98 -8.28
CBC KC1 CB . 5.73 21.57 -11.32
CBD KC1 CB . 8.88 16.17 -4.50
CED KC1 CB . 9.48 12.73 -5.93
CGA KC1 CB . 7.85 13.14 -0.80
CGD KC1 CB . 9.34 14.75 -4.69
CHA KC1 CB . 7.48 16.35 -5.00
CHB KC1 CB . 2.78 15.17 -5.14
CHC KC1 CB . 2.24 17.58 -9.30
CHD KC1 CB . 6.95 18.84 -9.15
CMA KC1 CB . 3.78 13.83 -2.61
CMB KC1 CB . -0.07 14.76 -5.96
CMC KC1 CB . 2.76 19.30 -11.86
CMD KC1 CB . 9.88 18.99 -8.29
NA KC1 CB . 5.09 15.96 -5.37
NC KC1 CB . 4.62 18.02 -8.87
O1A KC1 CB . 7.57 12.26 0.00
O1D KC1 CB . 10.25 14.32 -4.02
O2A KC1 CB . 9.04 13.77 -0.71
O2D KC1 CB . 8.88 14.03 -5.71
OBD KC1 CB . 10.96 17.15 -5.31
MG KC1 CB . 4.84 17.01 -7.11
MG CLA DB . -1.64 29.58 -18.46
CHA CLA DB . -3.00 29.63 -21.64
CHB CLA DB . -0.22 26.57 -19.11
CHC CLA DB . -0.31 29.61 -15.31
CHD CLA DB . -3.18 32.72 -17.81
NA CLA DB . -1.63 28.33 -20.12
C1A CLA DB . -2.26 28.52 -21.36
C2A CLA DB . -2.00 27.34 -22.29
C3A CLA DB . -1.17 26.37 -21.43
C4A CLA DB . -0.98 27.12 -20.12
CMA CLA DB . -1.90 25.06 -21.22
CAA CLA DB . -1.20 27.78 -23.51
CBA CLA DB . 0.24 28.10 -23.16
CGA CLA DB . 0.59 29.48 -23.64
O1A CLA DB . 0.00 30.53 -23.41
O2A CLA DB . 1.70 29.51 -24.42
NB CLA DB . -0.51 28.32 -17.40
C1B CLA DB . 0.01 27.15 -17.86
C2B CLA DB . 0.90 26.56 -16.83
C3B CLA DB . 0.88 27.40 -15.74
C4B CLA DB . -0.02 28.54 -16.09
CMB CLA DB . 1.61 25.29 -17.02
CAB CLA DB . 1.58 27.29 -14.49
CBB CLA DB . 1.04 27.44 -13.28
NC CLA DB . -1.73 30.92 -16.86
C1C CLA DB . -1.11 30.74 -15.67
C2C CLA DB . -1.38 31.85 -14.77
C3C CLA DB . -2.20 32.74 -15.47
C4C CLA DB . -2.40 32.14 -16.79
CMC CLA DB . -0.88 31.97 -13.40
CAC CLA DB . -2.76 34.00 -14.98
CBC CLA DB . -1.80 35.16 -15.02
ND CLA DB . -2.79 30.93 -19.45
C1D CLA DB . -3.36 32.17 -19.05
C2D CLA DB . -4.15 32.70 -20.19
C3D CLA DB . -4.04 31.77 -21.20
C4D CLA DB . -3.20 30.69 -20.69
CMD CLA DB . -4.86 33.97 -20.16
CAD CLA DB . -4.42 31.43 -22.56
OBD CLA DB . -5.10 32.05 -23.37
CBD CLA DB . -3.79 30.03 -22.87
CGD CLA DB . -4.84 29.00 -23.18
O1D CLA DB . -5.56 28.39 -22.39
O2D CLA DB . -4.97 28.73 -24.50
CED CLA DB . -6.18 29.13 -25.15
C1 CLA DB . 2.86 30.17 -23.87
MG CLA EB . -17.34 31.44 -7.40
CHA CLA EB . -17.77 33.35 -10.27
CHB CLA EB . -13.99 31.29 -8.00
CHC CLA EB . -16.97 29.65 -4.50
CHD CLA EB . -20.83 31.66 -6.81
NA CLA EB . -16.11 32.18 -8.92
C1A CLA EB . -16.48 32.97 -10.02
C2A CLA EB . -15.26 33.29 -10.89
C3A CLA EB . -14.11 32.51 -10.21
C4A CLA EB . -14.76 31.95 -8.95
CMA CLA EB . -13.56 31.42 -11.10
CAA CLA EB . -14.98 34.79 -10.87
CBA CLA EB . -14.95 35.33 -9.46
CGA CLA EB . -14.55 36.78 -9.48
O1A CLA EB . -15.14 37.74 -9.99
O2A CLA EB . -13.36 37.01 -8.84
NB CLA EB . -15.79 30.55 -6.48
C1B CLA EB . -14.48 30.73 -6.81
C2B CLA EB . -13.60 30.24 -5.71
C3B CLA EB . -14.43 29.78 -4.72
C4B CLA EB . -15.83 29.97 -5.18
CMB CLA EB . -12.15 30.30 -5.76
CAB CLA EB . -14.09 29.22 -3.43
CBB CLA EB . -14.45 28.00 -3.00
NC CLA EB . -18.67 30.75 -5.94
C1C CLA EB . -18.29 30.01 -4.85
C2C CLA EB . -19.47 29.68 -4.06
C3C CLA EB . -20.57 30.27 -4.69
C4C CLA EB . -20.05 30.94 -5.87
CMC CLA EB . -19.46 28.88 -2.82
CAC CLA EB . -21.97 30.22 -4.27
CBC CLA EB . -22.80 29.25 -5.07
ND CLA EB . -18.95 32.29 -8.26
C1D CLA EB . -20.33 32.29 -7.92
C2D CLA EB . -21.08 33.07 -8.94
C3D CLA EB . -20.15 33.51 -9.85
C4D CLA EB . -18.84 32.99 -9.40
CMD CLA EB . -22.53 33.29 -8.91
CAD CLA EB . -19.92 34.25 -11.08
OBD CLA EB . -20.70 34.86 -11.78
CBD CLA EB . -18.39 34.16 -11.39
CGD CLA EB . -18.10 33.54 -12.72
O1D CLA EB . -18.39 32.40 -13.10
O2D CLA EB . -17.44 34.35 -13.59
CED CLA EB . -17.52 34.04 -14.98
C1 CLA EB . -13.38 36.96 -7.41
C1B LMT FB . 8.57 7.42 7.55
C2B LMT FB . 8.91 8.92 7.40
C3B LMT FB . 9.40 9.50 8.74
C4B LMT FB . 10.45 8.61 9.44
C5B LMT FB . 10.02 7.12 9.37
C6B LMT FB . 8.94 6.83 10.39
O1B LMT FB . 8.24 6.89 6.30
O2B LMT FB . 9.88 9.03 6.44
O3B LMT FB . 8.36 9.83 9.56
O4' LMT FB . 11.69 8.76 8.85
O5B LMT FB . 9.65 6.72 8.07
O6B LMT FB . 8.50 5.53 10.25
C1' LMT FB . 5.16 6.53 3.58
C2' LMT FB . 5.95 7.85 3.48
C3' LMT FB . 7.26 7.79 4.32
C4' LMT FB . 7.00 7.23 5.73
C5' LMT FB . 6.22 5.91 5.50
C6' LMT FB . 6.03 5.07 6.73
O1' LMT FB . 3.91 6.70 3.05
O2' LMT FB . 6.30 8.05 2.17
O3' LMT FB . 7.82 9.02 4.40
O5' LMT FB . 4.97 6.21 4.94
O6' LMT FB . 7.25 4.53 7.00
C1 LMT FB . 3.53 5.72 2.11
C2 LMT FB . 2.62 6.44 1.17
C3 LMT FB . 2.05 5.65 0.04
C4 LMT FB . 1.55 6.64 -0.98
C5 LMT FB . 1.08 5.92 -2.20
C1B LMT GB . -3.53 39.43 13.66
C2B LMT GB . -2.29 40.05 13.02
C3B LMT GB . -1.11 39.05 13.01
C4B LMT GB . -0.91 38.43 14.42
C5B LMT GB . -2.26 37.87 14.87
C6B LMT GB . -2.12 37.21 16.22
O1B LMT GB . -4.05 38.45 12.81
O2B LMT GB . -2.63 40.39 11.74
O3B LMT GB . 0.04 39.62 12.53
O4' LMT GB . 0.01 37.41 14.36
O5B LMT GB . -3.25 38.87 14.91
O6B LMT GB . -0.91 36.57 16.32
C1' LMT GB . -7.44 37.16 10.92
C2' LMT GB . -7.08 38.63 10.62
C3' LMT GB . -5.64 38.92 11.10
C4' LMT GB . -5.44 38.48 12.56
C5' LMT GB . -5.94 37.02 12.63
C6' LMT GB . -5.70 36.36 13.96
O1' LMT GB . -8.74 36.90 10.60
O2' LMT GB . -7.13 38.85 9.27
O3' LMT GB . -5.36 40.26 10.99
O5' LMT GB . -7.30 36.96 12.31
O6' LMT GB . -5.88 37.33 14.90
C1 LMT GB . -8.93 36.28 9.34
C2 LMT GB . -10.01 35.27 9.55
C3 LMT GB . -10.76 34.85 8.33
C4 LMT GB . -11.80 33.87 8.76
C5 LMT GB . -12.81 33.66 7.69
C6 LMT GB . -12.35 32.69 6.66
C7 LMT GB . -13.52 32.20 5.85
C8 LMT GB . -13.01 31.59 4.60
C9 LMT GB . -14.08 31.02 3.71
C A86 HB . 27.86 -13.61 -26.19
O A86 HB . 23.68 -10.89 -14.01
C1 A86 HB . 26.42 -13.24 -26.39
C10 A86 HB . 24.83 -11.00 -17.12
C11 A86 HB . 23.97 -10.47 -16.25
C12 A86 HB . 22.61 -10.01 -16.68
C13 A86 HB . 24.39 -10.41 -14.87
C14 A86 HB . 25.67 -9.70 -14.49
C15 A86 HB . 25.72 -10.02 -13.00
C16 A86 HB . 26.70 -11.12 -12.61
C17 A86 HB . 26.66 -11.36 -11.11
C18 A86 HB . 27.07 -10.11 -10.34
C19 A86 HB . 26.14 -8.95 -10.68
C2 A86 HB . 25.67 -12.83 -25.36
C20 A86 HB . 25.17 -9.24 -11.82
C21 A86 HB . 23.74 -8.78 -11.55
C22 A86 HB . 28.10 -10.74 -13.06
C23 A86 HB . 26.36 -12.44 -13.27
C24 A86 HB . 25.84 -13.28 -27.74
C25 A86 HB . 26.57 -13.67 -28.78
C26 A86 HB . 25.96 -13.73 -30.11
C27 A86 HB . 26.69 -14.11 -31.16
C28 A86 HB . 28.13 -14.49 -30.99
C29 A86 HB . 26.07 -14.15 -32.50
C3 A86 HB . 26.23 -12.77 -24.02
C30 A86 HB . 26.19 -14.38 -33.73
C31 A86 HB . 26.26 -14.61 -34.96
C32 A86 HB . 27.21 -15.65 -35.48
C33 A86 HB . 27.94 -15.07 -36.69
C34 A86 HB . 26.96 -14.60 -37.74
C35 A86 HB . 26.16 -13.44 -37.16
C36 A86 HB . 25.37 -13.83 -35.92
C37 A86 HB . 24.83 -12.57 -35.24
C38 A86 HB . 27.64 -13.47 -40.19
C39 A86 HB . 26.33 -13.11 -40.83
C4 A86 HB . 25.43 -12.34 -23.05
C40 A86 HB . 26.39 -16.87 -35.90
C41 A86 HB . 28.21 -16.04 -34.40
C5 A86 HB . 25.91 -12.24 -21.67
C6 A86 HB . 25.05 -11.79 -20.75
C7 A86 HB . 23.67 -11.41 -21.14
C8 A86 HB . 25.43 -11.66 -19.33
C9 A86 HB . 24.51 -11.14 -18.53
O1 A86 HB . 25.64 -8.60 -13.01
O2 A86 HB . 27.00 -10.38 -8.95
O3 A86 HB . 24.25 -14.64 -36.31
O4 A86 HB . 27.66 -14.09 -38.88
O5 A86 HB . 28.71 -13.26 -40.75
C A86 IB . 3.21 11.96 -20.76
O A86 IB . 14.75 6.42 -18.57
C1 A86 IB . 3.49 11.56 -22.18
C10 A86 IB . 12.11 8.15 -19.60
C11 A86 IB . 13.36 7.76 -19.84
C12 A86 IB . 13.87 7.56 -21.24
C13 A86 IB . 14.23 7.51 -18.69
C14 A86 IB . 14.49 8.60 -17.70
C15 A86 IB . 15.19 9.00 -16.41
C16 A86 IB . 14.94 8.11 -15.20
C17 A86 IB . 15.71 8.64 -14.00
C18 A86 IB . 17.20 8.69 -14.28
C19 A86 IB . 17.46 9.64 -15.45
C2 A86 IB . 4.65 10.97 -22.51
C20 A86 IB . 16.17 10.12 -16.10
C21 A86 IB . 15.98 11.63 -16.15
C22 A86 IB . 15.41 6.70 -15.51
C23 A86 IB . 13.46 8.10 -14.89
C24 A86 IB . 2.52 11.81 -23.25
C25 A86 IB . 1.35 12.39 -23.02
C26 A86 IB . 0.45 12.59 -24.14
C27 A86 IB . -0.74 13.16 -23.97
C28 A86 IB . -1.17 13.60 -22.60
C29 A86 IB . -1.63 13.34 -25.13
C3 A86 IB . 5.66 10.68 -21.51
C30 A86 IB . -2.70 13.86 -24.73
C31 A86 IB . -3.87 14.19 -25.00
C32 A86 IB . -4.17 15.64 -25.31
C33 A86 IB . -5.49 16.06 -24.69
C34 A86 IB . -6.59 15.13 -25.15
C35 A86 IB . -6.31 13.75 -24.57
C36 A86 IB . -4.99 13.15 -25.03
C37 A86 IB . -4.62 11.98 -24.13
C38 A86 IB . -9.06 14.83 -24.88
C39 A86 IB . -9.87 14.29 -23.74
C4 A86 IB . 6.78 10.09 -21.92
C40 A86 IB . -4.25 15.75 -26.81
C41 A86 IB . -3.04 16.50 -24.76
C5 A86 IB . 7.83 9.76 -20.96
C6 A86 IB . 8.97 9.19 -21.36
C7 A86 IB . 9.20 8.84 -22.79
C8 A86 IB . 9.99 8.90 -20.35
C9 A86 IB . 11.18 8.41 -20.69
O1 A86 IB . 16.04 9.57 -17.41
O2 A86 IB . 17.91 9.14 -13.12
O3 A86 IB . -5.12 12.66 -26.37
O4 A86 IB . -7.84 15.56 -24.63
O5 A86 IB . -9.41 14.68 -26.05
C A86 JB . 25.45 -2.85 -21.85
O A86 JB . 14.87 3.86 -24.84
C1 A86 JB . 25.86 -1.67 -21.02
C10 A86 JB . 17.45 2.22 -23.46
C11 A86 JB . 16.38 2.99 -23.33
C12 A86 JB . 16.31 4.04 -22.25
C13 A86 JB . 15.27 2.87 -24.26
C14 A86 JB . 14.59 1.54 -24.48
C15 A86 JB . 13.52 1.94 -25.49
C16 A86 JB . 13.69 1.68 -27.00
C17 A86 JB . 12.45 2.22 -27.68
C18 A86 JB . 11.20 1.47 -27.25
C19 A86 JB . 10.96 1.61 -25.75
C2 A86 JB . 25.05 -0.60 -20.89
C20 A86 JB . 12.19 1.56 -24.85
C21 A86 JB . 11.85 1.24 -23.40
C22 A86 JB . 13.88 0.21 -27.34
C23 A86 JB . 14.88 2.43 -27.57
C24 A86 JB . 27.14 -1.67 -20.30
C25 A86 JB . 27.96 -2.71 -20.36
C26 A86 JB . 29.20 -2.60 -19.60
C27 A86 JB . 30.07 -3.60 -19.52
C28 A86 JB . 29.81 -4.91 -20.21
C29 A86 JB . 31.30 -3.40 -18.73
C3 A86 JB . 23.78 -0.55 -21.59
C30 A86 JB . 32.10 -4.36 -18.67
C31 A86 JB . 32.91 -5.28 -18.38
C32 A86 JB . 34.09 -5.54 -19.29
C33 A86 JB . 34.14 -7.03 -19.56
C34 A86 JB . 34.24 -7.80 -18.26
C35 A86 JB . 32.95 -7.59 -17.48
C36 A86 JB . 32.70 -6.13 -17.14
C37 A86 JB . 31.28 -5.99 -16.63
C38 A86 JB . 34.64 -10.57 -18.88
C39 A86 JB . 33.67 -11.33 -19.74
C4 A86 JB . 22.97 0.48 -21.39
C40 A86 JB . 35.35 -5.08 -18.59
C41 A86 JB . 33.91 -4.77 -20.60
C5 A86 JB . 21.71 0.52 -22.13
C6 A86 JB . 20.82 1.50 -21.93
C7 A86 JB . 21.07 2.59 -20.94
C8 A86 JB . 19.59 1.48 -22.73
C9 A86 JB . 18.60 2.35 -22.57
O1 A86 JB . 13.13 0.59 -25.30
O2 A86 JB . 10.07 2.00 -27.95
O3 A86 JB . 33.59 -5.71 -16.11
O4 A86 JB . 34.34 -9.20 -18.51
O5 A86 JB . 35.67 -11.06 -18.47
C A86 KB . 12.30 -1.11 -12.02
O A86 KB . 16.16 -11.11 -18.99
C1 A86 KB . 13.34 -1.52 -11.03
C10 A86 KB . 16.03 -8.31 -17.19
C11 A86 KB . 16.78 -9.23 -17.81
C12 A86 KB . 18.14 -9.60 -17.30
C13 A86 KB . 16.21 -9.89 -18.97
C14 A86 KB . 15.72 -9.10 -20.16
C15 A86 KB . 15.14 -10.20 -21.05
C16 A86 KB . 13.63 -10.36 -21.05
C17 A86 KB . 13.20 -11.48 -21.98
C18 A86 KB . 13.59 -11.17 -23.41
C19 A86 KB . 15.10 -11.03 -23.54
C2 A86 KB . 14.19 -2.51 -11.28
C20 A86 KB . 15.85 -10.37 -22.39
C21 A86 KB . 17.31 -10.11 -22.70
C22 A86 KB . 12.94 -9.06 -21.46
C23 A86 KB . 13.11 -10.72 -19.66
C24 A86 KB . 13.43 -0.80 -9.76
C25 A86 KB . 12.63 0.21 -9.49
C26 A86 KB . 12.77 0.88 -8.21
C27 A86 KB . 12.01 1.93 -7.91
C28 A86 KB . 11.04 2.45 -8.92
C29 A86 KB . 12.16 2.59 -6.61
C3 A86 KB . 14.12 -3.27 -12.52
C30 A86 KB . 11.87 3.46 -5.75
C31 A86 KB . 11.84 4.71 -5.55
C32 A86 KB . 10.58 5.50 -5.86
C33 A86 KB . 11.08 6.56 -6.83
C34 A86 KB . 12.22 7.40 -6.24
C35 A86 KB . 13.41 6.50 -6.00
C36 A86 KB . 13.07 5.41 -5.01
C37 A86 KB . 14.23 4.44 -4.83
C38 A86 KB . 12.03 9.54 -7.86
C39 A86 KB . 12.68 10.88 -7.70
C4 A86 KB . 15.03 -4.23 -12.75
C40 A86 KB . 10.01 6.10 -4.59
C41 A86 KB . 9.51 4.64 -6.51
C5 A86 KB . 14.92 -5.00 -13.98
C6 A86 KB . 15.81 -5.94 -14.31
C7 A86 KB . 16.97 -6.25 -13.41
C8 A86 KB . 15.59 -6.70 -15.54
C9 A86 KB . 16.43 -7.61 -15.99
O1 A86 KB . 15.22 -9.15 -22.01
O2 A86 KB . 13.15 -12.24 -24.25
O3 A86 KB . 12.85 6.00 -3.73
O4 A86 KB . 12.60 8.39 -7.19
O5 A86 KB . 11.05 9.37 -8.56
C A86 LB . 30.66 1.11 -27.09
O A86 LB . 20.80 -3.78 -31.94
C1 A86 LB . 29.94 2.19 -26.33
C10 A86 LB . 23.38 -1.97 -30.85
C11 A86 LB . 22.08 -2.00 -31.20
C12 A86 LB . 21.05 -1.12 -30.55
C13 A86 LB . 21.65 -2.95 -32.21
C14 A86 LB . 22.24 -2.89 -33.60
C15 A86 LB . 22.00 -3.71 -34.86
C16 A86 LB . 22.12 -2.98 -36.19
C17 A86 LB . 21.84 -3.93 -37.36
C18 A86 LB . 22.86 -5.05 -37.40
C19 A86 LB . 22.81 -5.90 -36.14
C2 A86 LB . 28.64 2.41 -26.55
C20 A86 LB . 22.42 -5.19 -34.83
C21 A86 LB . 22.35 -6.13 -33.64
C22 A86 LB . 23.50 -2.38 -36.35
C23 A86 LB . 21.08 -1.87 -36.23
C24 A86 LB . 30.68 3.01 -25.35
C25 A86 LB . 30.76 4.32 -25.50
C26 A86 LB . 31.47 5.19 -24.56
C27 A86 LB . 32.78 5.13 -24.27
C28 A86 LB . 33.72 4.14 -24.92
C29 A86 LB . 33.33 6.08 -23.29
C3 A86 LB . 27.91 1.60 -27.53
C30 A86 LB . 34.55 6.09 -22.97
C31 A86 LB . 35.70 6.29 -22.50
C32 A86 LB . 36.51 7.49 -22.93
C33 A86 LB . 37.94 7.04 -23.19
C34 A86 LB . 38.52 6.33 -21.98
C35 A86 LB . 37.73 5.04 -21.77
C36 A86 LB . 36.27 5.30 -21.49
C37 A86 LB . 35.50 3.99 -21.58
C38 A86 LB . 41.09 5.29 -21.80
C39 A86 LB . 41.13 4.64 -20.45
C4 A86 LB . 26.62 1.79 -27.74
C40 A86 LB . 36.48 8.50 -21.77
C41 A86 LB . 35.93 8.12 -24.18
C5 A86 LB . 25.93 0.97 -28.73
C6 A86 LB . 24.63 1.11 -28.98
C7 A86 LB . 23.82 2.13 -28.24
C8 A86 LB . 23.99 0.25 -29.99
C9 A86 LB . 24.00 -1.09 -29.86
O1 A86 LB . 23.33 -4.13 -34.56
O2 A86 LB . 22.58 -5.88 -38.54
O3 A86 LB . 36.12 5.82 -20.17
O4 A86 LB . 39.87 5.96 -22.24
O5 A86 LB . 42.05 5.28 -22.55
C A86 MB . 7.83 -8.09 -9.52
O A86 MB . 7.44 -13.08 -21.38
C1 A86 MB . 9.31 -8.10 -9.67
C10 A86 MB . 7.90 -11.19 -18.66
C11 A86 MB . 8.25 -11.46 -19.93
C12 A86 MB . 9.64 -11.24 -20.40
C13 A86 MB . 7.24 -12.01 -20.83
C14 A86 MB . 5.97 -11.26 -21.12
C15 A86 MB . 4.63 -11.24 -21.84
C16 A86 MB . 3.71 -12.42 -21.56
C17 A86 MB . 2.39 -12.20 -22.31
C18 A86 MB . 2.58 -11.17 -23.43
C19 A86 MB . 3.79 -11.45 -24.30
C2 A86 MB . 9.88 -8.47 -10.83
C20 A86 MB . 4.98 -11.28 -23.34
C21 A86 MB . 6.32 -11.31 -24.05
C22 A86 MB . 3.47 -12.97 -20.15
C23 A86 MB . 4.39 -13.68 -22.08
C24 A86 MB . 10.17 -7.68 -8.55
C25 A86 MB . 9.65 -7.28 -7.39
C26 A86 MB . 10.57 -6.89 -6.33
C27 A86 MB . 10.11 -6.46 -5.15
C28 A86 MB . 8.65 -6.33 -4.90
C29 A86 MB . 11.08 -6.08 -4.10
C3 A86 MB . 9.06 -8.88 -11.95
C30 A86 MB . 10.85 -5.64 -2.95
C31 A86 MB . 10.61 -5.12 -1.82
C32 A86 MB . 10.79 -5.94 -0.57
C33 A86 MB . 9.52 -5.74 0.25
C34 A86 MB . 9.24 -4.28 0.52
C35 A86 MB . 8.94 -3.63 -0.82
C36 A86 MB . 10.14 -3.69 -1.74
C37 A86 MB . 9.75 -3.15 -3.12
C38 A86 MB . 7.18 -3.16 1.83
C39 A86 MB . 7.03 -2.94 3.29
C4 A86 MB . 9.64 -9.20 -13.11
C40 A86 MB . 12.01 -5.42 0.19
C41 A86 MB . 10.97 -7.40 -0.91
C5 A86 MB . 8.80 -9.64 -14.21
C6 A86 MB . 9.32 -9.94 -15.40
C7 A86 MB . 10.80 -9.83 -15.64
C8 A86 MB . 8.43 -10.41 -16.47
C9 A86 MB . 8.86 -10.68 -17.70
O1 A86 MB . 4.84 -10.06 -22.63
O2 A86 MB . 1.40 -11.12 -24.24
O3 A86 MB . 11.17 -2.84 -1.22
O4 A86 MB . 8.06 -4.19 1.32
O5 A86 MB . 6.58 -2.47 1.01
MG CLA NB . 30.41 -2.30 -13.94
CHA CLA NB . 32.47 -2.90 -11.23
CHB CLA NB . 31.62 0.87 -14.15
CHC CLA NB . 28.29 -1.73 -16.57
CHD CLA NB . 29.24 -5.62 -13.73
NA CLA NB . 31.83 -1.22 -12.85
C1A CLA NB . 32.59 -1.65 -11.76
C2A CLA NB . 33.50 -0.54 -11.26
C3A CLA NB . 33.18 0.65 -12.19
C4A CLA NB . 32.14 0.08 -13.14
CMA CLA NB . 32.62 1.82 -11.42
CAA CLA NB . 34.97 -0.92 -11.35
CBA CLA NB . 35.30 -1.65 -12.64
CGA CLA NB . 35.74 -0.66 -13.68
O1A CLA NB . 36.51 0.28 -13.56
O2A CLA NB . 35.16 -0.90 -14.89
NB CLA NB . 30.02 -0.72 -15.13
C1B CLA NB . 30.66 0.47 -15.09
C2B CLA NB . 30.16 1.35 -16.19
C3B CLA NB . 29.21 0.62 -16.87
C4B CLA NB . 29.10 -0.70 -16.21
CMB CLA NB . 30.68 2.70 -16.39
CAB CLA NB . 28.40 0.94 -18.02
CBB CLA NB . 28.04 2.17 -18.41
NC CLA NB . 29.02 -3.47 -14.96
C1C CLA NB . 28.25 -3.03 -16.00
C2C CLA NB . 27.37 -4.10 -16.46
C3C CLA NB . 27.66 -5.21 -15.68
C4C CLA NB . 28.69 -4.81 -14.74
CMC CLA NB . 26.41 -4.00 -17.55
CAC CLA NB . 27.05 -6.54 -15.78
CBC CLA NB . 27.92 -7.53 -16.53
ND CLA NB . 30.74 -3.93 -12.81
C1D CLA NB . 30.18 -5.23 -12.81
C2D CLA NB . 30.76 -6.01 -11.71
C3D CLA NB . 31.63 -5.17 -11.05
C4D CLA NB . 31.58 -3.88 -11.78
CMD CLA NB . 30.41 -7.40 -11.42
CAD CLA NB . 32.57 -5.01 -9.96
OBD CLA NB . 32.91 -5.81 -9.10
CBD CLA NB . 33.12 -3.55 -10.03
CGD CLA NB . 32.80 -2.78 -8.78
O1D CLA NB . 31.69 -2.39 -8.41
O2D CLA NB . 33.88 -2.50 -8.00
CED CLA NB . 33.69 -1.61 -6.91
C1 CLA NB . 35.00 0.24 -15.77
C2 CLA NB . 34.08 -0.20 -16.84
C3 CLA NB . 33.79 0.58 -17.90
C4 CLA NB . 34.35 1.95 -18.03
C5 CLA NB . 32.88 0.13 -18.97
C6 CLA NB . 33.56 0.09 -20.32
C7 CLA NB . 32.58 -0.32 -21.40
C8 CLA NB . 33.24 -1.19 -22.45
C9 CLA NB . 34.40 -0.47 -23.09
C10 CLA NB . 32.23 -1.61 -23.52
C11 CLA NB . 31.74 -3.02 -23.31
C12 CLA NB . 30.46 -3.29 -24.07
C13 CLA NB . 30.04 -4.75 -23.95
C14 CLA NB . 28.57 -4.92 -24.26
NB KC2 OB . 26.99 3.19 -23.02
ND KC2 OB . 26.60 7.02 -22.22
C1A KC2 OB . 29.37 6.23 -21.26
C1B KC2 OB . 28.07 2.45 -22.72
C1C KC2 OB . 24.22 4.00 -23.94
C1D KC2 OB . 25.53 7.83 -22.41
C2A KC2 OB . 30.67 5.76 -20.80
C2B KC2 OB . 27.87 1.10 -23.11
C2C KC2 OB . 22.93 4.35 -24.34
C2D KC2 OB . 25.86 9.10 -21.93
C3A KC2 OB . 30.72 4.42 -21.10
C3B KC2 OB . 26.63 1.03 -23.67
C3C KC2 OB . 22.76 5.67 -24.05
C3D KC2 OB . 27.15 9.06 -21.43
C4A KC2 OB . 29.51 4.07 -21.71
C4B KC2 OB . 26.10 2.36 -23.59
C4C KC2 OB . 24.01 6.13 -23.46
C4D KC2 OB . 27.59 7.74 -21.62
CAA KC2 OB . 31.74 6.52 -20.16
CAB KC2 OB . 25.97 -0.16 -24.22
CAC KC2 OB . 21.54 6.45 -24.30
CAD KC2 OB . 28.22 9.82 -20.79
CBA KC2 OB . 31.79 6.74 -18.82
CBB KC2 OB . 26.29 -0.63 -25.41
CBC KC2 OB . 20.97 7.12 -23.32
CBD KC2 OB . 29.34 8.81 -20.59
CED KC2 OB . 32.07 9.46 -23.11
CGA KC2 OB . 33.01 7.21 -18.28
CGD KC2 OB . 30.57 9.32 -21.28
CHA KC2 OB . 28.86 7.53 -21.19
CHB KC2 OB . 29.25 2.78 -22.13
CHC KC2 OB . 24.76 2.62 -24.10
CHD KC2 OB . 24.24 7.52 -23.01
CMA KC2 OB . 31.86 3.48 -20.81
CMB KC2 OB . 28.84 -0.04 -22.95
CMC KC2 OB . 21.91 3.44 -24.96
CMD KC2 OB . 24.95 10.32 -21.95
NA KC2 OB . 28.68 5.16 -21.82
NC KC2 OB . 24.89 5.07 -23.41
O1A KC2 OB . 34.04 6.95 -18.87
O1D KC2 OB . 31.27 10.13 -20.73
O2A KC2 OB . 32.99 8.27 -17.46
O2D KC2 OB . 30.81 9.02 -22.56
OBD KC2 OB . 28.11 10.87 -20.21
MG KC2 OB . 26.80 5.12 -22.66
MG CLA PB . 6.64 3.74 -21.96
CHA CLA PB . 3.91 4.27 -24.03
CHB CLA PB . 8.70 4.91 -24.41
CHC CLA PB . 9.32 3.25 -19.86
CHD CLA PB . 4.46 2.54 -19.46
NA CLA PB . 6.32 4.46 -23.89
C1A CLA PB . 5.12 4.61 -24.57
C2A CLA PB . 5.32 5.19 -25.97
C3A CLA PB . 6.86 5.30 -26.07
C4A CLA PB . 7.35 4.87 -24.70
CMA CLA PB . 7.40 4.39 -27.13
CAA CLA PB . 4.68 6.56 -26.08
CBA CLA PB . 5.25 7.56 -25.11
CGA CLA PB . 4.43 7.64 -23.86
O1A CLA PB . 3.24 7.92 -23.75
O2A CLA PB . 5.14 7.34 -22.74
NB CLA PB . 8.63 4.03 -22.10
C1B CLA PB . 9.28 4.52 -23.18
C2B CLA PB . 10.73 4.58 -22.92
C3B CLA PB . 10.93 4.11 -21.64
C4B CLA PB . 9.58 3.75 -21.10
CMB CLA PB . 11.71 5.06 -23.89
CAB CLA PB . 12.15 3.96 -20.90
CBB CLA PB . 12.39 4.45 -19.69
NC CLA PB . 6.84 3.01 -20.01
C1C CLA PB . 8.04 2.91 -19.35
C2C CLA PB . 7.80 2.38 -18.02
C3C CLA PB . 6.43 2.17 -17.89
C4C CLA PB . 5.83 2.58 -19.17
CMC CLA PB . 8.85 2.14 -17.02
CAC CLA PB . 5.71 1.64 -16.73
CBC CLA PB . 5.02 2.73 -15.94
ND CLA PB . 4.67 3.41 -21.73
C1D CLA PB . 3.90 2.93 -20.65
C2D CLA PB . 2.47 2.93 -21.03
C3D CLA PB . 2.41 3.42 -22.32
C4D CLA PB . 3.81 3.71 -22.71
CMD CLA PB . 1.39 2.48 -20.16
CAD CLA PB . 1.57 3.76 -23.45
OBD CLA PB . 0.36 3.68 -23.57
CBD CLA PB . 2.50 4.33 -24.56
CGD CLA PB . 2.38 3.56 -25.84
O1D CLA PB . 2.30 4.01 -26.99
O2D CLA PB . 2.35 2.21 -25.70
CED CLA PB . 2.95 1.43 -26.71
C1 CLA PB . 4.40 7.20 -21.51
C2 CLA PB . 5.39 6.88 -20.45
C3 CLA PB . 5.02 6.43 -19.24
C4 CLA PB . 3.60 6.25 -18.88
C5 CLA PB . 6.02 6.11 -18.18
C6 CLA PB . 7.39 6.70 -18.40
C7 CLA PB . 8.07 6.84 -17.06
C8 CLA PB . 9.55 7.16 -17.16
C9 CLA PB . 10.38 5.89 -17.15
C10 CLA PB . 9.97 8.08 -16.02
NB KC2 QB . 1.36 18.28 -22.94
ND KC2 QB . 2.92 15.42 -25.13
C1A KC2 QB . 0.78 16.73 -26.84
C1B KC2 QB . 0.40 19.14 -23.35
C1C KC2 QB . 3.47 16.93 -21.25
C1D KC2 QB . 3.93 14.56 -24.84
C2A KC2 QB . -0.25 17.43 -27.60
C2B KC2 QB . 0.06 20.04 -22.30
C2C KC2 QB . 4.46 16.34 -20.45
C2D KC2 QB . 4.13 13.72 -25.95
C3A KC2 QB . -0.70 18.43 -26.79
C3B KC2 QB . 0.85 19.72 -21.25
C3C KC2 QB . 5.05 15.36 -21.20
C3D KC2 QB . 3.22 14.09 -26.93
C4A KC2 QB . -0.01 18.35 -25.58
C4B KC2 QB . 1.66 18.61 -21.67
C4C KC2 QB . 4.39 15.38 -22.50
C4D KC2 QB . 2.48 15.15 -26.39
CAA KC2 QB . -0.67 17.12 -28.98
CAB KC2 QB . 0.87 20.39 -19.93
CAC KC2 QB . 6.15 14.49 -20.77
CAD KC2 QB . 2.73 13.82 -28.29
CBA KC2 QB . -1.96 17.01 -29.36
CBB KC2 QB . 1.86 21.21 -19.61
CBC KC2 QB . 7.33 14.50 -21.37
CBD KC2 QB . 1.70 14.90 -28.53
CED KC2 QB . 2.19 16.47 -31.89
CGA KC2 QB . -2.28 17.25 -30.71
CGD KC2 QB . 2.23 15.81 -29.61
CHA KC2 QB . 1.54 15.63 -27.24
CHB KC2 QB . -0.25 19.24 -24.54
CHC KC2 QB . 2.62 18.03 -20.75
CHD KC2 QB . 4.72 14.46 -23.61
CMA KC2 QB . -1.77 19.46 -27.09
CMB KC2 QB . -0.96 21.15 -22.37
CMC KC2 QB . 4.82 16.70 -19.04
CMD KC2 QB . 5.15 12.62 -26.05
NA KC2 QB . 0.90 17.32 -25.59
NC KC2 QB . 3.42 16.35 -22.47
O1A KC2 QB . -1.39 17.28 -31.53
O1D KC2 QB . 2.43 16.97 -29.36
O2A KC2 QB . -3.47 17.82 -31.01
O2D KC2 QB . 2.16 15.43 -30.89
OBD KC2 QB . 3.18 13.04 -29.09
MG KC2 QB . 2.16 16.84 -24.02
NB KC1 RB . 20.42 14.35 -20.35
ND KC1 RB . 22.07 10.92 -19.42
C1A KC1 RB . 24.10 13.06 -18.66
C1B KC1 RB . 20.93 15.55 -20.10
C1C KC1 RB . 18.56 12.22 -21.21
C1D KC1 RB . 21.52 9.69 -19.57
C2A KC1 RB . 24.99 14.15 -18.28
C2B KC1 RB . 20.07 16.56 -20.60
C2C KC1 RB . 17.61 11.18 -21.59
C2D KC1 RB . 22.49 8.76 -19.14
C3A KC1 RB . 24.30 15.32 -18.55
C3B KC1 RB . 19.01 15.90 -21.17
C3C KC1 RB . 18.15 10.00 -21.20
C3D KC1 RB . 23.62 9.47 -18.75
C4A KC1 RB . 23.06 14.97 -19.07
C4B KC1 RB . 19.26 14.51 -20.99
C4C KC1 RB . 19.42 10.30 -20.56
C4D KC1 RB . 23.32 10.82 -18.93
CAA KC1 RB . 26.35 14.05 -17.73
CAB KC1 RB . 17.83 16.49 -21.85
CAC KC1 RB . 17.53 8.64 -21.37
CAD KC1 RB . 24.98 9.38 -18.21
CBA KC1 RB . 26.69 14.62 -16.55
CBB KC1 RB . 17.97 17.16 -22.98
CBC KC1 RB . 17.76 8.13 -22.78
CBD KC1 RB . 25.42 10.82 -18.04
CED KC1 RB . 26.98 10.84 -14.62
CGA KC1 RB . 28.02 14.54 -16.11
CGD KC1 RB . 25.64 11.06 -16.57
CHA KC1 RB . 24.32 11.68 -18.59
CHB KC1 RB . 22.11 15.91 -19.46
CHC KC1 RB . 18.36 13.58 -21.46
CHD KC1 RB . 20.27 9.34 -20.03
CMA KC1 RB . 24.77 16.73 -18.34
CMB KC1 RB . 20.29 18.05 -20.53
CMC KC1 RB . 16.30 11.39 -22.29
CMD KC1 RB . 22.32 7.27 -19.13
NA KC1 RB . 22.92 13.61 -19.14
NC KC1 RB . 19.63 11.66 -20.59
O1A KC1 RB . 28.77 13.74 -16.62
O1D KC1 RB . 24.69 11.01 -15.83
O2A KC1 RB . 28.53 15.55 -15.38
O2D KC1 RB . 26.87 10.88 -16.06
OBD KC1 RB . 25.61 8.38 -17.94
MG KC1 RB . 21.25 12.64 -19.85
MG CLA SB . 17.09 3.82 -6.37
CHA CLA SB . 18.29 6.24 -4.19
CHB CLA SB . 17.76 1.43 -4.08
CHC CLA SB . 16.07 1.44 -8.64
CHD CLA SB . 16.41 6.35 -8.74
NA CLA SB . 17.88 3.87 -4.44
C1A CLA SB . 18.33 4.97 -3.69
C2A CLA SB . 18.88 4.51 -2.33
C3A CLA SB . 18.52 3.01 -2.28
C4A CLA SB . 18.04 2.72 -3.70
CMA CLA SB . 19.69 2.14 -1.91
CAA CLA SB . 18.37 5.25 -1.11
CBA CLA SB . 19.53 5.90 -0.39
CGA CLA SB . 19.19 6.22 1.03
O1A CLA SB . 19.19 5.47 2.00
O2A CLA SB . 18.83 7.53 1.22
NB CLA SB . 17.02 1.82 -6.39
C1B CLA SB . 17.27 1.02 -5.32
C2B CLA SB . 16.88 -0.38 -5.63
C3B CLA SB . 16.41 -0.39 -6.91
C4B CLA SB . 16.48 1.02 -7.42
CMB CLA SB . 17.01 -1.46 -4.65
CAB CLA SB . 15.89 -1.47 -7.71
CBB CLA SB . 16.48 -2.65 -7.90
NC CLA SB . 16.35 3.90 -8.32
C1C CLA SB . 16.00 2.80 -9.06
C2C CLA SB . 15.55 3.21 -10.39
C3C CLA SB . 15.63 4.60 -10.42
C4C CLA SB . 16.15 5.02 -9.12
CMC CLA SB . 15.09 2.31 -11.44
CAC CLA SB . 15.30 5.49 -11.54
CBC CLA SB . 13.94 6.14 -11.39
ND CLA SB . 17.15 5.84 -6.46
C1D CLA SB . 16.89 6.74 -7.51
C2D CLA SB . 17.20 8.11 -7.06
C3D CLA SB . 17.73 7.99 -5.79
C4D CLA SB . 17.71 6.55 -5.47
CMD CLA SB . 17.00 9.31 -7.87
CAD CLA SB . 18.27 8.67 -4.64
OBD CLA SB . 18.39 9.87 -4.44
CBD CLA SB . 18.71 7.58 -3.62
CGD CLA SB . 20.20 7.61 -3.36
O1D CLA SB . 20.79 8.22 -2.46
O2D CLA SB . 20.92 6.87 -4.22
CED CLA SB . 22.35 6.83 -4.03
C1 CLA SB . 19.89 8.49 1.43
C2 CLA SB . 19.23 9.79 1.70
NB KC1 TB . 13.57 -6.82 -10.12
ND KC1 TB . 16.20 -8.74 -7.96
C1A KC1 TB . 15.15 -6.49 -6.20
C1B KC1 TB . 12.85 -5.76 -9.72
C1C KC1 TB . 14.59 -9.04 -11.78
C1D KC1 TB . 16.91 -9.83 -8.31
C2A KC1 TB . 14.60 -5.40 -5.40
C2B KC1 TB . 11.96 -5.36 -10.75
C2C KC1 TB . 15.11 -10.13 -12.59
C2D KC1 TB . 17.69 -10.21 -7.20
C3A KC1 TB . 13.69 -4.76 -6.23
C3B KC1 TB . 12.17 -6.22 -11.80
C3C KC1 TB . 16.02 -10.78 -11.84
C3D KC1 TB . 17.42 -9.30 -6.18
C4A KC1 TB . 13.68 -5.42 -7.46
C4B KC1 TB . 13.19 -7.14 -11.36
C4C KC1 TB . 16.09 -10.10 -10.56
C4D KC1 TB . 16.49 -8.41 -6.69
CAA KC1 TB . 14.98 -5.09 -4.02
CAB KC1 TB . 11.49 -6.25 -13.11
CAC KC1 TB . 16.81 -11.99 -12.25
CAD KC1 TB . 17.72 -8.92 -4.79
CBA KC1 TB . 14.12 -4.78 -3.04
CBB KC1 TB . 11.62 -5.28 -14.00
CBC KC1 TB . 18.14 -11.52 -12.85
CBD KC1 TB . 16.73 -7.79 -4.50
CED KC1 TB . 13.73 -9.51 -2.97
CGA KC1 TB . 14.63 -4.23 -1.85
CGD KC1 TB . 15.70 -8.29 -3.53
CHA KC1 TB . 16.11 -7.44 -5.81
CHB KC1 TB . 12.88 -5.06 -8.53
CHC KC1 TB . 13.62 -8.13 -12.20
CHD KC1 TB . 16.94 -10.50 -9.51
CMA KC1 TB . 12.84 -3.56 -5.90
CMB KC1 TB . 10.98 -4.22 -10.71
CMC KC1 TB . 14.68 -10.47 -13.99
CMD KC1 TB . 18.64 -11.37 -7.14
NA KC1 TB . 14.57 -6.49 -7.46
NC KC1 TB . 15.22 -9.04 -10.57
O1A KC1 TB . 14.05 -3.32 -1.29
O1D KC1 TB . 15.90 -8.21 -2.34
O2A KC1 TB . 15.65 -4.85 -1.22
O2D KC1 TB . 14.62 -8.94 -3.98
OBD KC1 TB . 18.34 -9.55 -3.97
MG KC1 TB . 14.91 -7.74 -9.03
MG CLA UB . 19.69 -13.11 -25.69
CHA CLA UB . 18.28 -15.04 -28.20
CHB CLA UB . 17.63 -14.58 -23.41
CHC CLA UB . 21.12 -11.20 -23.25
CHD CLA UB . 21.78 -11.58 -28.10
NA CLA UB . 18.20 -14.57 -25.81
C1A CLA UB . 17.77 -15.27 -26.95
C2A CLA UB . 16.66 -16.25 -26.60
C3A CLA UB . 16.43 -16.03 -25.09
C4A CLA UB . 17.50 -15.00 -24.72
CMA CLA UB . 15.05 -15.52 -24.81
CAA CLA UB . 17.09 -17.68 -26.87
CBA CLA UB . 18.06 -18.20 -25.82
CGA CLA UB . 19.32 -18.65 -26.48
O1A CLA UB . 20.05 -18.04 -27.25
O2A CLA UB . 19.68 -19.92 -26.12
NB CLA UB . 19.41 -12.90 -23.71
C1B CLA UB . 18.56 -13.63 -22.95
C2B CLA UB . 18.72 -13.27 -21.52
C3B CLA UB . 19.71 -12.31 -21.46
C4B CLA UB . 20.16 -12.07 -22.86
CMB CLA UB . 17.93 -13.88 -20.45
CAB CLA UB . 20.25 -11.65 -20.30
CBB CLA UB . 20.42 -10.33 -20.17
NC CLA UB . 21.19 -11.66 -25.68
C1C CLA UB . 21.62 -11.01 -24.56
C2C CLA UB . 22.66 -10.05 -24.92
C3C CLA UB . 22.85 -10.15 -26.29
C4C CLA UB . 21.91 -11.17 -26.77
CMC CLA UB . 23.35 -9.17 -23.97
CAC CLA UB . 23.78 -9.36 -27.12
CBC CLA UB . 25.20 -9.86 -27.07
ND CLA UB . 20.04 -13.25 -27.67
C1D CLA UB . 20.91 -12.55 -28.54
C2D CLA UB . 20.71 -13.04 -29.92
C3D CLA UB . 19.71 -13.99 -29.85
C4D CLA UB . 19.33 -14.08 -28.43
CMD CLA UB . 21.45 -12.56 -31.08
CAD CLA UB . 18.90 -14.95 -30.59
OBD CLA UB . 18.90 -15.22 -31.77
CBD CLA UB . 17.94 -15.62 -29.55
CGD CLA UB . 16.50 -15.36 -29.88
O1D CLA UB . 15.85 -14.34 -29.70
O2D CLA UB . 15.86 -16.44 -30.43
CED CLA UB . 15.41 -16.31 -31.78
C1 CLA UB . 20.94 -20.06 -25.42
MG CLA VB . 16.71 4.77 -32.26
CHA CLA VB . 17.41 2.66 -34.92
CHB CLA VB . 17.96 2.47 -30.10
CHC CLA VB . 16.09 6.96 -29.68
CHD CLA VB . 15.43 7.15 -34.57
NA CLA VB . 17.52 2.86 -32.50
C1A CLA VB . 17.73 2.16 -33.69
C2A CLA VB . 18.36 0.79 -33.40
C3A CLA VB . 18.38 0.71 -31.86
C4A CLA VB . 17.94 2.11 -31.43
CMA CLA VB . 17.48 -0.37 -31.33
CAA CLA VB . 19.76 0.69 -33.97
CBA CLA VB . 20.58 1.92 -33.64
CGA CLA VB . 21.97 1.78 -34.19
O1A CLA VB . 22.32 1.70 -35.37
O2A CLA VB . 22.93 1.72 -33.22
NB CLA VB . 16.90 4.68 -30.26
C1B CLA VB . 17.57 3.72 -29.59
C2B CLA VB . 17.85 4.16 -28.20
C3B CLA VB . 17.33 5.43 -28.07
C4B CLA VB . 16.71 5.78 -29.38
CMB CLA VB . 18.57 3.35 -27.21
CAB CLA VB . 17.33 6.31 -26.93
CBB CLA VB . 16.24 6.79 -26.32
NC CLA VB . 15.87 6.68 -32.15
C1C CLA VB . 15.69 7.38 -30.99
C2C CLA VB . 15.05 8.66 -31.27
C3C CLA VB . 14.91 8.74 -32.66
C4C CLA VB . 15.42 7.48 -33.20
CMC CLA VB . 14.71 9.67 -30.26
CAC CLA VB . 14.31 9.85 -33.42
CBC CLA VB . 12.89 9.56 -33.85
ND CLA VB . 16.47 4.94 -34.26
C1D CLA VB . 15.92 5.97 -35.08
C2D CLA VB . 15.98 5.53 -36.49
C3D CLA VB . 16.56 4.28 -36.49
C4D CLA VB . 16.83 3.96 -35.08
CMD CLA VB . 15.51 6.34 -37.63
CAD CLA VB . 17.00 3.15 -37.30
OBD CLA VB . 16.97 3.00 -38.52
CBD CLA VB . 17.53 2.07 -36.31
CGD CLA VB . 16.79 0.77 -36.42
O1D CLA VB . 15.57 0.59 -36.35
O2D CLA VB . 17.60 -0.32 -36.61
CED CLA VB . 17.07 -1.41 -37.36
C1 CLA VB . 23.07 2.90 -32.40
C1B LMT WB . 12.15 2.05 5.67
C2B LMT WB . 13.53 1.82 5.03
C3B LMT WB . 14.60 2.68 5.71
C4B LMT WB . 14.53 2.63 7.26
C5B LMT WB . 13.06 2.73 7.73
C6B LMT WB . 12.56 4.18 7.64
O1B LMT WB . 11.22 1.17 5.12
O2B LMT WB . 13.82 0.48 5.16
O3B LMT WB . 14.60 3.96 5.21
O4' LMT WB . 15.08 1.47 7.75
O5B LMT WB . 12.19 1.85 7.05
O6B LMT WB . 11.23 4.24 7.96
C1' LMT WB . 8.77 0.69 1.80
C2' LMT WB . 10.22 0.17 1.64
C3' LMT WB . 10.97 0.11 3.00
C4' LMT WB . 10.77 1.40 3.80
C5' LMT WB . 9.25 1.61 3.84
C6' LMT WB . 8.76 2.67 4.79
O1' LMT WB . 8.25 1.00 0.59
O2' LMT WB . 10.15 -1.11 1.14
O3' LMT WB . 12.29 -0.12 2.80
O5' LMT WB . 8.78 1.88 2.55
O6' LMT WB . 8.93 2.16 6.04
C1 LMT WB . 6.93 0.57 0.36
C2 LMT WB . 6.95 0.05 -1.05
C3 LMT WB . 5.69 -0.57 -1.55
C4 LMT WB . 6.06 -1.35 -2.79
C5 LMT WB . 4.86 -2.05 -3.33
C1B LMT XB . 35.22 15.35 -16.66
C2B LMT XB . 36.17 14.17 -16.43
C3B LMT XB . 35.87 13.48 -15.08
C4B LMT XB . 35.79 14.51 -13.94
C5B LMT XB . 34.80 15.59 -14.37
C6B LMT XB . 34.64 16.62 -13.26
O1B LMT XB . 33.95 14.87 -16.92
O2B LMT XB . 35.97 13.30 -17.46
O3B LMT XB . 36.77 12.47 -14.82
O4' LMT XB . 35.34 13.92 -12.78
O5B LMT XB . 35.20 16.22 -15.56
O6B LMT XB . 34.69 16.00 -12.03
C1' LMT XB . 30.79 15.06 -19.51
C2' LMT XB . 32.13 14.69 -20.18
C3' LMT XB . 33.17 14.32 -19.10
C4' LMT XB . 33.25 15.41 -18.02
C5' LMT XB . 31.80 15.68 -17.57
C6' LMT XB . 31.68 16.61 -16.40
O1' LMT XB . 29.87 15.48 -20.43
O2' LMT XB . 31.94 13.59 -21.00
O3' LMT XB . 34.40 14.14 -19.66
O5' LMT XB . 31.03 16.14 -18.64
O6' LMT XB . 32.66 17.56 -16.59
C1 LMT XB . 28.95 14.50 -20.85
C2 LMT XB . 27.64 15.21 -20.98
C3 LMT XB . 26.63 14.57 -21.87
C4 LMT XB . 25.42 15.45 -21.87
C5 LMT XB . 24.49 15.09 -22.99
C6 LMT XB . 23.63 13.92 -22.64
C7 LMT XB . 22.47 13.85 -23.60
C8 LMT XB . 21.88 12.49 -23.53
C9 LMT XB . 20.68 12.31 -24.40
#